data_6K8U
#
_entry.id   6K8U
#
_cell.length_a   110.857
_cell.length_b   116.691
_cell.length_c   134.429
_cell.angle_alpha   90.000
_cell.angle_beta   90.000
_cell.angle_gamma   90.000
#
_symmetry.space_group_name_H-M   'P 21 21 21'
#
loop_
_entity.id
_entity.type
_entity.pdbx_description
1 polymer 'NAD-dependent epimerase/dehydratase:Short-chain dehydrogenase/reductase SDR'
2 non-polymer 'NADP NICOTINAMIDE-ADENINE-DINUCLEOTIDE PHOSPHATE'
3 non-polymer GLYCEROL
4 non-polymer 'SULFATE ION'
5 water water
#
_entity_poly.entity_id   1
_entity_poly.type   'polypeptide(L)'
_entity_poly.pdbx_seq_one_letter_code
;MGSSHHHHHHSSGLVPRGSHMGEATGARKAMPGFSENITGLHLGKVALITGGSAGIGGQVARLLALAGGKVMMVARRESE
LAVARARIVSELEDIGFAGVERRVQTLANVDVSNFESLKGAVDATLKAFGRIDYLINNAGVAGAEDMVVDMGVDAWDYTL
DANLVSNYFLMHHVAPLMKAQGSGYILNVSSYFGGEKYLAVAYPNRADYAVSKAGQRAMVESMARYLGPEVQFNAIAPGP
VDGDRLSGTGGKPGLFERRGKLILENKRLNAVHAAAIKAIRRGVRVEAVLARLARNDTVKMSHDTNNPRELRELALACAR
EGDGTCTWDQYLLTPQIAAALVSRLRQAGLFLDAPEWSERPVTEDGDWLLRVPPEDAPFLPADKIAAEAKKVGGGVLSKL
YLGKMPTEHDVAQATVFFLADRAVSGETFMPSGGLSVERSTTERELFGSPKQERLDQMRGKTVWIIGEHLVDYLAETARA
FIEDCHAANVVLITRTAEGFDAVEAQLDEDVAQSLTSLVVSSDIEAAMDEALSQWGRPTTILSTPFTALPGKLFEAQDPL
TPDEFREVVADNLTHHFRVSRRASLYDDCQLVLTSPDVAMGDKSPAFALANFIKTTLHAFTATLAVENERLVHDVPVNQI
NLTRRVQSEEPRDLDEHLEEVRRFARAVLLVGAPLPDAEDSRYRARIYRGMSMTV
;
_entity_poly.pdbx_strand_id   A,B
#
loop_
_chem_comp.id
_chem_comp.type
_chem_comp.name
_chem_comp.formula
GOL non-polymer GLYCEROL 'C3 H8 O3'
NAP non-polymer 'NADP NICOTINAMIDE-ADENINE-DINUCLEOTIDE PHOSPHATE' 'C21 H28 N7 O17 P3'
SO4 non-polymer 'SULFATE ION' 'O4 S -2'
#
# COMPACT_ATOMS: atom_id res chain seq x y z
N PHE A 34 38.68 16.96 -2.19
CA PHE A 34 38.56 15.49 -2.40
C PHE A 34 37.54 14.89 -1.43
N SER A 35 37.76 15.08 -0.13
CA SER A 35 36.83 14.57 0.90
C SER A 35 35.46 15.26 0.82
N GLU A 36 35.42 16.51 0.39
CA GLU A 36 34.17 17.32 0.31
C GLU A 36 33.64 17.46 -1.12
N ASN A 37 34.22 16.80 -2.11
CA ASN A 37 33.73 17.07 -3.48
C ASN A 37 32.51 16.21 -3.87
N ILE A 38 31.32 16.79 -3.88
CA ILE A 38 30.13 16.09 -4.44
C ILE A 38 29.47 16.97 -5.53
N THR A 39 30.27 17.78 -6.24
CA THR A 39 29.79 18.68 -7.31
C THR A 39 29.22 17.89 -8.49
N GLY A 40 29.61 16.61 -8.62
CA GLY A 40 29.09 15.77 -9.71
C GLY A 40 27.58 15.60 -9.64
N LEU A 41 27.00 15.62 -8.44
CA LEU A 41 25.54 15.47 -8.26
C LEU A 41 24.76 16.60 -8.93
N HIS A 42 25.07 17.89 -8.68
CA HIS A 42 24.17 18.98 -9.20
C HIS A 42 24.84 20.15 -9.93
N LEU A 43 26.02 19.97 -10.52
CA LEU A 43 26.77 21.10 -11.12
C LEU A 43 25.89 21.77 -12.17
N GLY A 44 25.62 23.06 -12.00
CA GLY A 44 24.91 23.85 -13.01
C GLY A 44 23.40 23.70 -12.94
N LYS A 45 22.83 22.80 -12.13
CA LYS A 45 21.36 22.68 -12.05
C LYS A 45 20.81 23.84 -11.23
N VAL A 46 19.71 24.43 -11.69
CA VAL A 46 19.02 25.58 -11.10
C VAL A 46 17.79 25.13 -10.31
N ALA A 47 17.74 25.47 -9.02
CA ALA A 47 16.63 25.14 -8.14
C ALA A 47 15.92 26.42 -7.66
N LEU A 48 14.60 26.37 -7.64
CA LEU A 48 13.73 27.33 -6.92
C LEU A 48 13.18 26.65 -5.68
N ILE A 49 13.44 27.22 -4.51
CA ILE A 49 13.10 26.62 -3.19
C ILE A 49 12.22 27.62 -2.44
N THR A 50 10.98 27.25 -2.15
CA THR A 50 10.04 28.05 -1.33
C THR A 50 10.37 27.79 0.13
N GLY A 51 10.23 28.82 0.96
CA GLY A 51 10.67 28.73 2.36
C GLY A 51 12.16 28.41 2.43
N GLY A 52 12.94 29.03 1.55
CA GLY A 52 14.38 28.68 1.40
C GLY A 52 15.30 29.36 2.42
N SER A 53 14.82 30.06 3.45
CA SER A 53 15.72 30.87 4.31
C SER A 53 15.99 30.20 5.65
N ALA A 54 15.27 29.16 6.04
CA ALA A 54 15.43 28.50 7.34
C ALA A 54 14.89 27.07 7.25
N GLY A 55 15.07 26.28 8.32
CA GLY A 55 14.55 24.90 8.39
C GLY A 55 15.11 24.05 7.28
N ILE A 56 14.34 23.06 6.87
CA ILE A 56 14.70 22.10 5.81
C ILE A 56 15.02 22.88 4.53
N GLY A 57 14.20 23.85 4.15
CA GLY A 57 14.40 24.56 2.89
C GLY A 57 15.76 25.24 2.80
N GLY A 58 16.14 25.92 3.86
CA GLY A 58 17.46 26.58 3.99
C GLY A 58 18.60 25.58 3.90
N GLN A 59 18.44 24.37 4.45
CA GLN A 59 19.52 23.35 4.42
C GLN A 59 19.55 22.73 3.03
N VAL A 60 18.41 22.62 2.37
CA VAL A 60 18.34 22.14 0.95
C VAL A 60 19.09 23.12 0.05
N ALA A 61 18.82 24.43 0.16
CA ALA A 61 19.49 25.50 -0.61
C ALA A 61 21.00 25.41 -0.39
N ARG A 62 21.44 25.25 0.86
CA ARG A 62 22.87 25.16 1.23
C ARG A 62 23.53 23.95 0.55
N LEU A 63 22.95 22.76 0.67
CA LEU A 63 23.57 21.51 0.20
C LEU A 63 23.49 21.43 -1.31
N LEU A 64 22.46 21.96 -1.96
CA LEU A 64 22.41 22.02 -3.43
C LEU A 64 23.55 22.93 -3.92
N ALA A 65 23.76 24.09 -3.29
CA ALA A 65 24.87 25.01 -3.67
C ALA A 65 26.23 24.32 -3.52
N LEU A 66 26.45 23.61 -2.44
CA LEU A 66 27.73 22.90 -2.14
C LEU A 66 27.91 21.75 -3.14
N ALA A 67 26.83 21.26 -3.76
CA ALA A 67 26.85 20.17 -4.76
C ALA A 67 26.89 20.75 -6.17
N GLY A 68 27.09 22.06 -6.29
CA GLY A 68 27.39 22.77 -7.55
C GLY A 68 26.16 23.42 -8.16
N GLY A 69 25.03 23.36 -7.46
CA GLY A 69 23.72 23.85 -7.95
C GLY A 69 23.66 25.36 -7.85
N LYS A 70 22.82 25.96 -8.66
CA LYS A 70 22.47 27.40 -8.50
C LYS A 70 21.09 27.46 -7.85
N VAL A 71 20.89 28.35 -6.88
CA VAL A 71 19.63 28.34 -6.11
C VAL A 71 19.05 29.74 -6.08
N MET A 72 17.73 29.76 -6.20
CA MET A 72 16.86 30.94 -5.96
C MET A 72 16.05 30.57 -4.71
N MET A 73 16.44 31.13 -3.58
CA MET A 73 15.75 30.93 -2.30
C MET A 73 14.69 32.00 -2.16
N VAL A 74 13.45 31.61 -1.86
CA VAL A 74 12.37 32.61 -1.67
C VAL A 74 11.65 32.40 -0.34
N ALA A 75 11.13 33.50 0.22
CA ALA A 75 10.50 33.52 1.55
C ALA A 75 9.96 34.93 1.80
N ARG A 76 9.35 35.16 2.95
CA ARG A 76 8.74 36.50 3.26
C ARG A 76 9.87 37.47 3.66
N ARG A 77 10.67 37.18 4.69
CA ARG A 77 11.60 38.19 5.28
C ARG A 77 12.92 38.35 4.51
N GLU A 78 13.19 39.58 4.06
CA GLU A 78 14.46 39.91 3.36
C GLU A 78 15.63 39.61 4.30
N SER A 79 15.50 39.94 5.58
CA SER A 79 16.63 39.89 6.55
C SER A 79 17.11 38.44 6.73
N GLU A 80 16.18 37.49 6.90
CA GLU A 80 16.54 36.06 7.07
C GLU A 80 17.13 35.51 5.77
N LEU A 81 16.54 35.85 4.63
CA LEU A 81 17.07 35.45 3.31
C LEU A 81 18.53 35.92 3.19
N ALA A 82 18.87 37.14 3.61
CA ALA A 82 20.23 37.68 3.37
C ALA A 82 21.24 36.92 4.22
N VAL A 83 20.88 36.57 5.45
CA VAL A 83 21.76 35.81 6.38
C VAL A 83 21.99 34.42 5.76
N ALA A 84 20.91 33.76 5.31
CA ALA A 84 21.01 32.39 4.80
C ALA A 84 21.90 32.43 3.57
N ARG A 85 21.67 33.39 2.69
CA ARG A 85 22.44 33.52 1.44
C ARG A 85 23.91 33.82 1.77
N ALA A 86 24.16 34.69 2.74
CA ALA A 86 25.54 35.07 3.13
C ALA A 86 26.31 33.84 3.64
N ARG A 87 25.66 33.05 4.50
CA ARG A 87 26.31 31.86 5.07
C ARG A 87 26.65 30.85 3.96
N ILE A 88 25.73 30.63 3.02
CA ILE A 88 26.00 29.65 1.93
C ILE A 88 27.17 30.15 1.08
N VAL A 89 27.12 31.41 0.69
CA VAL A 89 28.15 32.06 -0.17
C VAL A 89 29.51 32.01 0.52
N SER A 90 29.57 32.33 1.80
CA SER A 90 30.80 32.21 2.63
C SER A 90 31.32 30.76 2.62
N GLU A 91 30.45 29.78 2.82
CA GLU A 91 30.85 28.35 2.89
C GLU A 91 31.29 27.87 1.49
N LEU A 92 30.71 28.40 0.39
CA LEU A 92 31.14 28.08 -0.99
C LEU A 92 32.60 28.55 -1.14
N GLU A 93 32.84 29.86 -0.94
CA GLU A 93 34.17 30.50 -1.11
C GLU A 93 35.26 29.69 -0.40
N ASP A 94 35.01 29.21 0.83
CA ASP A 94 35.93 28.35 1.61
C ASP A 94 36.31 27.10 0.80
N ILE A 95 35.35 26.20 0.56
CA ILE A 95 35.60 24.93 -0.18
C ILE A 95 35.94 25.22 -1.66
N GLY A 96 36.02 26.48 -2.07
CA GLY A 96 36.87 26.90 -3.20
C GLY A 96 36.12 27.15 -4.50
N PHE A 97 34.83 27.43 -4.46
CA PHE A 97 34.10 27.83 -5.70
C PHE A 97 34.59 29.22 -6.11
N ALA A 98 34.37 29.58 -7.39
CA ALA A 98 34.55 30.92 -7.97
C ALA A 98 33.21 31.37 -8.56
N GLY A 99 33.06 32.65 -8.91
CA GLY A 99 31.79 33.24 -9.40
C GLY A 99 30.65 32.98 -8.41
N VAL A 100 30.96 33.01 -7.11
CA VAL A 100 30.15 32.45 -5.99
C VAL A 100 28.89 33.28 -5.71
N GLU A 101 28.95 34.61 -5.69
CA GLU A 101 27.78 35.45 -5.28
C GLU A 101 26.64 35.25 -6.28
N ARG A 102 26.96 34.98 -7.55
CA ARG A 102 26.00 34.82 -8.66
C ARG A 102 25.28 33.44 -8.59
N ARG A 103 25.71 32.53 -7.74
CA ARG A 103 25.24 31.13 -7.75
C ARG A 103 24.05 31.02 -6.81
N VAL A 104 23.96 31.91 -5.83
CA VAL A 104 22.92 31.88 -4.76
C VAL A 104 22.19 33.22 -4.76
N GLN A 105 20.91 33.22 -5.10
CA GLN A 105 20.10 34.45 -5.20
C GLN A 105 18.87 34.29 -4.31
N THR A 106 18.21 35.41 -4.03
CA THR A 106 17.05 35.46 -3.11
C THR A 106 15.96 36.34 -3.68
N LEU A 107 14.73 36.07 -3.25
CA LEU A 107 13.61 37.00 -3.50
C LEU A 107 12.74 36.97 -2.25
N ALA A 108 12.59 38.16 -1.65
CA ALA A 108 11.80 38.38 -0.43
C ALA A 108 10.35 38.73 -0.77
N ASN A 109 9.51 38.78 0.26
CA ASN A 109 8.07 39.08 0.13
C ASN A 109 7.36 37.99 -0.71
N VAL A 110 7.86 36.75 -0.72
CA VAL A 110 7.21 35.64 -1.47
C VAL A 110 6.52 34.79 -0.41
N ASP A 111 5.19 34.83 -0.47
CA ASP A 111 4.27 34.20 0.49
C ASP A 111 3.44 33.15 -0.30
N VAL A 112 3.45 31.88 0.14
CA VAL A 112 2.70 30.79 -0.57
C VAL A 112 1.19 31.04 -0.50
N SER A 113 0.68 31.88 0.38
CA SER A 113 -0.76 32.26 0.38
C SER A 113 -1.03 33.43 -0.59
N ASN A 114 0.00 34.04 -1.20
CA ASN A 114 -0.11 35.10 -2.23
C ASN A 114 0.37 34.61 -3.60
N PHE A 115 -0.53 34.18 -4.47
CA PHE A 115 -0.12 33.52 -5.73
C PHE A 115 0.64 34.47 -6.66
N GLU A 116 0.33 35.77 -6.70
CA GLU A 116 1.12 36.74 -7.52
C GLU A 116 2.60 36.73 -7.13
N SER A 117 2.90 36.67 -5.83
CA SER A 117 4.29 36.65 -5.33
C SER A 117 5.00 35.37 -5.80
N LEU A 118 4.26 34.27 -6.01
CA LEU A 118 4.88 33.00 -6.47
C LEU A 118 5.27 33.14 -7.93
N LYS A 119 4.42 33.75 -8.74
CA LYS A 119 4.71 34.01 -10.17
C LYS A 119 5.98 34.87 -10.25
N GLY A 120 6.10 35.88 -9.38
CA GLY A 120 7.34 36.66 -9.27
C GLY A 120 8.58 35.79 -9.05
N ALA A 121 8.49 34.75 -8.20
CA ALA A 121 9.63 33.89 -7.84
C ALA A 121 10.10 33.13 -9.07
N VAL A 122 9.18 32.66 -9.88
CA VAL A 122 9.51 31.94 -11.13
C VAL A 122 10.20 32.93 -12.07
N ASP A 123 9.65 34.14 -12.25
CA ASP A 123 10.22 35.15 -13.19
C ASP A 123 11.64 35.51 -12.73
N ALA A 124 11.86 35.62 -11.43
CA ALA A 124 13.17 36.01 -10.85
C ALA A 124 14.20 34.89 -11.07
N THR A 125 13.77 33.61 -11.03
CA THR A 125 14.66 32.45 -11.23
C THR A 125 15.10 32.50 -12.70
N LEU A 126 14.18 32.75 -13.63
CA LEU A 126 14.47 32.78 -15.08
C LEU A 126 15.37 33.98 -15.40
N LYS A 127 15.13 35.12 -14.79
CA LYS A 127 15.97 36.33 -14.96
C LYS A 127 17.39 36.04 -14.47
N ALA A 128 17.58 35.48 -13.28
CA ALA A 128 18.89 35.22 -12.66
C ALA A 128 19.64 34.12 -13.43
N PHE A 129 18.99 33.04 -13.84
CA PHE A 129 19.72 31.79 -14.24
C PHE A 129 19.34 31.29 -15.62
N GLY A 130 18.28 31.81 -16.23
CA GLY A 130 17.94 31.49 -17.62
C GLY A 130 17.13 30.21 -17.76
N ARG A 131 16.89 29.48 -16.67
CA ARG A 131 16.13 28.21 -16.72
C ARG A 131 15.74 27.81 -15.30
N ILE A 132 14.88 26.80 -15.19
CA ILE A 132 14.65 26.15 -13.88
C ILE A 132 14.71 24.63 -14.10
N ASP A 133 15.56 23.95 -13.35
CA ASP A 133 15.70 22.49 -13.40
C ASP A 133 14.83 21.85 -12.31
N TYR A 134 14.93 22.34 -11.08
CA TYR A 134 14.27 21.77 -9.87
C TYR A 134 13.33 22.79 -9.23
N LEU A 135 12.11 22.36 -8.94
CA LEU A 135 11.17 23.13 -8.10
C LEU A 135 11.02 22.36 -6.81
N ILE A 136 11.37 22.99 -5.69
CA ILE A 136 11.22 22.37 -4.34
C ILE A 136 10.09 23.11 -3.64
N ASN A 137 8.94 22.49 -3.57
CA ASN A 137 7.73 23.02 -2.90
C ASN A 137 7.85 22.74 -1.40
N ASN A 138 8.47 23.63 -0.67
CA ASN A 138 8.89 23.36 0.72
C ASN A 138 8.06 24.19 1.71
N ALA A 139 7.71 25.41 1.39
CA ALA A 139 7.01 26.28 2.37
C ALA A 139 5.70 25.61 2.77
N GLY A 140 5.33 25.70 4.04
CA GLY A 140 4.01 25.26 4.51
C GLY A 140 3.63 25.93 5.80
N VAL A 141 2.35 25.91 6.14
CA VAL A 141 1.86 26.45 7.43
C VAL A 141 1.29 25.29 8.24
N ALA A 142 1.17 25.51 9.55
CA ALA A 142 0.71 24.51 10.52
C ALA A 142 -0.81 24.36 10.39
N GLY A 143 -1.47 25.46 10.00
CA GLY A 143 -2.93 25.48 9.80
C GLY A 143 -3.69 25.80 11.08
N ALA A 144 -4.94 25.39 11.18
CA ALA A 144 -5.92 25.88 12.19
C ALA A 144 -5.66 25.29 13.58
N GLU A 145 -5.15 24.04 13.68
CA GLU A 145 -4.92 23.40 15.00
C GLU A 145 -6.21 23.42 15.83
N ASP A 146 -7.30 22.91 15.25
CA ASP A 146 -8.66 22.85 15.84
C ASP A 146 -9.27 21.50 15.43
N MET A 147 -10.15 20.95 16.24
CA MET A 147 -11.01 19.84 15.79
C MET A 147 -11.87 20.32 14.63
N VAL A 148 -12.20 19.43 13.70
CA VAL A 148 -13.10 19.75 12.57
C VAL A 148 -14.35 20.51 13.07
N VAL A 149 -15.00 20.06 14.14
CA VAL A 149 -16.28 20.67 14.59
C VAL A 149 -16.03 22.09 15.13
N ASP A 150 -14.78 22.51 15.38
CA ASP A 150 -14.49 23.86 15.90
C ASP A 150 -13.82 24.74 14.81
N MET A 151 -13.37 24.16 13.70
CA MET A 151 -12.52 24.84 12.70
C MET A 151 -13.37 25.77 11.81
N GLY A 152 -12.91 26.99 11.59
CA GLY A 152 -13.52 27.92 10.62
C GLY A 152 -13.21 27.51 9.19
N VAL A 153 -14.12 27.81 8.26
CA VAL A 153 -13.93 27.60 6.81
C VAL A 153 -12.77 28.46 6.30
N ASP A 154 -12.62 29.71 6.76
CA ASP A 154 -11.50 30.58 6.30
C ASP A 154 -10.16 29.99 6.77
N ALA A 155 -10.07 29.41 7.97
CA ALA A 155 -8.85 28.75 8.50
C ALA A 155 -8.49 27.54 7.61
N TRP A 156 -9.47 26.69 7.34
CA TRP A 156 -9.31 25.51 6.46
C TRP A 156 -8.79 25.97 5.09
N ASP A 157 -9.43 26.98 4.51
CA ASP A 157 -9.11 27.47 3.14
C ASP A 157 -7.70 28.02 3.10
N TYR A 158 -7.28 28.74 4.15
CA TYR A 158 -5.91 29.30 4.26
C TYR A 158 -4.89 28.15 4.17
N THR A 159 -5.13 27.07 4.94
CA THR A 159 -4.21 25.91 5.00
C THR A 159 -4.12 25.27 3.61
N LEU A 160 -5.25 24.96 3.02
CA LEU A 160 -5.23 24.26 1.72
C LEU A 160 -4.59 25.16 0.64
N ASP A 161 -4.85 26.46 0.67
CA ASP A 161 -4.26 27.37 -0.35
C ASP A 161 -2.74 27.42 -0.17
N ALA A 162 -2.24 27.55 1.06
CA ALA A 162 -0.81 27.77 1.34
C ALA A 162 0.01 26.50 1.09
N ASN A 163 -0.55 25.35 1.46
CA ASN A 163 0.22 24.08 1.52
C ASN A 163 0.02 23.25 0.25
N LEU A 164 -1.11 23.36 -0.44
CA LEU A 164 -1.53 22.42 -1.53
C LEU A 164 -1.74 23.18 -2.84
N VAL A 165 -2.65 24.15 -2.84
CA VAL A 165 -2.99 24.85 -4.12
C VAL A 165 -1.77 25.64 -4.60
N SER A 166 -0.97 26.19 -3.70
CA SER A 166 0.30 26.90 -3.98
C SER A 166 1.24 25.98 -4.76
N ASN A 167 1.30 24.69 -4.39
CA ASN A 167 2.19 23.73 -5.09
C ASN A 167 1.68 23.54 -6.52
N TYR A 168 0.36 23.45 -6.70
CA TYR A 168 -0.20 23.29 -8.08
C TYR A 168 0.08 24.54 -8.92
N PHE A 169 -0.09 25.70 -8.30
CA PHE A 169 0.15 27.03 -8.94
C PHE A 169 1.55 27.04 -9.55
N LEU A 170 2.55 26.72 -8.75
CA LEU A 170 3.95 26.68 -9.20
C LEU A 170 4.17 25.60 -10.26
N MET A 171 3.60 24.39 -10.07
CA MET A 171 3.67 23.28 -11.07
C MET A 171 3.13 23.74 -12.43
N HIS A 172 2.01 24.42 -12.42
CA HIS A 172 1.30 24.95 -13.63
C HIS A 172 2.23 25.86 -14.45
N HIS A 173 2.98 26.73 -13.78
CA HIS A 173 3.90 27.72 -14.40
C HIS A 173 5.22 27.03 -14.79
N VAL A 174 5.79 26.11 -14.00
CA VAL A 174 7.17 25.61 -14.28
C VAL A 174 7.13 24.36 -15.15
N ALA A 175 6.05 23.57 -15.13
CA ALA A 175 6.03 22.31 -15.90
C ALA A 175 6.25 22.56 -17.39
N PRO A 176 5.61 23.55 -18.03
CA PRO A 176 5.80 23.80 -19.46
C PRO A 176 7.22 24.23 -19.80
N LEU A 177 7.86 24.96 -18.89
CA LEU A 177 9.27 25.37 -19.04
C LEU A 177 10.15 24.11 -19.02
N MET A 178 9.90 23.23 -18.08
CA MET A 178 10.69 21.99 -17.97
C MET A 178 10.42 21.08 -19.18
N LYS A 179 9.17 20.93 -19.60
CA LYS A 179 8.84 20.06 -20.74
C LYS A 179 9.55 20.60 -22.00
N ALA A 180 9.63 21.93 -22.16
CA ALA A 180 10.19 22.56 -23.40
C ALA A 180 11.71 22.36 -23.40
N GLN A 181 12.41 22.39 -22.26
CA GLN A 181 13.87 22.14 -22.24
C GLN A 181 14.16 20.62 -22.19
N GLY A 182 13.18 19.75 -21.98
CA GLY A 182 13.38 18.29 -22.11
C GLY A 182 13.65 17.62 -20.77
N SER A 183 13.69 18.36 -19.66
CA SER A 183 13.99 17.76 -18.33
C SER A 183 13.57 18.68 -17.20
N GLY A 184 13.31 18.08 -16.04
CA GLY A 184 13.03 18.84 -14.81
C GLY A 184 12.68 17.89 -13.68
N TYR A 185 12.63 18.45 -12.49
CA TYR A 185 12.33 17.71 -11.26
C TYR A 185 11.46 18.63 -10.42
N ILE A 186 10.30 18.13 -9.99
CA ILE A 186 9.44 18.78 -8.97
C ILE A 186 9.42 17.88 -7.76
N LEU A 187 9.74 18.45 -6.60
CA LEU A 187 9.73 17.73 -5.33
C LEU A 187 8.80 18.44 -4.36
N ASN A 188 7.77 17.76 -3.87
CA ASN A 188 6.81 18.30 -2.87
C ASN A 188 7.30 17.86 -1.49
N VAL A 189 7.41 18.82 -0.59
CA VAL A 189 7.78 18.50 0.79
C VAL A 189 6.48 18.25 1.56
N SER A 190 6.14 16.98 1.70
CA SER A 190 4.94 16.50 2.41
C SER A 190 5.31 16.19 3.87
N SER A 191 4.50 15.37 4.51
CA SER A 191 4.75 14.95 5.90
C SER A 191 4.33 13.49 6.06
N TYR A 192 4.95 12.81 7.02
CA TYR A 192 4.59 11.42 7.33
C TYR A 192 3.11 11.41 7.73
N PHE A 193 2.64 12.51 8.33
CA PHE A 193 1.24 12.61 8.84
C PHE A 193 0.28 12.95 7.70
N GLY A 194 0.76 13.02 6.46
CA GLY A 194 -0.15 12.96 5.30
C GLY A 194 -0.44 11.55 4.86
N GLY A 195 0.16 10.57 5.53
CA GLY A 195 0.00 9.15 5.21
C GLY A 195 0.96 8.67 4.13
N GLU A 196 0.72 7.46 3.65
CA GLU A 196 1.53 6.87 2.56
C GLU A 196 0.60 6.19 1.56
N LYS A 197 1.13 5.78 0.40
CA LYS A 197 0.29 5.18 -0.66
C LYS A 197 -0.43 3.96 -0.09
N TYR A 198 -1.75 3.97 -0.26
CA TYR A 198 -2.73 2.93 0.16
C TYR A 198 -2.95 2.90 1.68
N LEU A 199 -2.36 3.81 2.47
CA LEU A 199 -2.48 3.73 3.95
C LEU A 199 -2.60 5.13 4.55
N ALA A 200 -3.84 5.55 4.76
CA ALA A 200 -4.11 6.86 5.39
C ALA A 200 -3.67 6.86 6.86
N VAL A 201 -3.49 8.04 7.43
CA VAL A 201 -3.21 8.15 8.88
C VAL A 201 -4.07 9.26 9.46
N ALA A 202 -4.62 9.03 10.66
CA ALA A 202 -5.36 10.07 11.42
C ALA A 202 -4.36 11.08 12.00
N TYR A 203 -4.67 12.38 11.93
CA TYR A 203 -3.85 13.44 12.59
C TYR A 203 -4.82 14.33 13.37
N PRO A 204 -5.34 13.87 14.53
CA PRO A 204 -6.40 14.58 15.23
C PRO A 204 -5.98 16.02 15.57
N ASN A 205 -6.92 16.98 15.47
N ASN A 205 -6.93 16.95 15.42
CA ASN A 205 -6.70 18.43 15.72
CA ASN A 205 -6.80 18.38 15.72
C ASN A 205 -6.03 19.10 14.53
C ASN A 205 -6.00 19.06 14.59
N ARG A 206 -5.63 18.32 13.53
CA ARG A 206 -4.85 18.85 12.38
C ARG A 206 -5.43 18.45 11.01
N ALA A 207 -6.75 18.31 10.87
CA ALA A 207 -7.35 17.71 9.65
C ALA A 207 -6.99 18.54 8.42
N ASP A 208 -6.97 19.86 8.53
CA ASP A 208 -6.66 20.76 7.40
C ASP A 208 -5.22 20.50 6.91
N TYR A 209 -4.30 20.44 7.86
CA TYR A 209 -2.87 20.20 7.64
C TYR A 209 -2.72 18.80 7.03
N ALA A 210 -3.38 17.80 7.59
CA ALA A 210 -3.20 16.40 7.13
C ALA A 210 -3.71 16.27 5.71
N VAL A 211 -4.85 16.88 5.40
CA VAL A 211 -5.39 16.89 4.01
C VAL A 211 -4.40 17.56 3.05
N SER A 212 -3.85 18.71 3.44
CA SER A 212 -2.91 19.46 2.58
C SER A 212 -1.66 18.63 2.29
N LYS A 213 -1.14 17.93 3.29
CA LYS A 213 0.07 17.10 3.16
C LYS A 213 -0.25 15.84 2.36
N ALA A 214 -1.37 15.18 2.66
CA ALA A 214 -1.84 14.04 1.85
C ALA A 214 -2.01 14.49 0.39
N GLY A 215 -2.58 15.68 0.16
CA GLY A 215 -2.77 16.22 -1.19
C GLY A 215 -1.46 16.35 -1.95
N GLN A 216 -0.41 16.83 -1.30
CA GLN A 216 0.94 16.95 -1.93
C GLN A 216 1.44 15.60 -2.41
N ARG A 217 1.25 14.55 -1.61
CA ARG A 217 1.66 13.19 -1.98
C ARG A 217 0.74 12.67 -3.11
N ALA A 218 -0.57 12.86 -3.00
CA ALA A 218 -1.58 12.37 -3.96
C ALA A 218 -1.35 12.97 -5.35
N MET A 219 -0.90 14.22 -5.43
CA MET A 219 -0.52 14.85 -6.71
C MET A 219 0.61 14.06 -7.35
N VAL A 220 1.63 13.69 -6.55
CA VAL A 220 2.77 12.89 -7.04
C VAL A 220 2.25 11.54 -7.55
N GLU A 221 1.40 10.87 -6.80
CA GLU A 221 0.96 9.48 -7.12
C GLU A 221 0.07 9.52 -8.37
N SER A 222 -0.76 10.54 -8.53
CA SER A 222 -1.76 10.52 -9.61
C SER A 222 -1.36 11.38 -10.82
N MET A 223 -0.44 12.35 -10.69
CA MET A 223 -0.12 13.29 -11.80
C MET A 223 1.26 13.05 -12.42
N ALA A 224 2.14 12.24 -11.83
CA ALA A 224 3.51 12.04 -12.35
C ALA A 224 3.43 11.56 -13.80
N ARG A 225 2.44 10.74 -14.11
CA ARG A 225 2.26 10.22 -15.50
C ARG A 225 2.21 11.38 -16.50
N TYR A 226 1.52 12.45 -16.14
CA TYR A 226 1.28 13.61 -17.02
C TYR A 226 2.48 14.54 -16.98
N LEU A 227 3.37 14.50 -15.96
CA LEU A 227 4.56 15.37 -15.94
C LEU A 227 5.70 14.69 -16.70
N GLY A 228 5.66 13.36 -16.78
CA GLY A 228 6.57 12.60 -17.63
C GLY A 228 6.24 12.84 -19.11
N PRO A 229 7.10 12.41 -20.03
CA PRO A 229 8.35 11.76 -19.68
C PRO A 229 9.48 12.68 -19.25
N GLU A 230 9.33 13.99 -19.43
CA GLU A 230 10.48 14.92 -19.20
C GLU A 230 10.71 15.16 -17.70
N VAL A 231 9.65 15.26 -16.90
CA VAL A 231 9.72 15.78 -15.51
C VAL A 231 9.49 14.65 -14.52
N GLN A 232 10.44 14.49 -13.61
CA GLN A 232 10.34 13.60 -12.44
C GLN A 232 9.48 14.34 -11.43
N PHE A 233 8.58 13.65 -10.76
CA PHE A 233 7.68 14.26 -9.75
C PHE A 233 7.60 13.31 -8.57
N ASN A 234 8.17 13.73 -7.46
CA ASN A 234 8.27 12.90 -6.23
C ASN A 234 7.99 13.77 -5.03
N ALA A 235 7.74 13.16 -3.89
CA ALA A 235 7.58 13.84 -2.60
C ALA A 235 8.57 13.28 -1.59
N ILE A 236 8.74 14.03 -0.50
CA ILE A 236 9.35 13.55 0.75
C ILE A 236 8.30 13.73 1.84
N ALA A 237 8.34 12.81 2.80
CA ALA A 237 7.41 12.73 3.93
C ALA A 237 8.21 12.42 5.19
N PRO A 238 9.02 13.37 5.66
CA PRO A 238 9.60 13.30 7.01
C PRO A 238 8.52 13.40 8.11
N GLY A 239 8.82 12.83 9.27
CA GLY A 239 8.02 13.00 10.48
C GLY A 239 8.50 14.24 11.22
N PRO A 240 8.52 14.19 12.56
CA PRO A 240 9.19 15.24 13.35
C PRO A 240 10.68 15.30 13.00
N VAL A 241 11.20 16.53 12.86
CA VAL A 241 12.56 16.88 12.40
C VAL A 241 13.20 17.72 13.49
N ASP A 242 14.36 17.28 14.00
CA ASP A 242 15.11 18.00 15.07
C ASP A 242 15.71 19.30 14.49
N GLY A 243 15.19 20.47 14.87
CA GLY A 243 15.80 21.79 14.57
C GLY A 243 15.17 22.88 15.42
N ASP A 244 15.45 24.15 15.13
CA ASP A 244 14.89 25.36 15.82
C ASP A 244 13.35 25.26 15.95
N ARG A 245 12.67 24.97 14.85
CA ARG A 245 11.18 25.00 14.81
C ARG A 245 10.64 24.05 15.88
N LEU A 246 11.17 22.81 15.96
CA LEU A 246 10.65 21.75 16.85
C LEU A 246 11.03 21.99 18.32
N SER A 247 12.29 22.34 18.57
CA SER A 247 12.76 22.65 19.94
C SER A 247 12.07 23.91 20.45
N GLY A 248 12.04 24.96 19.61
CA GLY A 248 11.49 26.28 19.95
C GLY A 248 12.58 27.19 20.52
N THR A 249 12.44 28.52 20.39
CA THR A 249 13.50 29.42 20.92
C THR A 249 12.91 30.76 21.38
N GLY A 250 13.66 31.50 22.20
CA GLY A 250 13.29 32.83 22.71
C GLY A 250 11.96 32.85 23.45
N GLY A 251 11.68 31.86 24.28
CA GLY A 251 10.41 31.85 25.05
C GLY A 251 9.21 31.44 24.23
N LYS A 252 9.45 30.85 23.05
CA LYS A 252 8.35 30.38 22.17
C LYS A 252 8.36 28.85 22.26
N PRO A 253 7.22 28.21 22.60
CA PRO A 253 7.17 26.78 22.85
C PRO A 253 7.52 25.85 21.67
N GLY A 254 8.12 24.71 22.00
CA GLY A 254 8.46 23.65 21.03
C GLY A 254 7.20 22.96 20.53
N LEU A 255 7.29 22.35 19.36
CA LEU A 255 6.07 21.74 18.75
C LEU A 255 5.43 20.72 19.71
N PHE A 256 6.21 19.94 20.47
CA PHE A 256 5.61 18.91 21.36
C PHE A 256 4.80 19.58 22.47
N GLU A 257 5.38 20.62 23.09
CA GLU A 257 4.75 21.48 24.14
C GLU A 257 3.49 22.18 23.57
N ARG A 258 3.54 22.67 22.33
CA ARG A 258 2.39 23.34 21.67
C ARG A 258 1.23 22.33 21.53
N ARG A 259 1.49 21.15 20.93
CA ARG A 259 0.52 20.04 20.81
C ARG A 259 -0.01 19.63 22.20
N GLY A 260 0.80 19.69 23.26
CA GLY A 260 0.41 19.26 24.61
C GLY A 260 -0.62 20.20 25.20
N LYS A 261 -0.39 21.50 25.10
CA LYS A 261 -1.31 22.51 25.63
C LYS A 261 -2.67 22.44 24.90
N LEU A 262 -2.64 22.27 23.58
CA LEU A 262 -3.86 22.22 22.75
C LEU A 262 -4.60 20.92 23.09
N ILE A 263 -3.89 19.85 23.42
CA ILE A 263 -4.57 18.62 23.89
C ILE A 263 -5.31 18.92 25.21
N LEU A 264 -4.72 19.69 26.13
CA LEU A 264 -5.40 19.96 27.43
C LEU A 264 -6.60 20.87 27.16
N GLU A 265 -6.45 21.91 26.35
CA GLU A 265 -7.58 22.82 26.02
C GLU A 265 -8.74 22.01 25.38
N ASN A 266 -8.47 21.17 24.39
CA ASN A 266 -9.52 20.33 23.74
C ASN A 266 -10.10 19.34 24.77
N LYS A 267 -9.29 18.73 25.63
CA LYS A 267 -9.86 17.77 26.64
C LYS A 267 -10.86 18.48 27.58
N ARG A 268 -10.61 19.71 28.00
CA ARG A 268 -11.53 20.48 28.90
C ARG A 268 -12.78 20.88 28.09
N LEU A 269 -12.62 21.38 26.87
CA LEU A 269 -13.79 21.69 25.99
C LEU A 269 -14.60 20.42 25.81
N ASN A 270 -13.97 19.30 25.46
CA ASN A 270 -14.71 18.06 25.16
C ASN A 270 -15.46 17.58 26.43
N ALA A 271 -14.85 17.71 27.60
CA ALA A 271 -15.42 17.21 28.88
C ALA A 271 -16.65 18.05 29.27
N VAL A 272 -16.55 19.38 29.15
CA VAL A 272 -17.66 20.30 29.49
C VAL A 272 -18.82 20.03 28.50
N HIS A 273 -18.47 19.96 27.22
CA HIS A 273 -19.45 19.73 26.13
C HIS A 273 -20.16 18.40 26.41
N ALA A 274 -19.41 17.35 26.75
CA ALA A 274 -19.98 16.01 26.94
C ALA A 274 -20.97 16.02 28.11
N ALA A 275 -20.64 16.74 29.17
CA ALA A 275 -21.51 16.82 30.38
C ALA A 275 -22.79 17.54 30.01
N ALA A 276 -22.68 18.65 29.30
CA ALA A 276 -23.82 19.45 28.81
C ALA A 276 -24.71 18.54 27.95
N ILE A 277 -24.13 17.82 27.00
CA ILE A 277 -24.95 16.99 26.08
C ILE A 277 -25.65 15.86 26.85
N LYS A 278 -24.97 15.18 27.77
CA LYS A 278 -25.57 14.05 28.54
C LYS A 278 -26.75 14.57 29.39
N ALA A 279 -26.64 15.79 29.94
CA ALA A 279 -27.69 16.46 30.73
C ALA A 279 -28.91 16.74 29.85
N ILE A 280 -28.69 17.29 28.66
CA ILE A 280 -29.76 17.59 27.65
C ILE A 280 -30.42 16.29 27.21
N ARG A 281 -29.66 15.21 27.02
CA ARG A 281 -30.23 13.93 26.56
C ARG A 281 -31.18 13.41 27.64
N ARG A 282 -30.88 13.65 28.91
CA ARG A 282 -31.71 13.18 30.07
C ARG A 282 -32.93 14.08 30.22
N GLY A 283 -32.93 15.30 29.64
CA GLY A 283 -34.11 16.17 29.53
C GLY A 283 -33.95 17.47 30.31
N VAL A 284 -32.80 17.72 30.92
CA VAL A 284 -32.45 19.08 31.43
C VAL A 284 -32.49 20.06 30.25
N ARG A 285 -33.12 21.21 30.43
CA ARG A 285 -33.19 22.25 29.39
C ARG A 285 -31.79 22.83 29.16
N VAL A 286 -31.45 23.08 27.90
CA VAL A 286 -30.12 23.66 27.56
C VAL A 286 -29.94 25.02 28.27
N GLU A 287 -30.98 25.84 28.43
CA GLU A 287 -30.88 27.15 29.13
C GLU A 287 -30.45 26.91 30.60
N ALA A 288 -30.97 25.86 31.21
CA ALA A 288 -30.66 25.45 32.59
C ALA A 288 -29.16 25.12 32.68
N VAL A 289 -28.69 24.18 31.85
CA VAL A 289 -27.25 23.75 31.80
C VAL A 289 -26.38 25.01 31.66
N LEU A 290 -26.72 25.89 30.72
CA LEU A 290 -25.85 27.05 30.43
C LEU A 290 -25.85 28.06 31.61
N ALA A 291 -27.01 28.30 32.24
CA ALA A 291 -27.14 29.19 33.42
C ALA A 291 -26.21 28.70 34.53
N ARG A 292 -26.19 27.40 34.80
CA ARG A 292 -25.25 26.80 35.78
C ARG A 292 -23.80 26.97 35.29
N LEU A 293 -23.49 26.68 34.01
CA LEU A 293 -22.07 26.75 33.54
C LEU A 293 -21.59 28.19 33.67
N ALA A 294 -22.47 29.15 33.41
CA ALA A 294 -22.11 30.57 33.44
C ALA A 294 -21.62 30.97 34.86
N ARG A 295 -22.01 30.27 35.92
CA ARG A 295 -21.50 30.61 37.29
C ARG A 295 -19.97 30.40 37.27
N ASN A 296 -19.51 29.34 36.58
CA ASN A 296 -18.07 29.13 36.27
C ASN A 296 -17.27 28.91 37.56
N ASP A 297 -17.83 28.14 38.50
CA ASP A 297 -17.25 27.96 39.86
C ASP A 297 -17.30 26.48 40.20
N THR A 298 -16.16 25.80 40.11
CA THR A 298 -16.05 24.33 40.27
C THR A 298 -16.55 23.91 41.65
N VAL A 299 -16.17 24.64 42.70
CA VAL A 299 -16.39 24.18 44.12
C VAL A 299 -17.89 24.25 44.40
N LYS A 300 -18.52 25.38 44.06
CA LYS A 300 -19.98 25.53 44.27
C LYS A 300 -20.74 24.52 43.42
N MET A 301 -20.35 24.33 42.15
CA MET A 301 -21.06 23.38 41.23
C MET A 301 -20.99 21.95 41.80
N SER A 302 -19.85 21.58 42.39
CA SER A 302 -19.55 20.22 42.93
C SER A 302 -20.56 19.85 44.02
N HIS A 303 -20.95 20.84 44.82
CA HIS A 303 -21.62 20.64 46.14
C HIS A 303 -23.11 20.97 46.02
N ASP A 304 -23.47 21.95 45.21
CA ASP A 304 -24.88 22.38 45.07
C ASP A 304 -25.69 21.23 44.45
N THR A 305 -26.87 20.98 45.02
CA THR A 305 -27.83 19.88 44.71
C THR A 305 -28.78 20.30 43.58
N ASN A 306 -29.01 21.61 43.44
CA ASN A 306 -29.65 22.28 42.27
C ASN A 306 -29.10 21.69 40.95
N ASN A 307 -27.80 21.44 40.91
CA ASN A 307 -27.03 21.11 39.67
C ASN A 307 -27.33 19.68 39.23
N PRO A 308 -27.54 19.43 37.91
CA PRO A 308 -27.67 18.08 37.39
C PRO A 308 -26.42 17.24 37.70
N ARG A 309 -26.57 15.92 37.82
CA ARG A 309 -25.49 14.97 38.26
C ARG A 309 -24.29 15.11 37.31
N GLU A 310 -24.54 15.28 36.00
CA GLU A 310 -23.45 15.38 34.97
C GLU A 310 -22.56 16.58 35.30
N LEU A 311 -23.13 17.74 35.62
CA LEU A 311 -22.35 18.95 35.94
C LEU A 311 -21.62 18.81 37.28
N ARG A 312 -22.23 18.13 38.26
CA ARG A 312 -21.61 17.96 39.61
C ARG A 312 -20.36 17.12 39.41
N GLU A 313 -20.47 16.01 38.68
CA GLU A 313 -19.33 15.09 38.40
C GLU A 313 -18.25 15.81 37.60
N LEU A 314 -18.64 16.63 36.60
CA LEU A 314 -17.68 17.47 35.82
C LEU A 314 -16.92 18.37 36.80
N ALA A 315 -17.63 19.11 37.65
CA ALA A 315 -16.98 20.13 38.53
C ALA A 315 -15.98 19.41 39.47
N LEU A 316 -16.36 18.26 40.00
CA LEU A 316 -15.51 17.49 40.93
C LEU A 316 -14.21 17.07 40.21
N ALA A 317 -14.31 16.61 38.96
CA ALA A 317 -13.12 16.18 38.20
C ALA A 317 -12.23 17.39 37.92
N CYS A 318 -12.81 18.53 37.53
CA CYS A 318 -12.05 19.77 37.25
C CYS A 318 -11.35 20.25 38.52
N ALA A 319 -12.01 20.16 39.68
CA ALA A 319 -11.52 20.68 40.97
C ALA A 319 -10.26 19.91 41.41
N ARG A 320 -10.05 18.68 40.96
CA ARG A 320 -8.91 17.82 41.39
C ARG A 320 -7.75 17.83 40.38
N GLU A 321 -7.73 18.72 39.39
CA GLU A 321 -6.72 18.77 38.28
C GLU A 321 -5.74 19.94 38.46
N GLY A 322 -5.82 20.66 39.59
CA GLY A 322 -5.06 21.90 39.82
C GLY A 322 -3.65 21.65 40.33
N ASP A 323 -2.80 22.67 40.31
CA ASP A 323 -1.37 22.59 40.76
C ASP A 323 -1.06 23.69 41.77
N GLY A 324 -2.05 24.46 42.24
CA GLY A 324 -1.87 25.54 43.23
C GLY A 324 -1.55 26.87 42.60
N THR A 325 -1.10 26.89 41.34
CA THR A 325 -0.84 28.14 40.57
C THR A 325 -1.99 28.42 39.59
N CYS A 326 -2.41 27.40 38.82
CA CYS A 326 -3.31 27.58 37.65
C CYS A 326 -4.78 27.66 38.11
N THR A 327 -5.69 28.07 37.23
CA THR A 327 -7.07 28.46 37.62
C THR A 327 -8.10 27.45 37.13
N TRP A 328 -7.70 26.51 36.28
CA TRP A 328 -8.68 25.59 35.66
C TRP A 328 -9.32 24.65 36.69
N ASP A 329 -8.75 24.60 37.89
CA ASP A 329 -9.36 23.80 38.98
C ASP A 329 -10.47 24.60 39.68
N GLN A 330 -10.50 25.93 39.49
CA GLN A 330 -11.47 26.86 40.11
C GLN A 330 -12.52 27.39 39.11
N TYR A 331 -12.17 27.47 37.83
CA TYR A 331 -13.11 27.82 36.74
C TYR A 331 -13.21 26.64 35.75
N LEU A 332 -14.43 26.36 35.27
CA LEU A 332 -14.63 25.35 34.20
C LEU A 332 -14.09 25.89 32.87
N LEU A 333 -14.27 27.18 32.60
CA LEU A 333 -14.17 27.74 31.24
C LEU A 333 -13.39 29.06 31.24
N THR A 334 -12.66 29.27 30.15
CA THR A 334 -12.24 30.60 29.66
C THR A 334 -13.29 31.07 28.66
N PRO A 335 -13.36 32.38 28.34
CA PRO A 335 -14.23 32.87 27.27
C PRO A 335 -14.04 32.12 25.93
N GLN A 336 -12.80 31.86 25.52
CA GLN A 336 -12.48 31.08 24.28
C GLN A 336 -13.16 29.71 24.29
N ILE A 337 -12.95 28.89 25.33
CA ILE A 337 -13.58 27.54 25.43
C ILE A 337 -15.10 27.69 25.51
N ALA A 338 -15.61 28.70 26.23
CA ALA A 338 -17.05 28.95 26.38
C ALA A 338 -17.68 29.27 25.01
N ALA A 339 -16.99 30.05 24.19
CA ALA A 339 -17.45 30.41 22.82
C ALA A 339 -17.50 29.14 21.94
N ALA A 340 -16.47 28.31 22.00
CA ALA A 340 -16.39 27.04 21.27
C ALA A 340 -17.54 26.14 21.70
N LEU A 341 -17.88 26.07 23.00
CA LEU A 341 -18.96 25.21 23.52
C LEU A 341 -20.31 25.63 22.91
N VAL A 342 -20.62 26.92 23.01
CA VAL A 342 -21.95 27.47 22.55
C VAL A 342 -22.06 27.24 21.04
N SER A 343 -20.97 27.40 20.31
CA SER A 343 -20.99 27.21 18.85
C SER A 343 -21.37 25.76 18.54
N ARG A 344 -20.79 24.78 19.25
CA ARG A 344 -21.13 23.34 19.11
C ARG A 344 -22.62 23.08 19.39
N LEU A 345 -23.16 23.70 20.44
CA LEU A 345 -24.56 23.47 20.83
C LEU A 345 -25.47 24.08 19.75
N ARG A 346 -25.16 25.29 19.27
CA ARG A 346 -25.96 26.00 18.24
C ARG A 346 -25.96 25.16 16.94
N GLN A 347 -24.78 24.68 16.54
CA GLN A 347 -24.64 23.96 15.25
C GLN A 347 -25.29 22.57 15.32
N ALA A 348 -25.51 21.99 16.50
CA ALA A 348 -26.26 20.73 16.70
C ALA A 348 -27.78 20.97 16.70
N GLY A 349 -28.24 22.22 16.51
CA GLY A 349 -29.66 22.57 16.58
C GLY A 349 -30.22 22.59 18.00
N LEU A 350 -29.38 22.68 19.04
CA LEU A 350 -29.88 22.53 20.43
C LEU A 350 -30.45 23.85 20.98
N PHE A 351 -30.31 24.95 20.26
CA PHE A 351 -30.98 26.23 20.59
C PHE A 351 -32.33 26.42 19.85
N LEU A 352 -32.80 25.46 19.04
CA LEU A 352 -33.98 25.71 18.16
C LEU A 352 -35.20 26.12 19.01
N ASP A 353 -35.36 25.58 20.19
CA ASP A 353 -36.53 25.86 21.07
C ASP A 353 -36.11 26.62 22.33
N ALA A 354 -34.95 27.28 22.34
CA ALA A 354 -34.42 27.94 23.55
C ALA A 354 -34.56 29.43 23.31
N PRO A 355 -35.49 30.11 24.02
CA PRO A 355 -35.83 31.49 23.63
C PRO A 355 -34.57 32.37 23.74
N GLU A 356 -33.95 32.46 24.91
CA GLU A 356 -32.84 33.41 24.98
C GLU A 356 -31.72 33.06 23.99
N TRP A 357 -31.39 31.80 23.84
CA TRP A 357 -30.12 31.46 23.14
C TRP A 357 -30.22 31.54 21.62
N SER A 358 -31.28 31.03 20.98
CA SER A 358 -31.47 31.13 19.52
C SER A 358 -31.24 32.57 19.04
N GLU A 359 -31.73 33.55 19.78
CA GLU A 359 -31.73 34.98 19.32
C GLU A 359 -30.44 35.67 19.75
N ARG A 360 -29.66 35.14 20.69
CA ARG A 360 -28.37 35.75 21.08
C ARG A 360 -27.58 35.98 19.79
N PRO A 361 -26.98 37.16 19.56
CA PRO A 361 -26.02 37.31 18.47
C PRO A 361 -24.79 36.40 18.66
N VAL A 362 -24.26 35.88 17.55
CA VAL A 362 -23.10 34.94 17.49
C VAL A 362 -21.85 35.67 17.98
N THR A 363 -21.79 37.00 17.75
CA THR A 363 -20.82 38.00 18.29
C THR A 363 -20.57 37.83 19.79
N GLU A 364 -21.58 37.42 20.57
CA GLU A 364 -21.54 37.43 22.06
C GLU A 364 -21.24 36.03 22.63
N ASP A 365 -20.78 35.08 21.81
CA ASP A 365 -20.55 33.67 22.24
C ASP A 365 -19.46 33.59 23.33
N GLY A 366 -18.59 34.59 23.43
CA GLY A 366 -17.55 34.61 24.48
C GLY A 366 -17.91 35.50 25.66
N ASP A 367 -19.11 36.08 25.72
CA ASP A 367 -19.42 37.16 26.71
C ASP A 367 -20.39 36.71 27.82
N TRP A 368 -20.78 35.44 27.91
CA TRP A 368 -21.91 34.97 28.75
C TRP A 368 -21.48 34.42 30.10
N LEU A 369 -20.19 34.23 30.35
CA LEU A 369 -19.75 33.77 31.69
C LEU A 369 -20.05 34.89 32.69
N LEU A 370 -20.45 34.54 33.92
CA LEU A 370 -20.65 35.46 35.08
C LEU A 370 -19.31 35.79 35.74
N ARG A 371 -18.32 34.87 35.73
CA ARG A 371 -16.93 35.15 36.16
C ARG A 371 -15.95 34.47 35.18
N VAL A 372 -14.79 35.11 34.93
CA VAL A 372 -13.69 34.63 34.04
C VAL A 372 -12.40 34.48 34.85
N PRO A 373 -11.52 33.50 34.51
CA PRO A 373 -10.25 33.34 35.19
C PRO A 373 -9.42 34.62 35.17
N PRO A 374 -8.69 34.91 36.25
CA PRO A 374 -7.90 36.14 36.34
C PRO A 374 -6.80 36.18 35.27
N GLU A 375 -6.52 37.35 34.74
CA GLU A 375 -5.61 37.55 33.58
C GLU A 375 -4.15 37.25 33.94
N ASP A 376 -3.74 37.37 35.19
CA ASP A 376 -2.29 37.34 35.57
C ASP A 376 -1.79 35.90 35.76
N ALA A 377 -2.68 34.97 36.13
CA ALA A 377 -2.35 33.56 36.48
C ALA A 377 -2.71 32.66 35.30
N PRO A 378 -1.99 31.54 35.07
CA PRO A 378 -2.28 30.69 33.92
C PRO A 378 -3.58 29.91 34.18
N PHE A 379 -4.37 29.67 33.12
CA PHE A 379 -5.52 28.74 33.19
C PHE A 379 -5.01 27.30 33.37
N LEU A 380 -4.08 26.88 32.52
CA LEU A 380 -3.59 25.47 32.42
C LEU A 380 -2.33 25.24 33.26
N PRO A 381 -2.17 24.07 33.90
CA PRO A 381 -0.98 23.81 34.71
C PRO A 381 0.25 23.48 33.85
N ALA A 382 1.34 24.20 34.05
CA ALA A 382 2.66 24.00 33.37
C ALA A 382 3.07 22.52 33.43
N ASP A 383 2.82 21.83 34.54
CA ASP A 383 3.24 20.41 34.75
C ASP A 383 2.47 19.47 33.83
N LYS A 384 1.16 19.62 33.65
CA LYS A 384 0.37 18.70 32.79
C LYS A 384 0.70 18.99 31.32
N ILE A 385 1.11 20.21 30.95
CA ILE A 385 1.56 20.53 29.57
C ILE A 385 2.85 19.74 29.28
N ALA A 386 3.83 19.84 30.18
CA ALA A 386 5.11 19.10 30.09
C ALA A 386 4.84 17.60 29.99
N ALA A 387 3.92 17.05 30.79
CA ALA A 387 3.61 15.61 30.78
C ALA A 387 2.87 15.21 29.49
N GLU A 388 2.02 16.06 28.92
CA GLU A 388 1.36 15.74 27.61
C GLU A 388 2.44 15.84 26.51
N ALA A 389 3.36 16.80 26.60
CA ALA A 389 4.44 17.03 25.61
C ALA A 389 5.42 15.84 25.60
N LYS A 390 5.79 15.32 26.78
CA LYS A 390 6.64 14.10 26.97
C LYS A 390 5.90 12.88 26.41
N LYS A 391 4.58 12.82 26.60
CA LYS A 391 3.75 11.70 26.08
C LYS A 391 3.73 11.73 24.54
N VAL A 392 3.50 12.89 23.93
CA VAL A 392 3.58 13.10 22.45
C VAL A 392 5.00 12.77 21.95
N GLY A 393 6.04 13.32 22.58
CA GLY A 393 7.46 13.08 22.22
C GLY A 393 7.82 11.60 22.26
N GLY A 394 7.45 10.95 23.35
CA GLY A 394 7.72 9.52 23.62
C GLY A 394 7.05 8.63 22.60
N GLY A 395 5.79 8.89 22.27
CA GLY A 395 5.04 8.11 21.27
C GLY A 395 5.77 8.11 19.93
N VAL A 396 6.22 9.27 19.47
CA VAL A 396 6.99 9.47 18.20
C VAL A 396 8.32 8.72 18.28
N LEU A 397 9.17 9.07 19.25
CA LEU A 397 10.57 8.55 19.39
C LEU A 397 10.54 7.03 19.43
N SER A 398 9.60 6.46 20.18
CA SER A 398 9.49 5.00 20.36
C SER A 398 9.16 4.30 19.03
N LYS A 399 8.72 5.02 17.99
CA LYS A 399 8.30 4.44 16.69
C LYS A 399 9.36 4.66 15.61
N LEU A 400 10.55 5.15 15.99
CA LEU A 400 11.62 5.40 15.02
C LEU A 400 12.53 4.17 14.95
N TYR A 401 12.56 3.48 13.82
CA TYR A 401 13.52 2.36 13.66
C TYR A 401 14.97 2.80 13.93
N LEU A 402 15.37 3.99 13.50
CA LEU A 402 16.74 4.50 13.63
C LEU A 402 16.97 5.24 14.98
N GLY A 403 15.99 5.21 15.89
CA GLY A 403 16.18 5.54 17.31
C GLY A 403 16.21 7.03 17.61
N LYS A 404 16.54 7.87 16.63
CA LYS A 404 16.79 9.33 16.80
C LYS A 404 15.98 10.03 15.71
N MET A 405 15.36 11.17 16.03
CA MET A 405 14.67 11.99 15.02
C MET A 405 15.74 12.50 14.07
N PRO A 406 15.48 12.52 12.75
CA PRO A 406 16.46 13.10 11.85
C PRO A 406 16.52 14.62 12.10
N THR A 407 17.70 15.17 11.89
CA THR A 407 17.88 16.63 11.91
C THR A 407 17.36 17.23 10.61
N GLU A 408 17.21 18.55 10.60
CA GLU A 408 16.96 19.32 9.36
C GLU A 408 18.05 18.99 8.34
N HIS A 409 19.28 18.92 8.78
CA HIS A 409 20.43 18.69 7.89
C HIS A 409 20.32 17.28 7.29
N ASP A 410 19.98 16.28 8.10
CA ASP A 410 19.78 14.87 7.65
C ASP A 410 18.68 14.78 6.57
N VAL A 411 17.53 15.43 6.79
CA VAL A 411 16.43 15.48 5.79
C VAL A 411 16.89 16.21 4.52
N ALA A 412 17.54 17.37 4.66
CA ALA A 412 18.02 18.15 3.50
C ALA A 412 19.04 17.34 2.72
N GLN A 413 19.91 16.62 3.41
CA GLN A 413 20.98 15.83 2.75
C GLN A 413 20.30 14.70 1.96
N ALA A 414 19.38 13.99 2.57
CA ALA A 414 18.64 12.91 1.87
C ALA A 414 17.98 13.49 0.61
N THR A 415 17.33 14.64 0.75
CA THR A 415 16.62 15.33 -0.37
C THR A 415 17.59 15.63 -1.51
N VAL A 416 18.75 16.16 -1.17
CA VAL A 416 19.76 16.52 -2.20
C VAL A 416 20.28 15.25 -2.90
N PHE A 417 20.43 14.14 -2.19
CA PHE A 417 20.84 12.85 -2.82
C PHE A 417 19.72 12.35 -3.72
N PHE A 418 18.48 12.36 -3.24
CA PHE A 418 17.29 11.96 -4.04
C PHE A 418 17.17 12.81 -5.31
N LEU A 419 17.41 14.13 -5.26
CA LEU A 419 17.25 14.98 -6.46
C LEU A 419 18.26 14.63 -7.57
N ALA A 420 19.37 13.94 -7.27
CA ALA A 420 20.37 13.52 -8.27
C ALA A 420 19.93 12.26 -9.05
N ASP A 421 19.00 11.48 -8.50
CA ASP A 421 18.50 10.26 -9.19
C ASP A 421 17.68 10.67 -10.42
N ARG A 422 17.76 9.90 -11.50
CA ARG A 422 17.03 10.21 -12.74
C ARG A 422 16.01 9.12 -13.09
N ALA A 423 15.84 8.10 -12.27
CA ALA A 423 15.00 6.93 -12.62
C ALA A 423 13.72 6.86 -11.75
N VAL A 424 13.54 7.72 -10.75
CA VAL A 424 12.35 7.65 -9.85
C VAL A 424 11.33 8.69 -10.26
N SER A 425 10.08 8.31 -10.41
CA SER A 425 8.98 9.28 -10.51
C SER A 425 7.73 8.66 -9.94
N GLY A 426 6.92 9.47 -9.28
CA GLY A 426 5.64 9.07 -8.70
C GLY A 426 5.77 8.45 -7.32
N GLU A 427 6.87 8.68 -6.61
CA GLU A 427 7.17 8.04 -5.32
C GLU A 427 7.25 9.09 -4.22
N THR A 428 7.01 8.63 -3.00
CA THR A 428 7.26 9.39 -1.79
C THR A 428 8.44 8.77 -1.04
N PHE A 429 9.54 9.51 -0.95
CA PHE A 429 10.68 9.13 -0.09
C PHE A 429 10.33 9.39 1.38
N MET A 430 10.95 8.66 2.30
CA MET A 430 10.58 8.65 3.74
C MET A 430 11.83 8.91 4.60
N PRO A 431 12.47 10.09 4.55
CA PRO A 431 13.62 10.42 5.39
C PRO A 431 13.15 10.86 6.79
N SER A 432 12.68 9.90 7.53
CA SER A 432 11.90 10.16 8.76
C SER A 432 12.61 9.58 10.00
N GLY A 433 13.72 8.84 9.81
CA GLY A 433 14.38 8.08 10.88
C GLY A 433 13.72 6.73 11.03
N GLY A 434 13.05 6.28 9.96
CA GLY A 434 12.34 4.97 9.98
C GLY A 434 11.09 5.03 10.83
N LEU A 435 10.37 6.17 10.77
CA LEU A 435 9.11 6.35 11.53
C LEU A 435 8.07 5.39 11.01
N SER A 436 7.57 4.58 11.93
CA SER A 436 6.55 3.57 11.59
C SER A 436 5.37 3.65 12.56
N VAL A 437 4.25 4.19 12.10
CA VAL A 437 3.02 4.25 12.93
C VAL A 437 2.10 3.17 12.36
N GLU A 438 1.89 2.09 13.12
CA GLU A 438 1.06 0.95 12.67
C GLU A 438 -0.43 1.35 12.67
N ARG A 439 -1.12 1.09 11.55
CA ARG A 439 -2.57 1.34 11.43
C ARG A 439 -3.13 0.45 10.32
N SER A 440 -4.44 0.25 10.29
CA SER A 440 -5.08 -0.61 9.27
C SER A 440 -6.18 0.21 8.58
N THR A 441 -5.75 1.20 7.78
CA THR A 441 -6.63 2.14 7.05
C THR A 441 -6.47 1.94 5.54
N THR A 442 -6.21 0.72 5.07
CA THR A 442 -6.01 0.53 3.60
C THR A 442 -7.32 0.71 2.82
N GLU A 443 -7.26 1.26 1.60
CA GLU A 443 -8.45 1.38 0.71
C GLU A 443 -8.78 -0.07 0.35
N ARG A 444 -10.06 -0.42 0.36
CA ARG A 444 -10.45 -1.81 0.02
C ARG A 444 -11.55 -1.84 -1.05
N GLU A 445 -11.55 -2.91 -1.85
CA GLU A 445 -12.65 -3.13 -2.84
C GLU A 445 -13.80 -3.72 -2.02
N LEU A 446 -15.05 -3.37 -2.33
CA LEU A 446 -16.17 -3.89 -1.51
C LEU A 446 -16.79 -5.19 -2.03
N PHE A 447 -16.85 -6.17 -1.12
CA PHE A 447 -17.58 -7.46 -1.24
C PHE A 447 -17.94 -7.76 0.20
N GLY A 448 -19.05 -7.18 0.66
CA GLY A 448 -19.53 -7.22 2.06
C GLY A 448 -21.02 -7.53 2.15
N SER A 449 -21.54 -7.80 3.35
CA SER A 449 -22.97 -8.17 3.59
C SER A 449 -23.43 -7.67 4.97
N PRO A 450 -24.33 -6.66 5.01
CA PRO A 450 -24.98 -6.25 6.25
C PRO A 450 -26.20 -7.15 6.50
N LYS A 451 -26.47 -7.55 7.74
CA LYS A 451 -27.69 -8.37 8.04
C LYS A 451 -28.93 -7.49 7.80
N GLN A 452 -30.02 -8.07 7.28
CA GLN A 452 -31.35 -7.39 7.12
C GLN A 452 -31.76 -6.79 8.46
N GLU A 453 -31.55 -7.50 9.58
CA GLU A 453 -31.85 -7.00 10.94
C GLU A 453 -31.26 -5.60 11.14
N ARG A 454 -29.98 -5.41 10.77
CA ARG A 454 -29.31 -4.08 10.93
C ARG A 454 -29.94 -3.01 10.03
N LEU A 455 -30.17 -3.32 8.76
CA LEU A 455 -30.86 -2.47 7.77
C LEU A 455 -32.27 -2.10 8.25
N ASP A 456 -32.96 -3.01 8.95
CA ASP A 456 -34.35 -2.80 9.47
C ASP A 456 -34.38 -1.71 10.54
N GLN A 457 -33.28 -1.39 11.23
CA GLN A 457 -33.24 -0.25 12.19
C GLN A 457 -33.40 1.10 11.46
N MET A 458 -33.29 1.13 10.14
CA MET A 458 -33.53 2.38 9.35
C MET A 458 -35.06 2.64 9.28
N ARG A 459 -35.90 1.68 9.68
CA ARG A 459 -37.35 1.80 9.44
C ARG A 459 -37.85 3.07 10.17
N GLY A 460 -38.48 3.98 9.45
CA GLY A 460 -39.14 5.15 10.08
C GLY A 460 -38.20 6.33 10.25
N LYS A 461 -36.92 6.16 9.85
CA LYS A 461 -35.87 7.17 10.12
C LYS A 461 -35.80 8.14 8.93
N THR A 462 -35.04 9.22 9.15
CA THR A 462 -34.81 10.27 8.16
C THR A 462 -33.35 10.19 7.70
N VAL A 463 -33.14 10.35 6.41
CA VAL A 463 -31.80 10.27 5.79
C VAL A 463 -31.62 11.53 4.91
N TRP A 464 -30.41 12.06 4.86
CA TRP A 464 -30.10 13.21 3.97
C TRP A 464 -29.14 12.75 2.86
N ILE A 465 -29.45 13.13 1.63
CA ILE A 465 -28.54 12.89 0.48
C ILE A 465 -28.20 14.25 -0.10
N ILE A 466 -26.91 14.58 -0.09
CA ILE A 466 -26.38 15.85 -0.64
C ILE A 466 -25.75 15.56 -2.01
N GLY A 467 -26.22 16.25 -3.05
CA GLY A 467 -25.73 15.99 -4.41
C GLY A 467 -26.42 16.81 -5.48
N GLU A 468 -25.90 16.69 -6.70
CA GLU A 468 -26.47 17.36 -7.88
C GLU A 468 -26.25 16.50 -9.14
N HIS A 469 -25.02 16.39 -9.60
CA HIS A 469 -24.70 15.73 -10.89
C HIS A 469 -24.85 14.21 -10.91
N LEU A 470 -24.62 13.49 -9.81
CA LEU A 470 -24.62 12.00 -9.83
C LEU A 470 -26.04 11.44 -9.74
N VAL A 471 -26.87 11.69 -10.76
CA VAL A 471 -28.32 11.36 -10.73
C VAL A 471 -28.59 9.88 -10.53
N ASP A 472 -27.91 9.00 -11.26
CA ASP A 472 -28.20 7.55 -11.14
C ASP A 472 -27.89 7.05 -9.73
N TYR A 473 -26.74 7.46 -9.18
CA TYR A 473 -26.30 7.05 -7.83
C TYR A 473 -27.21 7.60 -6.73
N LEU A 474 -27.61 8.86 -6.86
CA LEU A 474 -28.46 9.50 -5.83
C LEU A 474 -29.85 8.82 -5.88
N ALA A 475 -30.33 8.43 -7.06
CA ALA A 475 -31.67 7.85 -7.24
C ALA A 475 -31.68 6.43 -6.72
N GLU A 476 -30.67 5.63 -7.04
CA GLU A 476 -30.64 4.25 -6.54
C GLU A 476 -30.48 4.28 -5.01
N THR A 477 -29.74 5.25 -4.47
CA THR A 477 -29.51 5.32 -3.01
C THR A 477 -30.82 5.75 -2.32
N ALA A 478 -31.50 6.76 -2.84
CA ALA A 478 -32.85 7.14 -2.34
C ALA A 478 -33.78 5.93 -2.36
N ARG A 479 -33.86 5.19 -3.49
CA ARG A 479 -34.71 3.99 -3.65
C ARG A 479 -34.29 2.92 -2.64
N ALA A 480 -33.00 2.64 -2.45
CA ALA A 480 -32.57 1.62 -1.47
C ALA A 480 -33.02 2.05 -0.08
N PHE A 481 -32.85 3.31 0.32
CA PHE A 481 -33.24 3.73 1.69
C PHE A 481 -34.79 3.60 1.88
N ILE A 482 -35.59 4.03 0.92
CA ILE A 482 -37.08 4.06 1.02
C ILE A 482 -37.65 2.63 0.88
N GLU A 483 -37.24 1.87 -0.11
CA GLU A 483 -37.89 0.58 -0.48
C GLU A 483 -37.24 -0.57 0.29
N ASP A 484 -35.91 -0.65 0.42
CA ASP A 484 -35.26 -1.83 1.05
C ASP A 484 -35.08 -1.61 2.54
N CYS A 485 -35.00 -0.36 3.02
CA CYS A 485 -34.70 -0.04 4.44
C CYS A 485 -35.91 0.63 5.14
N HIS A 486 -36.92 1.06 4.39
CA HIS A 486 -38.20 1.60 4.94
C HIS A 486 -37.96 2.92 5.68
N ALA A 487 -36.96 3.71 5.28
CA ALA A 487 -36.79 5.07 5.81
C ALA A 487 -38.08 5.84 5.54
N ALA A 488 -38.48 6.73 6.44
CA ALA A 488 -39.72 7.54 6.29
C ALA A 488 -39.49 8.67 5.30
N ASN A 489 -38.27 9.21 5.28
CA ASN A 489 -37.99 10.50 4.59
C ASN A 489 -36.53 10.52 4.10
N VAL A 490 -36.32 10.80 2.82
CA VAL A 490 -34.96 11.10 2.24
C VAL A 490 -35.00 12.55 1.83
N VAL A 491 -34.25 13.40 2.53
CA VAL A 491 -34.09 14.81 2.16
C VAL A 491 -32.95 14.89 1.15
N LEU A 492 -33.29 15.26 -0.07
CA LEU A 492 -32.32 15.39 -1.18
C LEU A 492 -31.97 16.85 -1.26
N ILE A 493 -30.79 17.20 -0.73
CA ILE A 493 -30.26 18.59 -0.66
C ILE A 493 -29.45 18.87 -1.93
N THR A 494 -29.92 19.77 -2.79
CA THR A 494 -29.32 19.95 -4.14
C THR A 494 -28.90 21.40 -4.35
N ARG A 495 -28.11 21.62 -5.41
CA ARG A 495 -27.74 22.96 -5.89
C ARG A 495 -28.94 23.64 -6.61
N THR A 496 -29.76 22.87 -7.33
CA THR A 496 -30.88 23.41 -8.17
C THR A 496 -32.12 22.54 -8.04
N ALA A 497 -33.28 23.12 -8.27
CA ALA A 497 -34.56 22.37 -8.37
C ALA A 497 -34.44 21.31 -9.46
N GLU A 498 -33.78 21.63 -10.58
CA GLU A 498 -33.69 20.71 -11.75
C GLU A 498 -32.93 19.46 -11.31
N GLY A 499 -31.87 19.62 -10.51
CA GLY A 499 -31.15 18.43 -10.02
C GLY A 499 -32.06 17.54 -9.20
N PHE A 500 -32.91 18.13 -8.37
CA PHE A 500 -33.90 17.33 -7.61
C PHE A 500 -34.87 16.63 -8.56
N ASP A 501 -35.43 17.38 -9.52
CA ASP A 501 -36.39 16.86 -10.55
C ASP A 501 -35.80 15.64 -11.28
N ALA A 502 -34.52 15.68 -11.68
CA ALA A 502 -33.90 14.52 -12.38
C ALA A 502 -33.79 13.28 -11.51
N VAL A 503 -33.46 13.41 -10.23
CA VAL A 503 -33.43 12.21 -9.36
C VAL A 503 -34.87 11.68 -9.18
N GLU A 504 -35.79 12.59 -8.92
CA GLU A 504 -37.21 12.22 -8.67
C GLU A 504 -37.79 11.48 -9.87
N ALA A 505 -37.49 11.91 -11.11
CA ALA A 505 -37.98 11.26 -12.36
C ALA A 505 -37.50 9.82 -12.50
N GLN A 506 -36.42 9.40 -11.83
CA GLN A 506 -35.94 8.00 -11.92
C GLN A 506 -36.69 7.11 -10.94
N LEU A 507 -37.50 7.64 -10.04
CA LEU A 507 -38.13 6.81 -8.98
C LEU A 507 -39.60 6.45 -9.33
N ASP A 508 -40.06 5.25 -8.98
CA ASP A 508 -41.53 4.94 -8.95
C ASP A 508 -42.25 6.03 -8.14
N GLU A 509 -43.48 6.37 -8.53
CA GLU A 509 -44.36 7.34 -7.84
C GLU A 509 -44.49 6.96 -6.35
N ASP A 510 -44.56 5.69 -5.99
CA ASP A 510 -44.77 5.27 -4.58
C ASP A 510 -43.51 5.49 -3.73
N VAL A 511 -42.31 5.37 -4.29
CA VAL A 511 -41.02 5.70 -3.62
C VAL A 511 -40.87 7.22 -3.51
N ALA A 512 -41.15 7.93 -4.60
CA ALA A 512 -40.97 9.39 -4.72
C ALA A 512 -41.79 10.12 -3.65
N GLN A 513 -42.83 9.46 -3.12
CA GLN A 513 -43.66 10.03 -2.02
C GLN A 513 -42.83 10.28 -0.76
N SER A 514 -41.73 9.56 -0.58
CA SER A 514 -40.86 9.69 0.62
C SER A 514 -39.63 10.57 0.36
N LEU A 515 -39.59 11.30 -0.75
CA LEU A 515 -38.45 12.16 -1.16
C LEU A 515 -38.83 13.62 -0.93
N THR A 516 -38.03 14.38 -0.20
CA THR A 516 -38.17 15.82 0.11
C THR A 516 -37.05 16.61 -0.55
N SER A 517 -37.40 17.72 -1.19
CA SER A 517 -36.47 18.66 -1.84
C SER A 517 -36.04 19.71 -0.83
N LEU A 518 -34.73 19.95 -0.72
CA LEU A 518 -34.24 21.21 -0.14
C LEU A 518 -33.14 21.71 -1.06
N VAL A 519 -33.37 22.87 -1.68
CA VAL A 519 -32.40 23.52 -2.62
C VAL A 519 -31.55 24.49 -1.82
N VAL A 520 -30.22 24.38 -1.94
CA VAL A 520 -29.31 25.29 -1.17
C VAL A 520 -29.61 26.73 -1.59
N SER A 521 -29.77 27.63 -0.62
CA SER A 521 -30.09 29.04 -0.93
C SER A 521 -28.91 29.95 -0.60
N SER A 522 -28.15 29.59 0.42
CA SER A 522 -26.92 30.32 0.81
C SER A 522 -25.75 29.32 0.77
N ASP A 523 -25.50 28.62 1.87
CA ASP A 523 -24.41 27.60 1.88
C ASP A 523 -24.95 26.26 2.38
N ILE A 524 -24.16 25.21 2.25
CA ILE A 524 -24.57 23.85 2.67
C ILE A 524 -24.87 23.80 4.18
N GLU A 525 -24.10 24.52 5.00
CA GLU A 525 -24.28 24.53 6.48
C GLU A 525 -25.67 25.09 6.80
N ALA A 526 -26.07 26.16 6.13
CA ALA A 526 -27.42 26.77 6.29
C ALA A 526 -28.50 25.79 5.82
N ALA A 527 -28.27 25.08 4.72
CA ALA A 527 -29.25 24.12 4.18
C ALA A 527 -29.40 22.96 5.16
N MET A 528 -28.31 22.51 5.78
CA MET A 528 -28.36 21.45 6.82
C MET A 528 -29.12 21.98 8.05
N ASP A 529 -28.86 23.21 8.46
CA ASP A 529 -29.54 23.75 9.67
C ASP A 529 -31.06 23.84 9.41
N GLU A 530 -31.43 24.24 8.20
CA GLU A 530 -32.82 24.29 7.71
C GLU A 530 -33.44 22.89 7.66
N ALA A 531 -32.77 21.92 7.01
CA ALA A 531 -33.28 20.53 6.95
C ALA A 531 -33.54 20.03 8.38
N LEU A 532 -32.64 20.32 9.31
CA LEU A 532 -32.71 19.85 10.71
C LEU A 532 -33.97 20.47 11.35
N SER A 533 -34.13 21.78 11.20
CA SER A 533 -35.20 22.61 11.80
C SER A 533 -36.57 22.10 11.26
N GLN A 534 -36.65 21.73 9.99
CA GLN A 534 -37.93 21.38 9.32
C GLN A 534 -38.27 19.94 9.64
N TRP A 535 -37.36 19.02 9.37
CA TRP A 535 -37.69 17.58 9.28
C TRP A 535 -36.98 16.73 10.31
N GLY A 536 -36.14 17.29 11.17
CA GLY A 536 -35.61 16.59 12.34
C GLY A 536 -34.23 15.95 12.09
N ARG A 537 -33.75 15.23 13.07
CA ARG A 537 -32.36 14.76 13.11
C ARG A 537 -32.24 13.58 12.15
N PRO A 538 -31.27 13.60 11.21
CA PRO A 538 -31.06 12.44 10.33
C PRO A 538 -30.32 11.30 11.03
N THR A 539 -30.49 10.07 10.52
CA THR A 539 -29.78 8.85 10.93
C THR A 539 -28.57 8.59 10.00
N THR A 540 -28.64 9.01 8.75
CA THR A 540 -27.58 8.87 7.75
C THR A 540 -27.48 10.17 6.98
N ILE A 541 -26.24 10.64 6.76
CA ILE A 541 -25.95 11.76 5.82
C ILE A 541 -24.97 11.26 4.76
N LEU A 542 -25.39 11.23 3.49
CA LEU A 542 -24.52 10.88 2.37
C LEU A 542 -24.12 12.20 1.71
N SER A 543 -22.83 12.52 1.73
CA SER A 543 -22.21 13.69 1.07
C SER A 543 -21.63 13.30 -0.28
N THR A 544 -22.13 13.88 -1.38
CA THR A 544 -21.58 13.68 -2.74
C THR A 544 -21.27 15.06 -3.30
N PRO A 545 -20.25 15.19 -4.16
CA PRO A 545 -19.87 16.50 -4.69
C PRO A 545 -20.97 16.99 -5.65
N PHE A 546 -21.24 18.28 -5.67
CA PHE A 546 -22.25 18.88 -6.54
C PHE A 546 -21.80 18.92 -8.02
N THR A 547 -20.51 18.92 -8.33
CA THR A 547 -20.01 19.15 -9.71
C THR A 547 -19.11 17.97 -10.12
N ALA A 548 -19.10 17.71 -11.40
CA ALA A 548 -18.25 16.71 -12.05
C ALA A 548 -16.82 17.27 -12.12
N LEU A 549 -15.82 16.41 -12.14
CA LEU A 549 -14.41 16.78 -12.34
C LEU A 549 -14.23 17.30 -13.77
N PRO A 550 -13.30 18.26 -13.94
CA PRO A 550 -12.85 18.65 -15.26
C PRO A 550 -12.04 17.52 -15.93
N GLY A 551 -11.93 17.61 -17.24
CA GLY A 551 -11.29 16.61 -18.10
C GLY A 551 -10.00 17.18 -18.62
N LYS A 552 -9.18 17.76 -17.75
CA LYS A 552 -7.86 18.27 -18.18
C LYS A 552 -6.94 18.50 -16.98
N LEU A 553 -5.66 18.70 -17.26
CA LEU A 553 -4.60 18.86 -16.26
C LEU A 553 -3.43 19.64 -16.85
N PHE A 554 -2.44 18.99 -17.47
CA PHE A 554 -1.24 19.71 -17.95
C PHE A 554 -1.22 19.92 -19.48
N GLU A 555 -2.31 19.64 -20.18
CA GLU A 555 -2.31 19.76 -21.66
C GLU A 555 -1.91 21.18 -22.04
N ALA A 556 -1.02 21.29 -23.01
CA ALA A 556 -0.54 22.60 -23.48
C ALA A 556 -1.72 23.42 -24.05
N GLN A 557 -2.62 22.77 -24.78
CA GLN A 557 -3.77 23.45 -25.44
C GLN A 557 -4.77 24.08 -24.44
N ASP A 558 -5.12 23.36 -23.37
CA ASP A 558 -6.18 23.79 -22.42
C ASP A 558 -5.87 23.14 -21.07
N PRO A 559 -4.90 23.69 -20.32
CA PRO A 559 -4.54 23.11 -19.02
C PRO A 559 -5.60 23.46 -17.96
N LEU A 560 -5.52 22.72 -16.87
CA LEU A 560 -6.35 23.02 -15.71
C LEU A 560 -5.63 24.19 -15.03
N THR A 561 -6.27 25.35 -14.95
CA THR A 561 -5.62 26.53 -14.33
C THR A 561 -5.59 26.40 -12.82
N PRO A 562 -4.74 27.15 -12.10
CA PRO A 562 -4.71 27.08 -10.63
C PRO A 562 -6.10 27.43 -10.06
N ASP A 563 -6.79 28.39 -10.66
CA ASP A 563 -8.15 28.74 -10.18
C ASP A 563 -9.10 27.55 -10.37
N GLU A 564 -9.02 26.88 -11.51
CA GLU A 564 -9.87 25.68 -11.78
C GLU A 564 -9.50 24.59 -10.78
N PHE A 565 -8.21 24.40 -10.54
CA PHE A 565 -7.74 23.41 -9.54
C PHE A 565 -8.25 23.77 -8.12
N ARG A 566 -8.16 25.04 -7.74
CA ARG A 566 -8.73 25.55 -6.48
C ARG A 566 -10.24 25.23 -6.40
N GLU A 567 -10.99 25.34 -7.49
CA GLU A 567 -12.43 24.98 -7.50
C GLU A 567 -12.57 23.46 -7.35
N VAL A 568 -11.68 22.64 -7.94
CA VAL A 568 -11.75 21.17 -7.72
C VAL A 568 -11.61 20.86 -6.21
N VAL A 569 -10.62 21.47 -5.56
CA VAL A 569 -10.38 21.37 -4.10
C VAL A 569 -11.65 21.82 -3.35
N ALA A 570 -12.25 22.96 -3.70
CA ALA A 570 -13.47 23.50 -3.02
C ALA A 570 -14.63 22.52 -3.18
N ASP A 571 -14.81 21.96 -4.36
CA ASP A 571 -15.97 21.13 -4.69
C ASP A 571 -15.83 19.69 -4.15
N ASN A 572 -14.59 19.20 -4.00
CA ASN A 572 -14.37 17.76 -3.68
C ASN A 572 -13.70 17.49 -2.33
N LEU A 573 -13.19 18.52 -1.68
CA LEU A 573 -12.56 18.33 -0.36
C LEU A 573 -13.24 19.25 0.63
N THR A 574 -13.21 20.55 0.36
CA THR A 574 -13.81 21.54 1.29
C THR A 574 -15.29 21.26 1.47
N HIS A 575 -15.99 20.95 0.39
CA HIS A 575 -17.41 20.53 0.41
C HIS A 575 -17.69 19.48 1.50
N HIS A 576 -16.92 18.41 1.52
CA HIS A 576 -17.11 17.34 2.52
C HIS A 576 -16.77 17.86 3.92
N PHE A 577 -15.78 18.74 4.05
CA PHE A 577 -15.40 19.34 5.35
C PHE A 577 -16.62 20.08 5.90
N ARG A 578 -17.26 20.85 5.02
CA ARG A 578 -18.37 21.79 5.38
C ARG A 578 -19.60 20.98 5.79
N VAL A 579 -19.89 19.85 5.15
CA VAL A 579 -20.95 18.90 5.58
C VAL A 579 -20.52 18.27 6.91
N SER A 580 -19.30 17.74 6.99
CA SER A 580 -18.78 16.97 8.14
C SER A 580 -18.81 17.79 9.42
N ARG A 581 -18.52 19.08 9.32
CA ARG A 581 -18.46 19.95 10.53
C ARG A 581 -19.83 19.99 11.22
N ARG A 582 -20.93 19.97 10.47
CA ARG A 582 -22.30 19.90 11.04
C ARG A 582 -22.71 18.46 11.42
N ALA A 583 -22.47 17.50 10.55
CA ALA A 583 -22.94 16.11 10.75
C ALA A 583 -22.33 15.51 12.02
N SER A 584 -21.11 15.93 12.33
CA SER A 584 -20.31 15.34 13.43
C SER A 584 -20.88 15.76 14.79
N LEU A 585 -21.87 16.65 14.80
CA LEU A 585 -22.55 17.10 16.04
C LEU A 585 -23.94 16.48 16.19
N TYR A 586 -24.32 15.48 15.38
CA TYR A 586 -25.69 14.89 15.36
C TYR A 586 -25.68 13.51 16.04
N ASP A 587 -26.30 13.39 17.23
CA ASP A 587 -26.47 12.10 17.96
C ASP A 587 -27.06 11.05 17.02
N ASP A 588 -26.52 9.83 17.01
CA ASP A 588 -27.10 8.64 16.34
C ASP A 588 -27.09 8.79 14.81
N CYS A 589 -26.30 9.70 14.27
CA CYS A 589 -26.09 9.87 12.82
C CYS A 589 -24.81 9.16 12.36
N GLN A 590 -24.82 8.63 11.16
CA GLN A 590 -23.67 8.00 10.45
C GLN A 590 -23.38 8.90 9.25
N LEU A 591 -22.13 9.27 9.01
CA LEU A 591 -21.70 10.17 7.90
C LEU A 591 -20.97 9.34 6.85
N VAL A 592 -21.35 9.54 5.59
CA VAL A 592 -20.78 8.83 4.42
C VAL A 592 -20.31 9.89 3.43
N LEU A 593 -19.02 9.91 3.12
CA LEU A 593 -18.41 10.82 2.16
C LEU A 593 -18.13 10.07 0.85
N THR A 594 -18.47 10.66 -0.30
CA THR A 594 -18.33 9.99 -1.61
C THR A 594 -17.26 10.74 -2.40
N SER A 595 -16.29 10.03 -2.92
CA SER A 595 -15.25 10.65 -3.77
C SER A 595 -15.74 10.57 -5.22
N PRO A 596 -15.08 11.28 -6.17
CA PRO A 596 -15.64 11.47 -7.50
C PRO A 596 -15.82 10.25 -8.41
N ASP A 597 -16.82 10.32 -9.30
N ASP A 597 -16.81 10.38 -9.31
CA ASP A 597 -16.95 9.36 -10.43
CA ASP A 597 -17.04 9.47 -10.46
C ASP A 597 -16.27 9.93 -11.68
C ASP A 597 -16.25 9.94 -11.69
N VAL A 598 -16.14 9.09 -12.71
CA VAL A 598 -15.63 9.45 -14.06
C VAL A 598 -16.63 8.90 -15.08
N ALA A 599 -17.04 9.69 -16.07
CA ALA A 599 -18.05 9.23 -17.05
C ALA A 599 -17.52 8.02 -17.83
N MET A 600 -18.41 7.10 -18.17
CA MET A 600 -17.99 5.86 -18.85
C MET A 600 -17.40 6.22 -20.22
N GLY A 601 -16.29 5.61 -20.62
CA GLY A 601 -15.65 5.97 -21.89
C GLY A 601 -14.70 7.15 -21.79
N ASP A 602 -14.69 7.92 -20.69
CA ASP A 602 -13.77 9.09 -20.61
C ASP A 602 -12.33 8.61 -20.64
N LYS A 603 -11.43 9.29 -21.33
CA LYS A 603 -9.99 8.92 -21.29
C LYS A 603 -9.11 10.11 -20.91
N SER A 604 -9.70 11.10 -20.26
CA SER A 604 -9.05 12.38 -19.88
C SER A 604 -8.32 12.22 -18.54
N PRO A 605 -7.65 13.27 -18.03
CA PRO A 605 -7.10 13.20 -16.68
C PRO A 605 -8.14 13.23 -15.56
N ALA A 606 -9.45 13.27 -15.86
CA ALA A 606 -10.49 13.14 -14.81
C ALA A 606 -10.20 11.92 -13.90
N PHE A 607 -9.77 10.82 -14.50
CA PHE A 607 -9.48 9.58 -13.75
C PHE A 607 -8.36 9.84 -12.74
N ALA A 608 -7.33 10.58 -13.14
CA ALA A 608 -6.19 10.90 -12.25
C ALA A 608 -6.67 11.87 -11.17
N LEU A 609 -7.53 12.83 -11.50
CA LEU A 609 -8.08 13.77 -10.49
C LEU A 609 -8.95 13.00 -9.47
N ALA A 610 -9.71 12.00 -9.90
CA ALA A 610 -10.60 11.19 -9.05
C ALA A 610 -9.72 10.46 -8.02
N ASN A 611 -8.62 9.84 -8.47
CA ASN A 611 -7.64 9.12 -7.59
C ASN A 611 -6.90 10.11 -6.67
N PHE A 612 -6.58 11.31 -7.13
CA PHE A 612 -6.01 12.38 -6.27
C PHE A 612 -6.98 12.68 -5.12
N ILE A 613 -8.26 12.87 -5.46
CA ILE A 613 -9.27 13.20 -4.44
C ILE A 613 -9.45 11.99 -3.51
N LYS A 614 -9.58 10.76 -4.01
CA LYS A 614 -9.77 9.58 -3.14
C LYS A 614 -8.69 9.56 -2.03
N THR A 615 -7.42 9.63 -2.39
CA THR A 615 -6.27 9.62 -1.43
C THR A 615 -6.38 10.78 -0.45
N THR A 616 -6.58 11.96 -0.95
CA THR A 616 -6.57 13.20 -0.12
C THR A 616 -7.77 13.19 0.85
N LEU A 617 -8.95 12.79 0.40
CA LEU A 617 -10.19 12.73 1.22
C LEU A 617 -10.03 11.65 2.30
N HIS A 618 -9.25 10.61 2.04
CA HIS A 618 -9.06 9.49 2.99
C HIS A 618 -8.31 10.04 4.21
N ALA A 619 -7.40 11.00 4.03
CA ALA A 619 -6.69 11.65 5.16
C ALA A 619 -7.75 12.29 6.05
N PHE A 620 -8.74 12.94 5.43
CA PHE A 620 -9.83 13.64 6.16
C PHE A 620 -10.70 12.62 6.90
N THR A 621 -11.17 11.61 6.18
CA THR A 621 -12.00 10.49 6.69
C THR A 621 -11.31 9.83 7.89
N ALA A 622 -10.03 9.45 7.76
CA ALA A 622 -9.27 8.78 8.84
C ALA A 622 -9.17 9.71 10.07
N THR A 623 -8.89 11.01 9.87
CA THR A 623 -8.67 11.96 10.95
C THR A 623 -9.98 12.26 11.68
N LEU A 624 -11.03 12.50 10.90
CA LEU A 624 -12.36 12.80 11.45
C LEU A 624 -12.88 11.60 12.22
N ALA A 625 -12.72 10.37 11.77
CA ALA A 625 -13.25 9.20 12.49
C ALA A 625 -12.68 9.17 13.93
N VAL A 626 -11.39 9.48 14.10
CA VAL A 626 -10.68 9.48 15.42
C VAL A 626 -11.15 10.66 16.25
N GLU A 627 -11.27 11.85 15.66
CA GLU A 627 -11.75 13.03 16.44
C GLU A 627 -13.17 12.77 16.93
N ASN A 628 -14.02 12.21 16.07
CA ASN A 628 -15.46 12.05 16.39
C ASN A 628 -15.63 11.07 17.56
N GLU A 629 -14.80 10.03 17.66
CA GLU A 629 -14.82 9.07 18.82
C GLU A 629 -14.53 9.81 20.13
N ARG A 630 -13.80 10.92 20.11
CA ARG A 630 -13.45 11.73 21.31
C ARG A 630 -14.59 12.66 21.69
N LEU A 631 -15.51 12.89 20.76
CA LEU A 631 -16.66 13.78 20.97
C LEU A 631 -17.79 12.97 21.58
N VAL A 632 -18.65 13.63 22.34
CA VAL A 632 -19.81 12.96 22.97
C VAL A 632 -20.73 12.40 21.87
N HIS A 633 -20.88 13.05 20.70
CA HIS A 633 -21.80 12.56 19.64
C HIS A 633 -21.34 11.25 18.97
N ASP A 634 -20.03 10.96 18.89
CA ASP A 634 -19.46 9.65 18.48
C ASP A 634 -19.93 9.30 17.05
N VAL A 635 -19.94 10.27 16.14
CA VAL A 635 -20.47 10.06 14.76
C VAL A 635 -19.45 9.27 13.95
N PRO A 636 -19.80 8.07 13.47
CA PRO A 636 -18.98 7.36 12.51
C PRO A 636 -18.91 8.09 11.15
N VAL A 637 -17.75 7.99 10.54
CA VAL A 637 -17.46 8.57 9.20
C VAL A 637 -16.76 7.48 8.40
N ASN A 638 -17.27 7.24 7.20
CA ASN A 638 -16.70 6.30 6.23
C ASN A 638 -16.75 6.92 4.81
N GLN A 639 -15.88 6.45 3.94
CA GLN A 639 -15.73 6.99 2.57
C GLN A 639 -16.07 5.90 1.57
N ILE A 640 -16.84 6.26 0.54
CA ILE A 640 -17.10 5.37 -0.63
C ILE A 640 -16.53 6.04 -1.89
N ASN A 641 -15.81 5.26 -2.69
CA ASN A 641 -15.13 5.78 -3.91
C ASN A 641 -15.88 5.23 -5.15
N LEU A 642 -16.25 6.13 -6.06
CA LEU A 642 -16.94 5.81 -7.31
C LEU A 642 -15.93 5.55 -8.42
N THR A 643 -14.63 5.76 -8.17
CA THR A 643 -13.64 5.50 -9.22
C THR A 643 -12.66 4.46 -8.69
N ARG A 644 -12.35 3.49 -9.54
CA ARG A 644 -11.38 2.42 -9.25
C ARG A 644 -9.96 2.96 -9.41
N ARG A 645 -9.00 2.22 -8.85
CA ARG A 645 -7.57 2.54 -8.99
C ARG A 645 -7.08 2.19 -10.40
N VAL A 646 -7.64 1.14 -11.00
CA VAL A 646 -7.17 0.57 -12.30
C VAL A 646 -8.16 1.02 -13.38
N GLN A 647 -7.75 1.83 -14.34
CA GLN A 647 -8.70 2.43 -15.32
C GLN A 647 -9.37 1.34 -16.18
N SER A 648 -8.71 0.22 -16.49
CA SER A 648 -9.28 -0.85 -17.35
C SER A 648 -10.34 -1.60 -16.54
N GLU A 649 -10.39 -1.42 -15.21
CA GLU A 649 -11.43 -2.08 -14.38
C GLU A 649 -12.70 -1.22 -14.26
N GLU A 650 -12.70 0.02 -14.74
CA GLU A 650 -13.92 0.89 -14.72
C GLU A 650 -15.03 0.26 -15.58
N PRO A 651 -16.31 0.48 -15.22
CA PRO A 651 -17.44 0.06 -16.07
C PRO A 651 -17.23 0.45 -17.54
N ARG A 652 -17.44 -0.50 -18.44
CA ARG A 652 -17.17 -0.35 -19.89
C ARG A 652 -18.47 -0.32 -20.68
N ASP A 653 -19.58 -0.81 -20.16
CA ASP A 653 -20.89 -0.75 -20.88
C ASP A 653 -22.03 -0.40 -19.89
N LEU A 654 -23.25 -0.24 -20.41
CA LEU A 654 -24.47 0.05 -19.62
C LEU A 654 -24.65 -0.95 -18.48
N ASP A 655 -24.56 -2.25 -18.75
CA ASP A 655 -24.76 -3.32 -17.73
C ASP A 655 -23.79 -3.13 -16.56
N GLU A 656 -22.53 -2.85 -16.85
CA GLU A 656 -21.50 -2.69 -15.79
C GLU A 656 -21.79 -1.39 -15.04
N HIS A 657 -22.21 -0.32 -15.73
CA HIS A 657 -22.65 0.93 -15.07
C HIS A 657 -23.79 0.66 -14.07
N LEU A 658 -24.83 -0.10 -14.46
CA LEU A 658 -26.03 -0.29 -13.62
C LEU A 658 -25.65 -1.15 -12.43
N GLU A 659 -24.77 -2.14 -12.62
CA GLU A 659 -24.20 -2.98 -11.55
C GLU A 659 -23.46 -2.08 -10.51
N GLU A 660 -22.62 -1.14 -10.98
CA GLU A 660 -21.87 -0.26 -10.06
C GLU A 660 -22.82 0.65 -9.26
N VAL A 661 -23.82 1.19 -9.92
CA VAL A 661 -24.89 2.04 -9.34
C VAL A 661 -25.56 1.24 -8.23
N ARG A 662 -25.92 -0.02 -8.46
CA ARG A 662 -26.58 -0.85 -7.41
C ARG A 662 -25.57 -1.12 -6.28
N ARG A 663 -24.31 -1.40 -6.61
CA ARG A 663 -23.29 -1.71 -5.58
C ARG A 663 -23.01 -0.45 -4.75
N PHE A 664 -23.00 0.73 -5.36
CA PHE A 664 -22.84 1.99 -4.60
C PHE A 664 -23.89 2.07 -3.48
N ALA A 665 -25.16 1.85 -3.79
CA ALA A 665 -26.29 2.00 -2.83
C ALA A 665 -26.16 0.95 -1.71
N ARG A 666 -25.73 -0.26 -2.04
CA ARG A 666 -25.42 -1.29 -1.02
C ARG A 666 -24.27 -0.83 -0.14
N ALA A 667 -23.22 -0.21 -0.68
CA ALA A 667 -22.07 0.30 0.11
C ALA A 667 -22.55 1.40 1.05
N VAL A 668 -23.47 2.28 0.62
CA VAL A 668 -23.98 3.38 1.46
C VAL A 668 -24.77 2.74 2.61
N LEU A 669 -25.58 1.71 2.35
CA LEU A 669 -26.33 1.01 3.43
C LEU A 669 -25.37 0.38 4.44
N LEU A 670 -24.33 -0.30 3.97
CA LEU A 670 -23.32 -0.97 4.83
C LEU A 670 -22.76 0.01 5.87
N VAL A 671 -22.40 1.24 5.46
CA VAL A 671 -21.74 2.21 6.39
C VAL A 671 -22.75 3.22 6.89
N GLY A 672 -23.97 3.25 6.34
CA GLY A 672 -24.97 4.29 6.71
C GLY A 672 -25.96 3.82 7.76
N ALA A 673 -26.25 2.51 7.81
CA ALA A 673 -27.16 1.91 8.82
C ALA A 673 -26.48 1.91 10.20
N PRO A 674 -27.22 1.87 11.33
CA PRO A 674 -26.58 1.89 12.65
C PRO A 674 -25.52 0.78 12.68
N LEU A 675 -24.30 1.13 13.11
CA LEU A 675 -23.07 0.30 13.09
C LEU A 675 -22.91 -0.68 14.27
N PRO A 676 -21.97 -1.65 14.19
CA PRO A 676 -21.68 -2.62 15.27
C PRO A 676 -20.95 -1.97 16.47
N ASP A 677 -21.32 -2.36 17.68
CA ASP A 677 -20.78 -1.80 18.96
C ASP A 677 -19.41 -2.44 19.20
N ALA A 678 -18.46 -1.68 19.76
CA ALA A 678 -17.12 -2.21 20.06
C ALA A 678 -17.34 -3.38 21.02
N GLU A 679 -18.36 -3.26 21.87
CA GLU A 679 -18.68 -4.31 22.85
C GLU A 679 -19.01 -5.61 22.12
N ASP A 680 -19.74 -5.56 21.02
CA ASP A 680 -20.07 -6.82 20.29
C ASP A 680 -18.79 -7.45 19.72
N SER A 681 -17.92 -6.65 19.09
CA SER A 681 -16.64 -7.12 18.50
C SER A 681 -15.68 -5.94 18.30
N ARG A 682 -14.49 -6.03 18.86
CA ARG A 682 -13.45 -4.97 18.72
C ARG A 682 -13.05 -4.86 17.24
N TYR A 683 -12.91 -6.00 16.58
CA TYR A 683 -12.49 -6.18 15.16
C TYR A 683 -13.51 -5.48 14.26
N ARG A 684 -14.78 -5.84 14.40
CA ARG A 684 -15.90 -5.35 13.55
C ARG A 684 -16.10 -3.84 13.81
N ALA A 685 -16.01 -3.38 15.05
CA ALA A 685 -16.14 -1.93 15.41
C ALA A 685 -15.13 -1.12 14.60
N ARG A 686 -13.87 -1.54 14.62
CA ARG A 686 -12.75 -0.88 13.90
C ARG A 686 -12.98 -0.88 12.37
N ILE A 687 -13.40 -2.00 11.78
CA ILE A 687 -13.69 -2.08 10.31
C ILE A 687 -14.64 -0.93 9.86
N TYR A 688 -15.64 -0.58 10.67
CA TYR A 688 -16.75 0.31 10.27
C TYR A 688 -16.50 1.77 10.66
N ARG A 689 -15.26 2.16 10.91
CA ARG A 689 -14.88 3.54 11.28
C ARG A 689 -13.69 3.99 10.45
N GLY A 690 -13.88 5.05 9.69
CA GLY A 690 -12.77 5.60 8.90
C GLY A 690 -12.38 4.73 7.72
N MET A 691 -13.25 3.89 7.20
CA MET A 691 -12.85 3.04 6.06
C MET A 691 -12.95 3.85 4.76
N SER A 692 -12.17 3.47 3.76
CA SER A 692 -12.34 3.92 2.35
C SER A 692 -12.69 2.69 1.51
N MET A 693 -13.87 2.64 0.93
CA MET A 693 -14.34 1.44 0.21
C MET A 693 -14.67 1.85 -1.22
N THR A 694 -14.14 1.08 -2.17
CA THR A 694 -14.30 1.35 -3.60
C THR A 694 -15.34 0.37 -4.15
N VAL A 695 -16.32 0.87 -4.90
CA VAL A 695 -17.37 -0.02 -5.47
C VAL A 695 -17.01 -0.36 -6.93
N PHE B 34 30.41 14.05 -14.11
CA PHE B 34 29.75 13.30 -12.98
C PHE B 34 30.75 12.39 -12.25
N SER B 35 31.26 11.35 -12.93
CA SER B 35 31.96 10.17 -12.35
C SER B 35 33.33 10.56 -11.75
N GLU B 36 33.86 11.75 -12.07
CA GLU B 36 35.15 12.25 -11.49
C GLU B 36 34.90 13.19 -10.29
N ASN B 37 33.65 13.52 -9.94
CA ASN B 37 33.37 14.65 -9.00
C ASN B 37 32.43 14.22 -7.83
N ILE B 38 32.50 12.96 -7.38
CA ILE B 38 31.66 12.45 -6.24
C ILE B 38 32.59 11.88 -5.17
N THR B 39 33.89 12.23 -5.21
CA THR B 39 34.96 11.57 -4.40
C THR B 39 34.59 11.73 -2.92
N GLY B 40 33.68 12.64 -2.59
CA GLY B 40 33.35 12.91 -1.18
C GLY B 40 32.17 12.12 -0.68
N LEU B 41 31.46 11.38 -1.54
CA LEU B 41 30.11 10.90 -1.18
C LEU B 41 30.23 9.74 -0.18
N HIS B 42 31.18 8.82 -0.38
CA HIS B 42 31.30 7.52 0.36
C HIS B 42 32.73 7.28 0.86
N LEU B 43 33.47 8.36 1.15
CA LEU B 43 34.94 8.27 1.37
C LEU B 43 35.24 7.38 2.57
N GLY B 44 36.00 6.32 2.35
CA GLY B 44 36.37 5.39 3.42
C GLY B 44 35.30 4.35 3.75
N LYS B 45 34.09 4.44 3.19
CA LYS B 45 33.04 3.42 3.46
C LYS B 45 33.43 2.09 2.79
N VAL B 46 33.29 0.96 3.47
CA VAL B 46 33.58 -0.39 2.92
C VAL B 46 32.27 -1.09 2.50
N ALA B 47 32.18 -1.53 1.26
CA ALA B 47 31.01 -2.23 0.68
C ALA B 47 31.36 -3.65 0.22
N LEU B 48 30.53 -4.60 0.62
CA LEU B 48 30.51 -5.97 0.06
C LEU B 48 29.35 -6.02 -0.90
N ILE B 49 29.62 -6.31 -2.17
CA ILE B 49 28.61 -6.38 -3.26
C ILE B 49 28.64 -7.78 -3.80
N THR B 50 27.53 -8.49 -3.69
CA THR B 50 27.37 -9.79 -4.37
C THR B 50 26.99 -9.55 -5.83
N GLY B 51 27.38 -10.47 -6.69
CA GLY B 51 27.27 -10.29 -8.15
C GLY B 51 27.85 -8.99 -8.59
N GLY B 52 29.08 -8.70 -8.16
CA GLY B 52 29.71 -7.38 -8.35
C GLY B 52 30.51 -7.29 -9.64
N SER B 53 30.42 -8.25 -10.55
CA SER B 53 31.29 -8.30 -11.75
C SER B 53 30.63 -7.73 -13.00
N ALA B 54 29.31 -7.57 -13.07
CA ALA B 54 28.61 -7.16 -14.29
C ALA B 54 27.25 -6.58 -13.92
N GLY B 55 26.55 -6.02 -14.88
CA GLY B 55 25.18 -5.52 -14.67
C GLY B 55 25.18 -4.47 -13.57
N ILE B 56 24.07 -4.38 -12.85
CA ILE B 56 23.85 -3.31 -11.83
C ILE B 56 24.97 -3.41 -10.81
N GLY B 57 25.30 -4.63 -10.37
CA GLY B 57 26.28 -4.83 -9.30
C GLY B 57 27.63 -4.23 -9.67
N GLY B 58 28.05 -4.48 -10.91
CA GLY B 58 29.34 -4.01 -11.45
C GLY B 58 29.37 -2.50 -11.54
N GLN B 59 28.25 -1.89 -11.92
CA GLN B 59 28.15 -0.41 -11.98
C GLN B 59 28.15 0.16 -10.55
N VAL B 60 27.50 -0.49 -9.59
CA VAL B 60 27.49 -0.01 -8.18
C VAL B 60 28.92 -0.07 -7.62
N ALA B 61 29.63 -1.16 -7.90
CA ALA B 61 31.04 -1.34 -7.45
C ALA B 61 31.89 -0.18 -7.98
N ARG B 62 31.75 0.12 -9.25
CA ARG B 62 32.49 1.21 -9.93
C ARG B 62 32.15 2.56 -9.29
N LEU B 63 30.86 2.88 -9.20
CA LEU B 63 30.45 4.21 -8.65
C LEU B 63 30.78 4.33 -7.18
N LEU B 64 30.64 3.28 -6.38
CA LEU B 64 31.08 3.37 -4.96
C LEU B 64 32.58 3.69 -4.88
N ALA B 65 33.42 2.98 -5.67
CA ALA B 65 34.87 3.25 -5.76
C ALA B 65 35.13 4.72 -6.13
N LEU B 66 34.50 5.22 -7.20
CA LEU B 66 34.65 6.62 -7.69
C LEU B 66 34.24 7.60 -6.60
N ALA B 67 33.32 7.19 -5.73
CA ALA B 67 32.80 8.02 -4.62
C ALA B 67 33.67 7.82 -3.39
N GLY B 68 34.86 7.20 -3.51
CA GLY B 68 35.84 7.12 -2.40
C GLY B 68 35.67 5.87 -1.53
N GLY B 69 34.79 4.96 -1.91
CA GLY B 69 34.51 3.75 -1.12
C GLY B 69 35.56 2.68 -1.40
N LYS B 70 35.72 1.76 -0.47
CA LYS B 70 36.47 0.52 -0.68
C LYS B 70 35.44 -0.58 -0.95
N VAL B 71 35.70 -1.38 -1.94
CA VAL B 71 34.75 -2.40 -2.42
C VAL B 71 35.42 -3.77 -2.46
N MET B 72 34.69 -4.76 -1.95
CA MET B 72 34.89 -6.20 -2.19
C MET B 72 33.78 -6.65 -3.13
N MET B 73 34.16 -6.93 -4.37
CA MET B 73 33.26 -7.44 -5.43
C MET B 73 33.35 -8.95 -5.41
N VAL B 74 32.22 -9.64 -5.32
CA VAL B 74 32.22 -11.11 -5.29
C VAL B 74 31.22 -11.63 -6.30
N ALA B 75 31.56 -12.78 -6.88
CA ALA B 75 30.79 -13.45 -7.95
C ALA B 75 31.39 -14.82 -8.24
N ARG B 76 30.82 -15.58 -9.17
CA ARG B 76 31.29 -16.95 -9.46
C ARG B 76 32.56 -16.86 -10.31
N ARG B 77 32.48 -16.20 -11.47
CA ARG B 77 33.56 -16.21 -12.49
C ARG B 77 34.67 -15.18 -12.23
N GLU B 78 35.89 -15.71 -12.13
CA GLU B 78 37.12 -14.91 -11.93
C GLU B 78 37.38 -13.98 -13.13
N SER B 79 37.13 -14.44 -14.35
CA SER B 79 37.48 -13.59 -15.52
C SER B 79 36.71 -12.27 -15.56
N GLU B 80 35.39 -12.31 -15.38
CA GLU B 80 34.59 -11.06 -15.37
C GLU B 80 35.03 -10.19 -14.19
N LEU B 81 35.28 -10.81 -13.05
CA LEU B 81 35.70 -10.08 -11.83
C LEU B 81 37.02 -9.35 -12.07
N ALA B 82 38.00 -10.02 -12.66
CA ALA B 82 39.34 -9.43 -12.89
C ALA B 82 39.26 -8.24 -13.86
N VAL B 83 38.54 -8.41 -14.96
CA VAL B 83 38.37 -7.32 -15.95
C VAL B 83 37.62 -6.15 -15.33
N ALA B 84 36.54 -6.43 -14.59
CA ALA B 84 35.75 -5.34 -13.97
C ALA B 84 36.63 -4.57 -12.97
N ARG B 85 37.36 -5.27 -12.13
CA ARG B 85 38.21 -4.62 -11.10
C ARG B 85 39.32 -3.79 -11.78
N ALA B 86 39.94 -4.34 -12.82
CA ALA B 86 41.03 -3.63 -13.52
C ALA B 86 40.51 -2.32 -14.10
N ARG B 87 39.31 -2.34 -14.69
CA ARG B 87 38.71 -1.11 -15.28
C ARG B 87 38.47 -0.07 -14.19
N ILE B 88 37.95 -0.48 -13.04
CA ILE B 88 37.65 0.47 -11.93
C ILE B 88 38.96 1.09 -11.44
N VAL B 89 39.99 0.27 -11.29
CA VAL B 89 41.29 0.73 -10.74
C VAL B 89 41.94 1.74 -11.71
N SER B 90 41.85 1.51 -13.01
CA SER B 90 42.26 2.46 -14.06
C SER B 90 41.59 3.82 -13.84
N GLU B 91 40.26 3.84 -13.75
CA GLU B 91 39.49 5.10 -13.56
C GLU B 91 39.90 5.78 -12.26
N LEU B 92 40.06 5.02 -11.18
CA LEU B 92 40.48 5.61 -9.88
C LEU B 92 41.81 6.35 -10.10
N GLU B 93 42.73 5.78 -10.90
CA GLU B 93 44.07 6.38 -11.18
C GLU B 93 43.89 7.75 -11.88
N ASP B 94 43.10 7.77 -12.97
CA ASP B 94 42.79 8.99 -13.77
C ASP B 94 42.15 10.07 -12.90
N ILE B 95 41.20 9.72 -12.04
CA ILE B 95 40.59 10.67 -11.07
C ILE B 95 41.69 11.27 -10.20
N GLY B 96 42.73 10.51 -9.87
CA GLY B 96 43.83 10.98 -9.04
C GLY B 96 43.79 10.40 -7.65
N PHE B 97 43.10 9.28 -7.43
CA PHE B 97 43.27 8.52 -6.17
C PHE B 97 44.72 7.99 -6.16
N ALA B 98 45.27 7.84 -4.98
CA ALA B 98 46.56 7.16 -4.75
C ALA B 98 46.23 5.87 -4.01
N GLY B 99 47.09 4.87 -4.09
CA GLY B 99 46.85 3.58 -3.43
C GLY B 99 45.60 2.93 -4.00
N VAL B 100 45.47 2.93 -5.32
CA VAL B 100 44.23 2.47 -5.99
C VAL B 100 44.06 0.94 -5.84
N GLU B 101 45.15 0.17 -5.90
CA GLU B 101 45.07 -1.31 -5.95
C GLU B 101 44.42 -1.81 -4.64
N ARG B 102 44.64 -1.13 -3.52
CA ARG B 102 44.11 -1.63 -2.23
C ARG B 102 42.65 -1.22 -1.99
N ARG B 103 42.09 -0.36 -2.84
CA ARG B 103 40.71 0.20 -2.67
C ARG B 103 39.67 -0.77 -3.23
N VAL B 104 40.05 -1.65 -4.14
CA VAL B 104 39.08 -2.55 -4.82
C VAL B 104 39.65 -3.97 -4.85
N GLN B 105 38.92 -4.90 -4.23
CA GLN B 105 39.30 -6.33 -4.10
C GLN B 105 38.17 -7.20 -4.63
N THR B 106 38.52 -8.43 -4.97
CA THR B 106 37.60 -9.40 -5.58
C THR B 106 37.72 -10.73 -4.83
N LEU B 107 36.64 -11.50 -4.85
CA LEU B 107 36.68 -12.92 -4.48
C LEU B 107 35.78 -13.66 -5.46
N ALA B 108 36.37 -14.62 -6.15
CA ALA B 108 35.68 -15.42 -7.17
C ALA B 108 35.18 -16.71 -6.53
N ASN B 109 34.43 -17.51 -7.29
CA ASN B 109 33.82 -18.78 -6.81
C ASN B 109 32.91 -18.47 -5.63
N VAL B 110 32.30 -17.28 -5.59
CA VAL B 110 31.31 -17.01 -4.51
C VAL B 110 29.93 -17.18 -5.15
N ASP B 111 29.28 -18.28 -4.80
CA ASP B 111 27.94 -18.62 -5.35
C ASP B 111 26.95 -18.39 -4.22
N VAL B 112 26.00 -17.49 -4.43
CA VAL B 112 24.98 -17.14 -3.39
C VAL B 112 24.11 -18.35 -3.03
N SER B 113 24.08 -19.42 -3.84
CA SER B 113 23.40 -20.68 -3.44
C SER B 113 24.32 -21.55 -2.59
N ASN B 114 25.59 -21.18 -2.40
CA ASN B 114 26.52 -21.95 -1.51
C ASN B 114 26.92 -21.09 -0.31
N PHE B 115 26.31 -21.35 0.85
CA PHE B 115 26.50 -20.51 2.06
C PHE B 115 27.95 -20.48 2.54
N GLU B 116 28.66 -21.59 2.40
CA GLU B 116 30.08 -21.62 2.85
C GLU B 116 30.86 -20.56 2.07
N SER B 117 30.58 -20.41 0.78
CA SER B 117 31.33 -19.44 -0.07
C SER B 117 30.95 -18.02 0.36
N LEU B 118 29.75 -17.82 0.92
CA LEU B 118 29.34 -16.45 1.36
C LEU B 118 30.07 -16.05 2.63
N LYS B 119 30.21 -16.99 3.55
CA LYS B 119 31.02 -16.78 4.80
C LYS B 119 32.45 -16.39 4.38
N GLY B 120 33.00 -17.05 3.38
CA GLY B 120 34.34 -16.70 2.80
C GLY B 120 34.37 -15.25 2.32
N ALA B 121 33.28 -14.73 1.75
CA ALA B 121 33.22 -13.35 1.24
C ALA B 121 33.27 -12.38 2.42
N VAL B 122 32.53 -12.68 3.48
CA VAL B 122 32.54 -11.80 4.68
C VAL B 122 33.95 -11.78 5.30
N ASP B 123 34.54 -12.94 5.46
CA ASP B 123 35.92 -13.11 6.02
C ASP B 123 36.92 -12.32 5.14
N ALA B 124 36.84 -12.39 3.82
CA ALA B 124 37.80 -11.70 2.92
C ALA B 124 37.62 -10.18 3.02
N THR B 125 36.38 -9.71 3.13
CA THR B 125 36.10 -8.26 3.28
C THR B 125 36.76 -7.75 4.57
N LEU B 126 36.61 -8.46 5.68
CA LEU B 126 37.15 -8.01 6.99
C LEU B 126 38.69 -8.09 6.95
N LYS B 127 39.23 -9.11 6.31
CA LYS B 127 40.70 -9.24 6.16
C LYS B 127 41.26 -8.09 5.31
N ALA B 128 40.68 -7.75 4.17
CA ALA B 128 41.18 -6.65 3.31
C ALA B 128 40.99 -5.30 3.98
N PHE B 129 39.84 -5.06 4.66
CA PHE B 129 39.41 -3.67 4.96
C PHE B 129 39.17 -3.41 6.45
N GLY B 130 39.05 -4.44 7.27
CA GLY B 130 38.96 -4.31 8.74
C GLY B 130 37.53 -4.07 9.22
N ARG B 131 36.55 -3.91 8.32
CA ARG B 131 35.16 -3.60 8.73
C ARG B 131 34.26 -3.75 7.52
N ILE B 132 32.94 -3.75 7.73
CA ILE B 132 31.95 -3.64 6.63
C ILE B 132 30.98 -2.53 7.01
N ASP B 133 30.76 -1.57 6.10
CA ASP B 133 29.79 -0.48 6.31
C ASP B 133 28.52 -0.85 5.54
N TYR B 134 28.66 -1.25 4.26
CA TYR B 134 27.49 -1.51 3.37
C TYR B 134 27.53 -2.96 2.93
N LEU B 135 26.40 -3.64 3.01
CA LEU B 135 26.18 -4.98 2.43
C LEU B 135 25.16 -4.78 1.31
N ILE B 136 25.57 -5.05 0.07
CA ILE B 136 24.68 -4.91 -1.10
C ILE B 136 24.37 -6.33 -1.61
N ASN B 137 23.15 -6.79 -1.32
CA ASN B 137 22.58 -8.09 -1.72
C ASN B 137 22.07 -7.96 -3.15
N ASN B 138 22.97 -8.07 -4.12
CA ASN B 138 22.67 -7.80 -5.52
C ASN B 138 22.50 -9.07 -6.35
N ALA B 139 23.24 -10.12 -6.08
CA ALA B 139 23.23 -11.30 -6.96
C ALA B 139 21.81 -11.87 -7.02
N GLY B 140 21.38 -12.27 -8.19
CA GLY B 140 20.03 -12.82 -8.39
C GLY B 140 20.06 -13.77 -9.56
N VAL B 141 19.45 -14.94 -9.47
CA VAL B 141 19.29 -15.84 -10.64
C VAL B 141 17.88 -15.69 -11.19
N ALA B 142 17.69 -16.04 -12.47
CA ALA B 142 16.40 -15.96 -13.21
C ALA B 142 15.45 -17.03 -12.68
N GLY B 143 16.00 -18.18 -12.34
CA GLY B 143 15.27 -19.31 -11.76
C GLY B 143 14.70 -20.22 -12.81
N ALA B 144 13.59 -20.87 -12.50
CA ALA B 144 13.15 -22.09 -13.24
C ALA B 144 12.57 -21.71 -14.61
N GLU B 145 11.87 -20.57 -14.73
CA GLU B 145 11.23 -20.14 -15.98
C GLU B 145 10.24 -21.22 -16.46
N ASP B 146 9.40 -21.66 -15.55
CA ASP B 146 8.41 -22.75 -15.77
C ASP B 146 7.16 -22.33 -15.04
N MET B 147 6.01 -22.69 -15.58
CA MET B 147 4.75 -22.65 -14.82
C MET B 147 4.92 -23.52 -13.57
N VAL B 148 4.21 -23.18 -12.52
CA VAL B 148 4.26 -23.91 -11.22
C VAL B 148 3.97 -25.40 -11.42
N VAL B 149 2.98 -25.77 -12.24
CA VAL B 149 2.68 -27.23 -12.44
C VAL B 149 3.84 -27.96 -13.13
N ASP B 150 4.76 -27.25 -13.79
CA ASP B 150 5.91 -27.87 -14.51
C ASP B 150 7.24 -27.72 -13.75
N MET B 151 7.28 -26.91 -12.70
CA MET B 151 8.54 -26.52 -12.04
C MET B 151 8.99 -27.63 -11.07
N GLY B 152 10.27 -27.94 -11.07
CA GLY B 152 10.90 -28.89 -10.12
C GLY B 152 11.13 -28.26 -8.75
N VAL B 153 11.03 -29.06 -7.69
CA VAL B 153 11.31 -28.60 -6.30
C VAL B 153 12.79 -28.19 -6.21
N ASP B 154 13.70 -28.91 -6.84
CA ASP B 154 15.14 -28.54 -6.78
C ASP B 154 15.36 -27.17 -7.45
N ALA B 155 14.68 -26.87 -8.55
CA ALA B 155 14.82 -25.56 -9.23
C ALA B 155 14.24 -24.42 -8.35
N TRP B 156 13.06 -24.60 -7.80
CA TRP B 156 12.45 -23.67 -6.83
C TRP B 156 13.45 -23.40 -5.67
N ASP B 157 13.95 -24.45 -5.04
CA ASP B 157 14.87 -24.32 -3.87
C ASP B 157 16.12 -23.53 -4.26
N TYR B 158 16.68 -23.82 -5.44
CA TYR B 158 17.86 -23.08 -5.93
C TYR B 158 17.55 -21.57 -6.00
N THR B 159 16.41 -21.18 -6.55
CA THR B 159 16.04 -19.77 -6.75
C THR B 159 15.87 -19.13 -5.38
N LEU B 160 15.14 -19.78 -4.47
CA LEU B 160 14.91 -19.20 -3.15
C LEU B 160 16.24 -19.13 -2.37
N ASP B 161 17.08 -20.15 -2.42
CA ASP B 161 18.40 -20.13 -1.74
C ASP B 161 19.28 -18.98 -2.28
N ALA B 162 19.40 -18.88 -3.60
CA ALA B 162 20.27 -17.89 -4.27
C ALA B 162 19.77 -16.46 -4.05
N ASN B 163 18.47 -16.23 -4.13
CA ASN B 163 17.91 -14.86 -4.23
C ASN B 163 17.46 -14.33 -2.87
N LEU B 164 17.10 -15.19 -1.93
CA LEU B 164 16.39 -14.77 -0.69
C LEU B 164 17.13 -15.29 0.54
N VAL B 165 17.32 -16.59 0.68
CA VAL B 165 17.92 -17.15 1.91
C VAL B 165 19.38 -16.65 2.04
N SER B 166 20.12 -16.54 0.95
CA SER B 166 21.49 -15.99 0.91
C SER B 166 21.52 -14.61 1.56
N ASN B 167 20.51 -13.78 1.32
CA ASN B 167 20.47 -12.40 1.84
C ASN B 167 20.39 -12.45 3.37
N TYR B 168 19.60 -13.38 3.89
CA TYR B 168 19.43 -13.57 5.35
C TYR B 168 20.75 -14.11 5.91
N PHE B 169 21.36 -15.07 5.21
CA PHE B 169 22.68 -15.61 5.63
C PHE B 169 23.66 -14.45 5.87
N LEU B 170 23.84 -13.56 4.90
CA LEU B 170 24.80 -12.45 5.02
C LEU B 170 24.41 -11.47 6.14
N MET B 171 23.14 -11.10 6.24
CA MET B 171 22.62 -10.23 7.31
C MET B 171 22.95 -10.84 8.69
N HIS B 172 22.72 -12.11 8.87
CA HIS B 172 23.03 -12.85 10.12
C HIS B 172 24.50 -12.64 10.50
N HIS B 173 25.44 -12.68 9.55
CA HIS B 173 26.88 -12.62 9.86
C HIS B 173 27.29 -11.16 9.98
N VAL B 174 26.68 -10.26 9.21
CA VAL B 174 27.23 -8.89 9.11
C VAL B 174 26.54 -7.96 10.10
N ALA B 175 25.23 -8.15 10.36
CA ALA B 175 24.46 -7.18 11.17
C ALA B 175 25.10 -7.01 12.56
N PRO B 176 25.48 -8.07 13.27
CA PRO B 176 26.16 -7.92 14.56
C PRO B 176 27.45 -7.07 14.51
N LEU B 177 28.24 -7.16 13.43
CA LEU B 177 29.46 -6.35 13.27
C LEU B 177 29.03 -4.89 13.12
N MET B 178 27.95 -4.65 12.37
CA MET B 178 27.50 -3.28 12.11
C MET B 178 26.94 -2.71 13.43
N LYS B 179 26.15 -3.50 14.17
CA LYS B 179 25.58 -3.01 15.45
C LYS B 179 26.74 -2.71 16.42
N ALA B 180 27.76 -3.54 16.50
CA ALA B 180 28.90 -3.33 17.43
C ALA B 180 29.65 -2.05 17.05
N GLN B 181 29.86 -1.73 15.76
CA GLN B 181 30.60 -0.49 15.39
C GLN B 181 29.68 0.74 15.46
N GLY B 182 28.37 0.57 15.64
CA GLY B 182 27.45 1.73 15.77
C GLY B 182 26.76 2.13 14.47
N SER B 183 26.93 1.43 13.34
CA SER B 183 26.37 1.90 12.05
C SER B 183 26.55 0.84 10.95
N GLY B 184 25.65 0.84 9.99
CA GLY B 184 25.76 0.04 8.78
C GLY B 184 24.55 0.25 7.92
N TYR B 185 24.64 -0.26 6.70
CA TYR B 185 23.55 -0.20 5.71
C TYR B 185 23.48 -1.52 4.93
N ILE B 186 22.36 -2.21 5.02
CA ILE B 186 22.05 -3.36 4.16
C ILE B 186 21.04 -2.91 3.11
N LEU B 187 21.37 -3.23 1.86
CA LEU B 187 20.46 -2.93 0.72
C LEU B 187 20.17 -4.22 -0.05
N ASN B 188 18.90 -4.57 -0.18
CA ASN B 188 18.52 -5.76 -0.96
C ASN B 188 18.13 -5.33 -2.38
N VAL B 189 18.71 -5.97 -3.38
CA VAL B 189 18.31 -5.64 -4.78
C VAL B 189 17.15 -6.55 -5.17
N SER B 190 15.95 -6.00 -5.06
CA SER B 190 14.69 -6.68 -5.40
C SER B 190 14.32 -6.35 -6.85
N SER B 191 13.05 -6.46 -7.17
CA SER B 191 12.59 -6.16 -8.53
C SER B 191 11.18 -5.59 -8.40
N TYR B 192 10.76 -4.86 -9.42
CA TYR B 192 9.39 -4.32 -9.55
C TYR B 192 8.38 -5.50 -9.60
N PHE B 193 8.84 -6.63 -10.14
CA PHE B 193 8.05 -7.88 -10.31
C PHE B 193 7.85 -8.66 -9.00
N GLY B 194 8.50 -8.23 -7.92
CA GLY B 194 8.31 -8.73 -6.55
C GLY B 194 7.17 -7.99 -5.87
N GLY B 195 6.59 -7.01 -6.56
CA GLY B 195 5.46 -6.21 -6.05
C GLY B 195 5.91 -5.03 -5.22
N GLU B 196 4.95 -4.39 -4.57
CA GLU B 196 5.22 -3.23 -3.69
C GLU B 196 4.37 -3.38 -2.42
N LYS B 197 4.66 -2.57 -1.41
CA LYS B 197 3.93 -2.73 -0.13
C LYS B 197 2.43 -2.59 -0.39
N TYR B 198 1.65 -3.56 0.08
CA TYR B 198 0.17 -3.66 -0.02
C TYR B 198 -0.32 -3.99 -1.44
N LEU B 199 0.58 -4.27 -2.39
CA LEU B 199 0.14 -4.50 -3.78
C LEU B 199 1.00 -5.57 -4.44
N ALA B 200 0.53 -6.80 -4.38
CA ALA B 200 1.19 -7.96 -4.98
C ALA B 200 1.13 -7.83 -6.50
N VAL B 201 2.04 -8.47 -7.23
CA VAL B 201 1.94 -8.52 -8.71
C VAL B 201 2.13 -9.96 -9.20
N ALA B 202 1.36 -10.36 -10.21
CA ALA B 202 1.49 -11.67 -10.89
C ALA B 202 2.69 -11.60 -11.81
N TYR B 203 3.55 -12.63 -11.83
CA TYR B 203 4.69 -12.76 -12.78
C TYR B 203 4.65 -14.17 -13.37
N PRO B 204 3.71 -14.44 -14.29
CA PRO B 204 3.49 -15.80 -14.76
C PRO B 204 4.75 -16.43 -15.39
N ASN B 205 4.98 -17.72 -15.17
N ASN B 205 4.94 -17.71 -15.11
CA ASN B 205 6.17 -18.50 -15.63
CA ASN B 205 6.07 -18.54 -15.59
C ASN B 205 7.36 -18.23 -14.70
C ASN B 205 7.34 -18.16 -14.78
N ARG B 206 7.24 -17.35 -13.72
CA ARG B 206 8.42 -16.89 -12.92
C ARG B 206 8.11 -16.90 -11.42
N ALA B 207 7.26 -17.80 -10.94
CA ALA B 207 6.73 -17.74 -9.56
C ALA B 207 7.88 -17.84 -8.52
N ASP B 208 8.90 -18.66 -8.76
CA ASP B 208 10.03 -18.86 -7.83
C ASP B 208 10.79 -17.51 -7.73
N TYR B 209 11.02 -16.87 -8.89
CA TYR B 209 11.68 -15.58 -8.98
C TYR B 209 10.86 -14.50 -8.27
N ALA B 210 9.56 -14.38 -8.57
CA ALA B 210 8.63 -13.36 -7.98
C ALA B 210 8.63 -13.53 -6.46
N VAL B 211 8.53 -14.77 -5.98
CA VAL B 211 8.53 -15.03 -4.49
C VAL B 211 9.85 -14.59 -3.90
N SER B 212 10.95 -14.92 -4.54
CA SER B 212 12.29 -14.57 -4.03
C SER B 212 12.49 -13.04 -3.97
N LYS B 213 12.00 -12.32 -4.96
CA LYS B 213 12.13 -10.84 -5.02
C LYS B 213 11.17 -10.17 -4.04
N ALA B 214 9.96 -10.71 -3.93
CA ALA B 214 8.94 -10.24 -2.97
C ALA B 214 9.52 -10.45 -1.55
N GLY B 215 10.16 -11.58 -1.35
CA GLY B 215 10.85 -11.93 -0.09
C GLY B 215 11.89 -10.90 0.31
N GLN B 216 12.71 -10.47 -0.64
CA GLN B 216 13.78 -9.50 -0.38
C GLN B 216 13.18 -8.21 0.17
N ARG B 217 12.05 -7.77 -0.40
CA ARG B 217 11.39 -6.52 0.00
C ARG B 217 10.70 -6.78 1.34
N ALA B 218 10.10 -7.96 1.51
CA ALA B 218 9.29 -8.25 2.71
C ALA B 218 10.21 -8.27 3.93
N MET B 219 11.43 -8.75 3.74
CA MET B 219 12.47 -8.73 4.80
C MET B 219 12.69 -7.27 5.26
N VAL B 220 12.83 -6.34 4.33
CA VAL B 220 13.02 -4.88 4.65
C VAL B 220 11.80 -4.35 5.41
N GLU B 221 10.61 -4.70 4.97
CA GLU B 221 9.36 -4.17 5.56
C GLU B 221 9.20 -4.74 6.98
N SER B 222 9.57 -6.00 7.22
CA SER B 222 9.23 -6.63 8.51
C SER B 222 10.40 -6.65 9.48
N MET B 223 11.63 -6.55 9.00
CA MET B 223 12.81 -6.77 9.89
C MET B 223 13.60 -5.48 10.13
N ALA B 224 13.31 -4.38 9.44
CA ALA B 224 14.13 -3.15 9.61
C ALA B 224 14.04 -2.68 11.06
N ARG B 225 12.90 -2.91 11.71
CA ARG B 225 12.68 -2.55 13.13
C ARG B 225 13.81 -3.17 13.99
N TYR B 226 14.15 -4.42 13.75
CA TYR B 226 15.11 -5.17 14.59
C TYR B 226 16.54 -4.87 14.20
N LEU B 227 16.79 -4.29 13.02
CA LEU B 227 18.17 -3.96 12.61
C LEU B 227 18.52 -2.57 13.11
N GLY B 228 17.52 -1.73 13.33
CA GLY B 228 17.73 -0.39 13.94
C GLY B 228 18.09 -0.56 15.41
N PRO B 229 18.61 0.44 16.12
CA PRO B 229 18.86 1.75 15.56
C PRO B 229 20.12 1.98 14.71
N GLU B 230 21.04 1.01 14.69
CA GLU B 230 22.38 1.20 14.05
C GLU B 230 22.33 1.02 12.54
N VAL B 231 21.57 0.04 12.07
CA VAL B 231 21.61 -0.42 10.69
C VAL B 231 20.36 0.08 9.92
N GLN B 232 20.58 0.75 8.80
CA GLN B 232 19.53 1.05 7.82
C GLN B 232 19.34 -0.20 6.98
N PHE B 233 18.12 -0.51 6.61
CA PHE B 233 17.79 -1.72 5.83
C PHE B 233 16.71 -1.33 4.84
N ASN B 234 17.09 -1.25 3.56
CA ASN B 234 16.19 -0.78 2.49
C ASN B 234 16.31 -1.75 1.31
N ALA B 235 15.42 -1.63 0.33
CA ALA B 235 15.49 -2.38 -0.92
C ALA B 235 15.44 -1.42 -2.11
N ILE B 236 15.90 -1.84 -3.28
CA ILE B 236 15.57 -1.16 -4.54
C ILE B 236 14.77 -2.14 -5.38
N ALA B 237 13.83 -1.65 -6.18
CA ALA B 237 12.95 -2.50 -7.02
C ALA B 237 12.91 -1.91 -8.43
N PRO B 238 14.01 -2.04 -9.19
CA PRO B 238 14.00 -1.63 -10.56
C PRO B 238 13.12 -2.62 -11.34
N GLY B 239 12.61 -2.16 -12.47
CA GLY B 239 11.91 -2.99 -13.45
C GLY B 239 12.90 -3.40 -14.53
N PRO B 240 12.50 -3.60 -15.79
CA PRO B 240 13.47 -3.90 -16.85
C PRO B 240 14.50 -2.75 -16.94
N VAL B 241 15.76 -3.14 -17.13
CA VAL B 241 16.96 -2.28 -17.05
C VAL B 241 17.76 -2.47 -18.33
N ASP B 242 18.02 -1.36 -19.04
CA ASP B 242 18.84 -1.26 -20.28
C ASP B 242 20.33 -1.57 -19.98
N GLY B 243 20.78 -2.76 -20.35
CA GLY B 243 22.21 -3.13 -20.40
C GLY B 243 22.40 -4.44 -21.15
N ASP B 244 23.62 -4.99 -21.11
CA ASP B 244 24.06 -6.18 -21.88
C ASP B 244 23.11 -7.37 -21.67
N ARG B 245 22.61 -7.61 -20.44
CA ARG B 245 21.78 -8.81 -20.11
C ARG B 245 20.38 -8.67 -20.74
N LEU B 246 19.74 -7.49 -20.68
CA LEU B 246 18.42 -7.29 -21.35
C LEU B 246 18.63 -7.20 -22.87
N SER B 247 19.54 -6.34 -23.31
CA SER B 247 19.96 -6.15 -24.73
C SER B 247 20.23 -7.50 -25.43
N GLY B 248 21.05 -8.36 -24.81
CA GLY B 248 21.64 -9.57 -25.43
C GLY B 248 23.08 -9.31 -25.86
N THR B 249 24.03 -10.14 -25.40
CA THR B 249 25.51 -9.96 -25.54
C THR B 249 26.18 -11.31 -25.87
N GLY B 250 27.08 -11.31 -26.86
CA GLY B 250 27.90 -12.47 -27.25
C GLY B 250 27.09 -13.57 -27.92
N GLY B 251 26.27 -13.20 -28.92
CA GLY B 251 25.45 -14.13 -29.73
C GLY B 251 24.07 -14.40 -29.14
N LYS B 252 23.84 -14.00 -27.89
CA LYS B 252 22.73 -14.49 -27.02
C LYS B 252 21.55 -13.54 -27.08
N PRO B 253 20.29 -14.06 -27.15
CA PRO B 253 19.11 -13.20 -27.29
C PRO B 253 18.77 -12.46 -25.99
N GLY B 254 18.06 -11.33 -26.09
CA GLY B 254 17.66 -10.49 -24.95
C GLY B 254 16.54 -11.10 -24.11
N LEU B 255 16.21 -10.46 -22.98
CA LEU B 255 15.26 -10.99 -21.99
C LEU B 255 13.83 -10.90 -22.53
N PHE B 256 13.50 -9.90 -23.36
CA PHE B 256 12.15 -9.77 -23.97
C PHE B 256 11.96 -10.93 -24.96
N GLU B 257 13.00 -11.23 -25.73
CA GLU B 257 13.02 -12.33 -26.73
C GLU B 257 12.97 -13.68 -26.00
N ARG B 258 13.72 -13.81 -24.90
CA ARG B 258 13.74 -15.03 -24.06
C ARG B 258 12.33 -15.30 -23.50
N ARG B 259 11.66 -14.28 -22.92
CA ARG B 259 10.26 -14.39 -22.42
C ARG B 259 9.30 -14.73 -23.59
N GLY B 260 9.53 -14.16 -24.76
CA GLY B 260 8.66 -14.40 -25.93
C GLY B 260 8.73 -15.85 -26.37
N LYS B 261 9.93 -16.41 -26.46
CA LYS B 261 10.14 -17.82 -26.80
C LYS B 261 9.47 -18.74 -25.76
N LEU B 262 9.58 -18.42 -24.46
CA LEU B 262 8.99 -19.23 -23.37
C LEU B 262 7.46 -19.12 -23.40
N ILE B 263 6.92 -17.95 -23.75
CA ILE B 263 5.46 -17.82 -23.93
C ILE B 263 4.99 -18.76 -25.05
N LEU B 264 5.71 -18.86 -26.16
CA LEU B 264 5.19 -19.70 -27.29
C LEU B 264 5.29 -21.18 -26.90
N GLU B 265 6.39 -21.62 -26.30
CA GLU B 265 6.56 -23.00 -25.79
C GLU B 265 5.40 -23.36 -24.84
N ASN B 266 5.14 -22.52 -23.85
CA ASN B 266 4.04 -22.75 -22.88
C ASN B 266 2.69 -22.74 -23.60
N LYS B 267 2.49 -21.86 -24.59
CA LYS B 267 1.22 -21.85 -25.36
C LYS B 267 1.00 -23.21 -26.04
N ARG B 268 2.04 -23.79 -26.64
CA ARG B 268 1.88 -25.09 -27.35
C ARG B 268 1.62 -26.19 -26.31
N LEU B 269 2.39 -26.24 -25.21
CA LEU B 269 2.20 -27.26 -24.13
C LEU B 269 0.74 -27.15 -23.65
N ASN B 270 0.29 -25.94 -23.35
CA ASN B 270 -1.02 -25.75 -22.69
C ASN B 270 -2.13 -26.17 -23.66
N ALA B 271 -1.94 -25.91 -24.96
CA ALA B 271 -2.92 -26.19 -26.04
C ALA B 271 -2.97 -27.70 -26.27
N VAL B 272 -1.83 -28.39 -26.27
CA VAL B 272 -1.85 -29.86 -26.43
C VAL B 272 -2.45 -30.50 -25.17
N HIS B 273 -2.03 -29.99 -24.02
CA HIS B 273 -2.55 -30.45 -22.71
C HIS B 273 -4.07 -30.28 -22.67
N ALA B 274 -4.60 -29.11 -23.03
CA ALA B 274 -6.06 -28.85 -22.92
C ALA B 274 -6.85 -29.83 -23.81
N ALA B 275 -6.39 -30.09 -25.02
CA ALA B 275 -6.99 -31.05 -25.99
C ALA B 275 -7.08 -32.42 -25.34
N ALA B 276 -5.99 -32.90 -24.75
CA ALA B 276 -5.91 -34.25 -24.15
C ALA B 276 -6.90 -34.33 -23.00
N ILE B 277 -6.89 -33.34 -22.11
CA ILE B 277 -7.83 -33.29 -20.96
C ILE B 277 -9.28 -33.24 -21.45
N LYS B 278 -9.61 -32.38 -22.39
CA LYS B 278 -11.01 -32.27 -22.89
C LYS B 278 -11.49 -33.62 -23.44
N ALA B 279 -10.64 -34.33 -24.19
CA ALA B 279 -10.88 -35.68 -24.73
C ALA B 279 -11.10 -36.66 -23.59
N ILE B 280 -10.20 -36.65 -22.60
CA ILE B 280 -10.31 -37.56 -21.44
C ILE B 280 -11.58 -37.22 -20.67
N ARG B 281 -11.97 -35.96 -20.56
CA ARG B 281 -13.17 -35.61 -19.77
C ARG B 281 -14.41 -36.25 -20.43
N ARG B 282 -14.45 -36.43 -21.75
CA ARG B 282 -15.68 -37.02 -22.33
C ARG B 282 -15.53 -38.54 -22.52
N GLY B 283 -14.41 -39.11 -22.08
CA GLY B 283 -14.31 -40.56 -21.84
C GLY B 283 -13.36 -41.25 -22.79
N VAL B 284 -12.66 -40.50 -23.64
CA VAL B 284 -11.54 -41.07 -24.44
C VAL B 284 -10.49 -41.59 -23.43
N ARG B 285 -10.00 -42.81 -23.64
CA ARG B 285 -8.95 -43.41 -22.79
C ARG B 285 -7.65 -42.61 -22.96
N VAL B 286 -6.91 -42.41 -21.87
CA VAL B 286 -5.68 -41.57 -21.93
C VAL B 286 -4.64 -42.30 -22.79
N GLU B 287 -4.62 -43.63 -22.83
CA GLU B 287 -3.67 -44.42 -23.67
C GLU B 287 -3.98 -44.15 -25.15
N ALA B 288 -5.24 -44.02 -25.51
CA ALA B 288 -5.67 -43.74 -26.90
C ALA B 288 -5.24 -42.32 -27.30
N VAL B 289 -5.44 -41.31 -26.43
CA VAL B 289 -4.93 -39.94 -26.71
C VAL B 289 -3.43 -39.98 -26.88
N LEU B 290 -2.67 -40.60 -25.99
CA LEU B 290 -1.19 -40.53 -26.10
C LEU B 290 -0.73 -41.32 -27.33
N ALA B 291 -1.31 -42.50 -27.60
CA ALA B 291 -0.97 -43.30 -28.82
C ALA B 291 -1.15 -42.42 -30.06
N ARG B 292 -2.20 -41.59 -30.12
CA ARG B 292 -2.46 -40.70 -31.29
C ARG B 292 -1.54 -39.47 -31.27
N LEU B 293 -1.27 -38.86 -30.11
CA LEU B 293 -0.27 -37.76 -30.03
C LEU B 293 1.12 -38.30 -30.41
N ALA B 294 1.44 -39.57 -30.08
CA ALA B 294 2.79 -40.14 -30.32
C ALA B 294 3.16 -40.08 -31.83
N ARG B 295 2.18 -40.10 -32.74
CA ARG B 295 2.43 -40.10 -34.21
C ARG B 295 2.89 -38.70 -34.60
N ASN B 296 2.62 -37.69 -33.76
CA ASN B 296 3.32 -36.40 -33.81
C ASN B 296 3.33 -35.87 -35.25
N ASP B 297 2.18 -35.92 -35.94
CA ASP B 297 2.00 -35.48 -37.36
C ASP B 297 0.71 -34.68 -37.48
N THR B 298 0.85 -33.36 -37.69
CA THR B 298 -0.29 -32.42 -37.71
C THR B 298 -1.17 -32.70 -38.94
N VAL B 299 -0.55 -32.88 -40.09
CA VAL B 299 -1.28 -33.11 -41.37
C VAL B 299 -2.14 -34.36 -41.19
N LYS B 300 -1.53 -35.48 -40.80
CA LYS B 300 -2.22 -36.78 -40.64
C LYS B 300 -3.32 -36.64 -39.59
N MET B 301 -2.98 -36.13 -38.41
CA MET B 301 -3.92 -36.03 -37.26
C MET B 301 -5.13 -35.18 -37.65
N SER B 302 -4.86 -34.11 -38.38
CA SER B 302 -5.92 -33.16 -38.80
C SER B 302 -6.96 -33.86 -39.69
N HIS B 303 -6.51 -34.71 -40.61
CA HIS B 303 -7.45 -35.34 -41.57
C HIS B 303 -7.77 -36.80 -41.24
N ASP B 304 -7.54 -37.22 -40.00
CA ASP B 304 -7.86 -38.62 -39.68
C ASP B 304 -9.14 -38.67 -38.85
N THR B 305 -10.11 -39.43 -39.36
CA THR B 305 -11.49 -39.61 -38.81
C THR B 305 -11.45 -40.26 -37.43
N ASN B 306 -10.56 -41.22 -37.22
CA ASN B 306 -10.47 -41.97 -35.94
C ASN B 306 -10.07 -41.05 -34.78
N ASN B 307 -9.21 -40.07 -35.04
CA ASN B 307 -8.71 -39.16 -33.98
C ASN B 307 -9.87 -38.41 -33.33
N PRO B 308 -9.90 -38.24 -31.99
CA PRO B 308 -10.97 -37.49 -31.35
C PRO B 308 -11.00 -36.05 -31.87
N ARG B 309 -12.17 -35.41 -31.85
CA ARG B 309 -12.39 -34.05 -32.42
C ARG B 309 -11.38 -33.04 -31.82
N GLU B 310 -11.13 -33.13 -30.51
CA GLU B 310 -10.21 -32.17 -29.81
C GLU B 310 -8.84 -32.27 -30.48
N LEU B 311 -8.35 -33.47 -30.75
CA LEU B 311 -7.02 -33.67 -31.38
C LEU B 311 -7.05 -33.22 -32.85
N ARG B 312 -8.18 -33.43 -33.54
CA ARG B 312 -8.31 -33.01 -34.97
C ARG B 312 -8.18 -31.48 -35.01
N GLU B 313 -8.98 -30.82 -34.17
CA GLU B 313 -9.05 -29.34 -34.03
C GLU B 313 -7.67 -28.82 -33.61
N LEU B 314 -7.04 -29.48 -32.65
CA LEU B 314 -5.69 -29.07 -32.19
C LEU B 314 -4.75 -29.07 -33.39
N ALA B 315 -4.69 -30.17 -34.14
CA ALA B 315 -3.75 -30.36 -35.28
C ALA B 315 -4.02 -29.35 -36.41
N LEU B 316 -5.30 -29.03 -36.67
CA LEU B 316 -5.68 -27.97 -37.65
C LEU B 316 -5.04 -26.66 -37.20
N ALA B 317 -5.29 -26.26 -35.94
CA ALA B 317 -4.79 -24.99 -35.38
C ALA B 317 -3.25 -25.00 -35.46
N CYS B 318 -2.57 -26.08 -35.06
CA CYS B 318 -1.09 -26.16 -35.19
C CYS B 318 -0.64 -25.93 -36.63
N ALA B 319 -1.33 -26.52 -37.61
CA ALA B 319 -0.95 -26.54 -39.04
C ALA B 319 -0.99 -25.12 -39.67
N ARG B 320 -1.79 -24.20 -39.12
CA ARG B 320 -1.92 -22.79 -39.58
C ARG B 320 -0.88 -21.83 -38.98
N GLU B 321 -0.01 -22.28 -38.05
CA GLU B 321 0.87 -21.40 -37.21
C GLU B 321 2.29 -21.32 -37.77
N GLY B 322 2.60 -21.98 -38.89
CA GLY B 322 3.99 -22.11 -39.38
C GLY B 322 4.42 -20.97 -40.28
N ASP B 323 5.72 -20.84 -40.55
CA ASP B 323 6.30 -19.73 -41.35
C ASP B 323 6.96 -20.25 -42.65
N GLY B 324 7.16 -21.56 -42.81
CA GLY B 324 7.87 -22.13 -43.97
C GLY B 324 9.25 -22.64 -43.61
N THR B 325 9.88 -22.17 -42.53
CA THR B 325 11.17 -22.74 -42.01
C THR B 325 10.95 -23.64 -40.78
N CYS B 326 10.19 -23.16 -39.81
CA CYS B 326 10.02 -23.80 -38.46
C CYS B 326 9.19 -25.09 -38.61
N THR B 327 9.18 -25.97 -37.60
CA THR B 327 8.63 -27.34 -37.74
C THR B 327 7.34 -27.52 -36.92
N TRP B 328 6.99 -26.53 -36.09
CA TRP B 328 5.85 -26.68 -35.15
C TRP B 328 4.50 -26.78 -35.86
N ASP B 329 4.47 -26.48 -37.15
CA ASP B 329 3.22 -26.62 -37.94
C ASP B 329 3.11 -28.05 -38.48
N GLN B 330 4.21 -28.82 -38.41
CA GLN B 330 4.28 -30.22 -38.93
C GLN B 330 4.27 -31.26 -37.79
N TYR B 331 4.85 -30.93 -36.64
CA TYR B 331 4.90 -31.73 -35.38
C TYR B 331 4.14 -31.01 -34.25
N LEU B 332 3.36 -31.74 -33.45
CA LEU B 332 2.65 -31.16 -32.27
C LEU B 332 3.69 -30.84 -31.18
N LEU B 333 4.68 -31.71 -31.00
CA LEU B 333 5.51 -31.80 -29.78
C LEU B 333 6.98 -31.95 -30.10
N THR B 334 7.83 -31.34 -29.26
CA THR B 334 9.24 -31.74 -29.05
C THR B 334 9.30 -32.74 -27.90
N PRO B 335 10.41 -33.52 -27.78
CA PRO B 335 10.63 -34.38 -26.61
C PRO B 335 10.45 -33.63 -25.28
N GLN B 336 10.93 -32.38 -25.18
CA GLN B 336 10.86 -31.56 -23.94
C GLN B 336 9.40 -31.26 -23.58
N ILE B 337 8.61 -30.83 -24.56
CA ILE B 337 7.18 -30.49 -24.34
C ILE B 337 6.41 -31.78 -24.07
N ALA B 338 6.77 -32.87 -24.73
CA ALA B 338 6.12 -34.18 -24.58
C ALA B 338 6.34 -34.69 -23.15
N ALA B 339 7.55 -34.53 -22.63
CA ALA B 339 7.92 -34.88 -21.23
C ALA B 339 7.05 -34.07 -20.24
N ALA B 340 6.89 -32.78 -20.47
CA ALA B 340 6.12 -31.90 -19.55
C ALA B 340 4.64 -32.31 -19.64
N LEU B 341 4.12 -32.66 -20.82
CA LEU B 341 2.70 -33.08 -20.96
C LEU B 341 2.44 -34.33 -20.14
N VAL B 342 3.33 -35.31 -20.22
CA VAL B 342 3.11 -36.65 -19.60
C VAL B 342 3.19 -36.48 -18.08
N SER B 343 4.11 -35.63 -17.59
CA SER B 343 4.23 -35.33 -16.16
C SER B 343 2.95 -34.66 -15.64
N ARG B 344 2.36 -33.75 -16.39
CA ARG B 344 1.08 -33.13 -15.96
C ARG B 344 -0.03 -34.19 -15.87
N LEU B 345 -0.11 -35.08 -16.86
CA LEU B 345 -1.17 -36.12 -16.83
C LEU B 345 -0.95 -37.04 -15.63
N ARG B 346 0.30 -37.45 -15.39
CA ARG B 346 0.62 -38.36 -14.28
C ARG B 346 0.29 -37.72 -12.93
N GLN B 347 0.68 -36.46 -12.75
CA GLN B 347 0.50 -35.70 -11.50
C GLN B 347 -0.99 -35.48 -11.17
N ALA B 348 -1.84 -35.47 -12.18
CA ALA B 348 -3.31 -35.32 -12.01
C ALA B 348 -3.93 -36.68 -11.66
N GLY B 349 -3.12 -37.73 -11.58
CA GLY B 349 -3.64 -39.07 -11.33
C GLY B 349 -4.30 -39.70 -12.56
N LEU B 350 -4.05 -39.23 -13.78
CA LEU B 350 -4.80 -39.69 -14.95
C LEU B 350 -4.21 -41.01 -15.50
N PHE B 351 -3.10 -41.51 -14.94
CA PHE B 351 -2.50 -42.80 -15.30
C PHE B 351 -2.86 -43.90 -14.27
N LEU B 352 -3.65 -43.62 -13.24
CA LEU B 352 -3.86 -44.60 -12.15
C LEU B 352 -4.43 -45.92 -12.71
N ASP B 353 -5.27 -45.88 -13.76
CA ASP B 353 -5.99 -47.05 -14.32
C ASP B 353 -5.46 -47.36 -15.72
N ALA B 354 -4.33 -46.78 -16.15
CA ALA B 354 -3.78 -46.97 -17.52
C ALA B 354 -2.73 -48.07 -17.46
N PRO B 355 -2.91 -49.22 -18.15
CA PRO B 355 -1.97 -50.34 -18.03
C PRO B 355 -0.53 -49.86 -18.29
N GLU B 356 -0.20 -49.47 -19.52
CA GLU B 356 1.19 -49.11 -19.86
C GLU B 356 1.67 -48.02 -18.89
N TRP B 357 1.07 -46.85 -19.04
CA TRP B 357 1.52 -45.57 -18.44
C TRP B 357 1.61 -45.62 -16.92
N SER B 358 0.78 -46.41 -16.25
CA SER B 358 0.91 -46.48 -14.77
C SER B 358 2.30 -47.00 -14.34
N GLU B 359 2.90 -47.94 -15.09
CA GLU B 359 4.22 -48.52 -14.72
C GLU B 359 5.41 -47.91 -15.47
N ARG B 360 5.21 -47.15 -16.54
CA ARG B 360 6.34 -46.62 -17.33
C ARG B 360 7.28 -45.81 -16.42
N PRO B 361 8.61 -46.00 -16.48
CA PRO B 361 9.55 -45.18 -15.72
C PRO B 361 9.47 -43.69 -16.08
N VAL B 362 9.56 -42.81 -15.09
CA VAL B 362 9.44 -41.33 -15.28
C VAL B 362 10.62 -40.86 -16.15
N THR B 363 11.70 -41.63 -16.15
CA THR B 363 12.97 -41.32 -16.87
C THR B 363 12.75 -41.47 -18.40
N GLU B 364 11.68 -42.11 -18.86
CA GLU B 364 11.36 -42.23 -20.32
C GLU B 364 10.30 -41.21 -20.77
N ASP B 365 9.98 -40.21 -19.95
CA ASP B 365 8.88 -39.24 -20.29
C ASP B 365 9.21 -38.49 -21.58
N GLY B 366 10.49 -38.35 -21.92
CA GLY B 366 10.93 -37.65 -23.15
C GLY B 366 11.08 -38.57 -24.35
N ASP B 367 10.64 -39.85 -24.30
CA ASP B 367 11.09 -40.88 -25.28
C ASP B 367 9.95 -41.64 -25.95
N TRP B 368 8.72 -41.13 -25.91
CA TRP B 368 7.51 -41.88 -26.32
C TRP B 368 7.00 -41.41 -27.68
N LEU B 369 7.55 -40.34 -28.25
CA LEU B 369 7.15 -39.86 -29.61
C LEU B 369 7.67 -40.86 -30.67
N LEU B 370 6.85 -41.20 -31.68
CA LEU B 370 7.20 -42.11 -32.80
C LEU B 370 8.03 -41.37 -33.85
N ARG B 371 7.94 -40.03 -33.92
CA ARG B 371 8.85 -39.17 -34.72
C ARG B 371 8.98 -37.79 -34.04
N VAL B 372 10.11 -37.12 -34.27
CA VAL B 372 10.54 -35.89 -33.53
C VAL B 372 10.94 -34.83 -34.56
N PRO B 373 10.86 -33.51 -34.24
CA PRO B 373 11.27 -32.47 -35.19
C PRO B 373 12.75 -32.64 -35.47
N PRO B 374 13.22 -32.39 -36.71
CA PRO B 374 14.63 -32.51 -37.04
C PRO B 374 15.47 -31.47 -36.30
N GLU B 375 16.73 -31.82 -36.02
CA GLU B 375 17.73 -30.98 -35.32
C GLU B 375 18.07 -29.74 -36.18
N ASP B 376 18.04 -29.91 -37.49
CA ASP B 376 18.40 -28.89 -38.51
C ASP B 376 17.52 -27.64 -38.45
N ALA B 377 16.22 -27.79 -38.26
CA ALA B 377 15.33 -26.60 -38.33
C ALA B 377 14.76 -26.21 -36.97
N PRO B 378 14.45 -24.92 -36.74
CA PRO B 378 13.87 -24.48 -35.50
C PRO B 378 12.43 -25.00 -35.37
N PHE B 379 12.02 -25.29 -34.14
CA PHE B 379 10.63 -25.72 -33.86
C PHE B 379 9.73 -24.49 -34.01
N LEU B 380 10.13 -23.38 -33.36
CA LEU B 380 9.33 -22.14 -33.22
C LEU B 380 9.73 -21.17 -34.33
N PRO B 381 8.76 -20.41 -34.86
CA PRO B 381 9.04 -19.40 -35.88
C PRO B 381 9.58 -18.11 -35.25
N ALA B 382 10.72 -17.61 -35.75
CA ALA B 382 11.43 -16.42 -35.23
C ALA B 382 10.58 -15.14 -35.37
N ASP B 383 9.64 -15.08 -36.31
CA ASP B 383 8.69 -13.95 -36.47
C ASP B 383 7.69 -13.90 -35.30
N LYS B 384 7.12 -15.04 -34.91
CA LYS B 384 6.17 -15.12 -33.78
C LYS B 384 6.97 -14.83 -32.47
N ILE B 385 8.26 -15.17 -32.39
CA ILE B 385 9.12 -14.90 -31.20
C ILE B 385 9.35 -13.40 -31.11
N ALA B 386 9.65 -12.74 -32.24
CA ALA B 386 9.92 -11.29 -32.28
C ALA B 386 8.64 -10.50 -32.00
N ALA B 387 7.47 -10.98 -32.43
CA ALA B 387 6.16 -10.37 -32.13
C ALA B 387 5.83 -10.48 -30.62
N GLU B 388 5.90 -11.67 -30.01
CA GLU B 388 5.67 -11.85 -28.55
C GLU B 388 6.64 -10.92 -27.78
N ALA B 389 7.89 -10.81 -28.24
CA ALA B 389 8.96 -10.02 -27.60
C ALA B 389 8.60 -8.52 -27.60
N LYS B 390 7.96 -8.02 -28.67
CA LYS B 390 7.56 -6.60 -28.78
C LYS B 390 6.24 -6.38 -28.05
N LYS B 391 5.36 -7.38 -27.97
CA LYS B 391 4.20 -7.29 -27.04
C LYS B 391 4.72 -7.16 -25.59
N VAL B 392 5.72 -7.93 -25.16
CA VAL B 392 6.26 -7.84 -23.76
C VAL B 392 6.87 -6.45 -23.55
N GLY B 393 7.72 -6.00 -24.49
CA GLY B 393 8.45 -4.72 -24.44
C GLY B 393 7.51 -3.53 -24.45
N GLY B 394 6.59 -3.49 -25.43
CA GLY B 394 5.57 -2.43 -25.57
C GLY B 394 4.76 -2.29 -24.29
N GLY B 395 4.38 -3.42 -23.69
CA GLY B 395 3.65 -3.51 -22.41
C GLY B 395 4.38 -2.79 -21.28
N VAL B 396 5.68 -3.04 -21.08
CA VAL B 396 6.44 -2.36 -19.98
C VAL B 396 6.69 -0.90 -20.39
N LEU B 397 7.20 -0.66 -21.61
CA LEU B 397 7.61 0.67 -22.15
C LEU B 397 6.43 1.65 -22.08
N SER B 398 5.19 1.20 -22.30
CA SER B 398 3.96 2.04 -22.28
C SER B 398 3.56 2.36 -20.84
N LYS B 399 4.13 1.71 -19.85
CA LYS B 399 3.75 1.96 -18.43
C LYS B 399 4.86 2.76 -17.71
N LEU B 400 5.87 3.27 -18.42
CA LEU B 400 6.96 4.05 -17.78
C LEU B 400 6.56 5.53 -17.80
N TYR B 401 6.36 6.12 -16.66
CA TYR B 401 6.15 7.59 -16.54
C TYR B 401 7.28 8.33 -17.24
N LEU B 402 8.51 7.85 -17.13
CA LEU B 402 9.66 8.65 -17.65
C LEU B 402 9.99 8.23 -19.08
N GLY B 403 9.18 7.36 -19.65
CA GLY B 403 9.20 7.16 -21.12
C GLY B 403 10.30 6.24 -21.59
N LYS B 404 11.36 6.00 -20.83
CA LYS B 404 12.40 5.07 -21.29
C LYS B 404 12.91 4.26 -20.11
N MET B 405 13.35 3.04 -20.40
CA MET B 405 13.81 2.10 -19.37
C MET B 405 15.07 2.71 -18.82
N PRO B 406 15.31 2.68 -17.49
CA PRO B 406 16.56 3.21 -16.96
C PRO B 406 17.65 2.28 -17.45
N THR B 407 18.89 2.77 -17.54
CA THR B 407 20.09 1.95 -17.87
C THR B 407 20.59 1.36 -16.58
N GLU B 408 21.46 0.35 -16.68
CA GLU B 408 22.18 -0.19 -15.51
C GLU B 408 22.89 0.94 -14.77
N HIS B 409 23.59 1.80 -15.51
CA HIS B 409 24.26 2.99 -14.93
C HIS B 409 23.24 3.82 -14.15
N ASP B 410 22.06 4.09 -14.68
CA ASP B 410 21.07 4.97 -14.02
C ASP B 410 20.62 4.35 -12.69
N VAL B 411 20.39 3.04 -12.68
CA VAL B 411 19.95 2.30 -11.48
C VAL B 411 21.09 2.25 -10.45
N ALA B 412 22.33 2.02 -10.87
CA ALA B 412 23.54 2.03 -10.03
C ALA B 412 23.77 3.41 -9.42
N GLN B 413 23.66 4.45 -10.23
CA GLN B 413 23.77 5.85 -9.76
C GLN B 413 22.75 6.09 -8.63
N ALA B 414 21.49 5.75 -8.86
CA ALA B 414 20.41 5.98 -7.86
C ALA B 414 20.82 5.23 -6.60
N THR B 415 21.30 3.98 -6.76
CA THR B 415 21.65 3.12 -5.61
C THR B 415 22.73 3.81 -4.78
N VAL B 416 23.74 4.37 -5.43
CA VAL B 416 24.89 4.99 -4.73
C VAL B 416 24.41 6.28 -4.06
N PHE B 417 23.46 6.99 -4.67
CA PHE B 417 22.90 8.21 -4.01
C PHE B 417 22.08 7.81 -2.77
N PHE B 418 21.22 6.79 -2.89
CA PHE B 418 20.39 6.32 -1.76
C PHE B 418 21.29 5.84 -0.61
N LEU B 419 22.39 5.15 -0.89
CA LEU B 419 23.30 4.64 0.16
C LEU B 419 23.90 5.79 0.97
N ALA B 420 23.94 7.02 0.47
CA ALA B 420 24.50 8.16 1.23
C ALA B 420 23.48 8.71 2.25
N ASP B 421 22.17 8.47 2.08
CA ASP B 421 21.12 9.01 2.99
C ASP B 421 21.21 8.26 4.34
N ARG B 422 20.95 8.94 5.45
CA ARG B 422 21.02 8.33 6.80
C ARG B 422 19.67 8.37 7.55
N ALA B 423 18.60 8.78 6.88
CA ALA B 423 17.30 8.97 7.56
C ALA B 423 16.27 7.92 7.09
N VAL B 424 16.54 7.13 6.07
CA VAL B 424 15.56 6.14 5.56
C VAL B 424 15.86 4.73 6.10
N SER B 425 14.85 4.02 6.57
CA SER B 425 14.96 2.55 6.82
C SER B 425 13.59 1.91 6.70
N GLY B 426 13.56 0.67 6.21
CA GLY B 426 12.32 -0.08 6.03
C GLY B 426 11.57 0.33 4.76
N GLU B 427 12.24 0.90 3.75
CA GLU B 427 11.61 1.34 2.48
C GLU B 427 12.18 0.60 1.28
N THR B 428 11.40 0.53 0.21
CA THR B 428 11.82 0.06 -1.11
C THR B 428 11.84 1.27 -2.07
N PHE B 429 13.00 1.68 -2.53
CA PHE B 429 13.16 2.72 -3.58
C PHE B 429 12.83 2.09 -4.94
N MET B 430 12.29 2.90 -5.84
CA MET B 430 11.78 2.44 -7.15
C MET B 430 12.51 3.12 -8.31
N PRO B 431 13.81 2.82 -8.57
CA PRO B 431 14.51 3.37 -9.74
C PRO B 431 14.19 2.55 -10.98
N SER B 432 12.96 2.72 -11.46
CA SER B 432 12.31 1.87 -12.48
C SER B 432 11.99 2.66 -13.76
N GLY B 433 12.24 3.97 -13.80
CA GLY B 433 11.71 4.79 -14.90
C GLY B 433 10.28 5.22 -14.65
N GLY B 434 9.80 5.15 -13.40
CA GLY B 434 8.38 5.43 -13.12
C GLY B 434 7.50 4.30 -13.63
N LEU B 435 7.95 3.07 -13.47
CA LEU B 435 7.16 1.91 -13.95
C LEU B 435 5.90 1.79 -13.08
N SER B 436 4.75 1.78 -13.71
CA SER B 436 3.46 1.69 -13.01
C SER B 436 2.60 0.63 -13.71
N VAL B 437 2.63 -0.61 -13.22
CA VAL B 437 1.68 -1.68 -13.65
C VAL B 437 0.44 -1.64 -12.72
N GLU B 438 -0.71 -1.27 -13.26
CA GLU B 438 -1.98 -1.08 -12.52
C GLU B 438 -2.58 -2.47 -12.26
N ARG B 439 -2.85 -2.76 -11.01
CA ARG B 439 -3.55 -4.00 -10.61
C ARG B 439 -4.25 -3.71 -9.27
N SER B 440 -5.27 -4.53 -8.95
CA SER B 440 -6.11 -4.46 -7.74
C SER B 440 -5.87 -5.71 -6.85
N THR B 441 -4.65 -6.27 -6.82
CA THR B 441 -4.29 -7.46 -5.97
C THR B 441 -3.68 -7.00 -4.64
N THR B 442 -4.52 -6.71 -3.64
CA THR B 442 -4.22 -6.02 -2.34
C THR B 442 -4.87 -6.74 -1.15
N GLU B 443 -4.08 -7.06 -0.11
CA GLU B 443 -4.51 -7.71 1.16
C GLU B 443 -5.78 -7.04 1.65
N ARG B 444 -6.89 -7.78 1.79
CA ARG B 444 -8.20 -7.28 2.31
C ARG B 444 -8.52 -7.88 3.70
N GLU B 445 -9.18 -7.09 4.54
CA GLU B 445 -9.72 -7.62 5.81
C GLU B 445 -11.13 -8.12 5.48
N LEU B 446 -11.40 -9.39 5.80
CA LEU B 446 -12.72 -10.02 5.59
C LEU B 446 -13.71 -9.56 6.67
N PHE B 447 -14.91 -9.18 6.18
CA PHE B 447 -16.24 -9.06 6.87
C PHE B 447 -17.34 -9.22 5.77
N GLY B 448 -17.67 -10.46 5.35
CA GLY B 448 -18.68 -10.83 4.30
C GLY B 448 -18.84 -12.34 4.11
N SER B 449 -19.90 -12.83 3.42
CA SER B 449 -20.31 -14.28 3.36
C SER B 449 -20.92 -14.71 2.00
N PRO B 450 -21.10 -16.05 1.75
CA PRO B 450 -21.76 -16.59 0.56
C PRO B 450 -23.07 -17.36 0.79
N LYS B 451 -23.81 -17.66 -0.29
CA LYS B 451 -25.21 -18.16 -0.21
C LYS B 451 -25.23 -19.66 0.09
N GLN B 452 -26.05 -20.10 1.06
CA GLN B 452 -26.27 -21.53 1.43
C GLN B 452 -26.38 -22.43 0.19
N GLU B 453 -26.94 -21.93 -0.91
CA GLU B 453 -27.09 -22.66 -2.21
C GLU B 453 -25.69 -23.03 -2.75
N ARG B 454 -24.76 -22.09 -2.65
CA ARG B 454 -23.37 -22.38 -3.06
C ARG B 454 -22.80 -23.46 -2.12
N LEU B 455 -23.01 -23.32 -0.81
CA LEU B 455 -22.51 -24.29 0.19
C LEU B 455 -23.14 -25.68 -0.01
N ASP B 456 -24.41 -25.71 -0.42
CA ASP B 456 -25.12 -26.99 -0.64
C ASP B 456 -24.49 -27.77 -1.81
N GLN B 457 -23.76 -27.12 -2.72
CA GLN B 457 -22.97 -27.84 -3.76
C GLN B 457 -21.83 -28.70 -3.15
N MET B 458 -21.42 -28.50 -1.91
CA MET B 458 -20.34 -29.35 -1.28
C MET B 458 -20.95 -30.71 -0.91
N ARG B 459 -22.28 -30.85 -0.93
CA ARG B 459 -22.93 -32.06 -0.34
C ARG B 459 -22.37 -33.30 -1.02
N GLY B 460 -21.83 -34.26 -0.25
CA GLY B 460 -21.35 -35.53 -0.81
C GLY B 460 -19.91 -35.45 -1.35
N LYS B 461 -19.28 -34.29 -1.27
CA LYS B 461 -17.93 -34.10 -1.85
C LYS B 461 -16.83 -34.42 -0.83
N THR B 462 -15.62 -34.50 -1.34
CA THR B 462 -14.39 -34.74 -0.56
C THR B 462 -13.57 -33.44 -0.49
N VAL B 463 -13.02 -33.15 0.68
CA VAL B 463 -12.10 -31.99 0.84
C VAL B 463 -10.84 -32.48 1.56
N TRP B 464 -9.73 -31.80 1.30
CA TRP B 464 -8.46 -32.11 1.98
C TRP B 464 -8.08 -30.92 2.82
N ILE B 465 -7.74 -31.17 4.09
CA ILE B 465 -7.12 -30.15 4.97
C ILE B 465 -5.72 -30.64 5.28
N ILE B 466 -4.72 -29.83 5.02
CA ILE B 466 -3.30 -30.15 5.29
C ILE B 466 -2.86 -29.27 6.44
N GLY B 467 -2.37 -29.88 7.50
CA GLY B 467 -1.94 -29.12 8.67
C GLY B 467 -1.45 -30.00 9.80
N GLU B 468 -1.07 -29.36 10.89
CA GLU B 468 -0.59 -30.04 12.11
C GLU B 468 -0.88 -29.12 13.30
N HIS B 469 -0.10 -28.07 13.46
CA HIS B 469 -0.20 -27.28 14.72
C HIS B 469 -1.44 -26.40 14.86
N LEU B 470 -2.13 -26.01 13.79
CA LEU B 470 -3.30 -25.11 13.93
C LEU B 470 -4.58 -25.89 14.26
N VAL B 471 -4.63 -26.51 15.45
CA VAL B 471 -5.73 -27.43 15.82
C VAL B 471 -7.10 -26.75 15.81
N ASP B 472 -7.23 -25.59 16.43
CA ASP B 472 -8.56 -24.92 16.53
C ASP B 472 -9.09 -24.57 15.14
N TYR B 473 -8.22 -24.04 14.29
CA TYR B 473 -8.59 -23.66 12.91
C TYR B 473 -8.90 -24.91 12.05
N LEU B 474 -8.08 -25.94 12.15
CA LEU B 474 -8.31 -27.18 11.36
C LEU B 474 -9.63 -27.82 11.83
N ALA B 475 -9.94 -27.80 13.12
CA ALA B 475 -11.14 -28.48 13.65
C ALA B 475 -12.38 -27.73 13.22
N GLU B 476 -12.38 -26.40 13.32
CA GLU B 476 -13.56 -25.59 12.99
C GLU B 476 -13.83 -25.72 11.49
N THR B 477 -12.80 -25.79 10.66
CA THR B 477 -12.97 -25.89 9.21
C THR B 477 -13.56 -27.26 8.86
N ALA B 478 -13.04 -28.32 9.47
CA ALA B 478 -13.50 -29.71 9.26
C ALA B 478 -14.97 -29.77 9.68
N ARG B 479 -15.28 -29.19 10.84
CA ARG B 479 -16.69 -29.09 11.33
C ARG B 479 -17.54 -28.34 10.29
N ALA B 480 -17.11 -27.17 9.83
CA ALA B 480 -17.90 -26.37 8.87
C ALA B 480 -18.18 -27.20 7.59
N PHE B 481 -17.18 -27.85 7.04
CA PHE B 481 -17.35 -28.62 5.80
C PHE B 481 -18.33 -29.79 6.02
N ILE B 482 -18.23 -30.48 7.13
CA ILE B 482 -19.02 -31.73 7.42
C ILE B 482 -20.43 -31.34 7.89
N GLU B 483 -20.53 -30.46 8.87
CA GLU B 483 -21.81 -30.17 9.55
C GLU B 483 -22.56 -29.09 8.78
N ASP B 484 -21.91 -28.06 8.26
CA ASP B 484 -22.68 -26.97 7.62
C ASP B 484 -22.80 -27.20 6.12
N CYS B 485 -21.85 -27.85 5.45
CA CYS B 485 -21.81 -28.02 3.97
C CYS B 485 -22.07 -29.48 3.55
N HIS B 486 -22.09 -30.42 4.49
CA HIS B 486 -22.51 -31.85 4.28
C HIS B 486 -21.50 -32.56 3.40
N ALA B 487 -20.21 -32.21 3.49
CA ALA B 487 -19.19 -32.96 2.76
C ALA B 487 -19.22 -34.38 3.30
N ALA B 488 -18.94 -35.37 2.45
CA ALA B 488 -18.94 -36.79 2.82
C ALA B 488 -17.63 -37.14 3.54
N ASN B 489 -16.53 -36.52 3.12
CA ASN B 489 -15.20 -36.93 3.60
C ASN B 489 -14.27 -35.70 3.71
N VAL B 490 -13.69 -35.50 4.88
CA VAL B 490 -12.57 -34.54 5.07
C VAL B 490 -11.30 -35.36 5.31
N VAL B 491 -10.36 -35.34 4.37
CA VAL B 491 -9.04 -36.01 4.51
C VAL B 491 -8.11 -35.00 5.18
N LEU B 492 -7.77 -35.26 6.44
CA LEU B 492 -6.86 -34.41 7.22
C LEU B 492 -5.47 -35.00 7.10
N ILE B 493 -4.64 -34.36 6.27
CA ILE B 493 -3.26 -34.78 5.95
C ILE B 493 -2.35 -34.07 6.95
N THR B 494 -1.74 -34.84 7.85
CA THR B 494 -0.92 -34.32 8.96
C THR B 494 0.51 -34.84 8.86
N ARG B 495 1.40 -34.23 9.63
CA ARG B 495 2.81 -34.71 9.74
C ARG B 495 2.84 -35.95 10.66
N THR B 496 2.01 -36.02 11.70
CA THR B 496 1.99 -37.08 12.73
C THR B 496 0.55 -37.56 13.03
N ALA B 497 0.42 -38.81 13.50
CA ALA B 497 -0.85 -39.36 14.04
C ALA B 497 -1.38 -38.46 15.16
N GLU B 498 -0.50 -37.96 16.03
CA GLU B 498 -0.95 -37.12 17.18
C GLU B 498 -1.64 -35.86 16.66
N GLY B 499 -1.11 -35.27 15.60
CA GLY B 499 -1.76 -34.07 15.03
C GLY B 499 -3.18 -34.35 14.58
N PHE B 500 -3.42 -35.50 13.96
CA PHE B 500 -4.79 -35.96 13.62
C PHE B 500 -5.65 -36.05 14.89
N ASP B 501 -5.12 -36.72 15.93
CA ASP B 501 -5.91 -37.06 17.13
C ASP B 501 -6.31 -35.76 17.80
N ALA B 502 -5.43 -34.75 17.80
CA ALA B 502 -5.74 -33.47 18.48
C ALA B 502 -6.93 -32.78 17.77
N VAL B 503 -7.01 -32.85 16.45
CA VAL B 503 -8.16 -32.22 15.72
C VAL B 503 -9.41 -33.08 15.98
N GLU B 504 -9.31 -34.38 15.78
CA GLU B 504 -10.48 -35.31 15.94
C GLU B 504 -11.09 -35.12 17.33
N ALA B 505 -10.27 -34.96 18.37
CA ALA B 505 -10.77 -34.81 19.76
C ALA B 505 -11.60 -33.53 19.91
N GLN B 506 -11.49 -32.53 19.02
CA GLN B 506 -12.29 -31.28 19.15
C GLN B 506 -13.66 -31.44 18.49
N LEU B 507 -13.90 -32.50 17.72
CA LEU B 507 -15.19 -32.63 16.99
C LEU B 507 -16.15 -33.52 17.78
N ASP B 508 -17.45 -33.27 17.70
CA ASP B 508 -18.51 -34.23 18.12
C ASP B 508 -18.29 -35.58 17.41
N GLU B 509 -18.60 -36.69 18.09
CA GLU B 509 -18.40 -38.08 17.59
C GLU B 509 -19.06 -38.28 16.22
N ASP B 510 -20.29 -37.79 16.00
CA ASP B 510 -20.99 -37.94 14.70
C ASP B 510 -20.22 -37.22 13.59
N VAL B 511 -19.66 -36.02 13.86
CA VAL B 511 -18.89 -35.23 12.85
C VAL B 511 -17.59 -35.94 12.51
N ALA B 512 -16.88 -36.45 13.52
CA ALA B 512 -15.59 -37.19 13.37
C ALA B 512 -15.76 -38.43 12.49
N GLN B 513 -16.96 -38.99 12.40
CA GLN B 513 -17.21 -40.13 11.51
C GLN B 513 -16.89 -39.80 10.04
N SER B 514 -16.86 -38.51 9.65
CA SER B 514 -16.52 -38.13 8.25
C SER B 514 -15.08 -37.60 8.12
N LEU B 515 -14.22 -37.82 9.13
CA LEU B 515 -12.82 -37.34 9.14
C LEU B 515 -11.92 -38.54 8.87
N THR B 516 -11.10 -38.47 7.84
CA THR B 516 -10.13 -39.51 7.46
C THR B 516 -8.71 -39.02 7.74
N SER B 517 -7.83 -39.90 8.24
CA SER B 517 -6.42 -39.60 8.57
C SER B 517 -5.52 -40.06 7.43
N LEU B 518 -4.64 -39.18 6.95
CA LEU B 518 -3.46 -39.60 6.14
C LEU B 518 -2.23 -38.91 6.71
N VAL B 519 -1.26 -39.69 7.18
CA VAL B 519 -0.03 -39.11 7.77
C VAL B 519 1.07 -39.14 6.70
N VAL B 520 1.71 -38.01 6.49
CA VAL B 520 2.78 -37.95 5.45
C VAL B 520 3.86 -38.98 5.82
N SER B 521 4.27 -39.81 4.86
CA SER B 521 5.30 -40.84 5.10
C SER B 521 6.60 -40.47 4.39
N SER B 522 6.51 -39.79 3.25
CA SER B 522 7.70 -39.26 2.54
C SER B 522 7.54 -37.75 2.37
N ASP B 523 6.93 -37.30 1.27
CA ASP B 523 6.73 -35.86 1.00
C ASP B 523 5.23 -35.57 0.80
N ILE B 524 4.87 -34.30 0.86
CA ILE B 524 3.44 -33.90 0.74
C ILE B 524 2.88 -34.32 -0.63
N GLU B 525 3.65 -34.22 -1.72
CA GLU B 525 3.14 -34.59 -3.07
C GLU B 525 2.75 -36.09 -3.08
N ALA B 526 3.56 -36.95 -2.46
CA ALA B 526 3.29 -38.39 -2.40
C ALA B 526 2.06 -38.61 -1.54
N ALA B 527 1.86 -37.83 -0.47
CA ALA B 527 0.68 -37.94 0.43
C ALA B 527 -0.56 -37.52 -0.38
N MET B 528 -0.43 -36.47 -1.20
CA MET B 528 -1.55 -36.01 -2.05
C MET B 528 -1.85 -37.07 -3.13
N ASP B 529 -0.81 -37.63 -3.76
CA ASP B 529 -0.99 -38.75 -4.72
C ASP B 529 -1.74 -39.91 -4.06
N GLU B 530 -1.40 -40.25 -2.82
CA GLU B 530 -2.01 -41.35 -2.06
C GLU B 530 -3.46 -41.00 -1.73
N ALA B 531 -3.75 -39.77 -1.28
CA ALA B 531 -5.12 -39.37 -0.90
C ALA B 531 -5.99 -39.50 -2.14
N LEU B 532 -5.45 -39.09 -3.27
CA LEU B 532 -6.18 -39.06 -4.56
C LEU B 532 -6.50 -40.51 -4.95
N SER B 533 -5.53 -41.42 -4.86
CA SER B 533 -5.72 -42.83 -5.32
C SER B 533 -6.67 -43.55 -4.35
N GLN B 534 -6.69 -43.21 -3.05
CA GLN B 534 -7.51 -43.89 -2.01
C GLN B 534 -8.95 -43.34 -2.05
N TRP B 535 -9.16 -42.02 -1.99
CA TRP B 535 -10.49 -41.46 -1.66
C TRP B 535 -11.02 -40.53 -2.75
N GLY B 536 -10.30 -40.35 -3.85
CA GLY B 536 -10.83 -39.63 -5.02
C GLY B 536 -10.42 -38.17 -5.07
N ARG B 537 -10.99 -37.50 -6.04
CA ARG B 537 -10.67 -36.10 -6.37
C ARG B 537 -11.32 -35.18 -5.37
N PRO B 538 -10.52 -34.28 -4.76
CA PRO B 538 -11.08 -33.31 -3.81
C PRO B 538 -11.78 -32.16 -4.55
N THR B 539 -12.75 -31.52 -3.89
CA THR B 539 -13.41 -30.27 -4.36
C THR B 539 -12.68 -29.05 -3.80
N THR B 540 -12.11 -29.16 -2.61
CA THR B 540 -11.41 -28.06 -1.92
C THR B 540 -10.13 -28.64 -1.31
N ILE B 541 -9.02 -27.92 -1.46
CA ILE B 541 -7.76 -28.21 -0.72
C ILE B 541 -7.36 -26.97 0.08
N LEU B 542 -7.30 -27.11 1.41
CA LEU B 542 -6.80 -26.08 2.35
C LEU B 542 -5.39 -26.49 2.77
N SER B 543 -4.42 -25.66 2.40
CA SER B 543 -3.00 -25.82 2.75
C SER B 543 -2.66 -24.92 3.92
N THR B 544 -2.28 -25.51 5.06
CA THR B 544 -1.75 -24.78 6.24
C THR B 544 -0.36 -25.33 6.57
N PRO B 545 0.51 -24.50 7.17
CA PRO B 545 1.85 -24.92 7.49
C PRO B 545 1.79 -25.96 8.62
N PHE B 546 2.73 -26.87 8.60
CA PHE B 546 2.83 -27.96 9.60
C PHE B 546 3.43 -27.41 10.89
N THR B 547 4.26 -26.37 10.84
CA THR B 547 5.03 -25.94 12.01
C THR B 547 4.73 -24.49 12.32
N ALA B 548 4.82 -24.14 13.59
CA ALA B 548 4.64 -22.77 14.08
C ALA B 548 5.91 -21.98 13.75
N LEU B 549 5.79 -20.67 13.61
CA LEU B 549 6.94 -19.77 13.45
C LEU B 549 7.78 -19.78 14.72
N PRO B 550 9.09 -19.63 14.58
CA PRO B 550 9.98 -19.37 15.72
C PRO B 550 9.76 -17.99 16.33
N GLY B 551 10.19 -17.83 17.58
CA GLY B 551 10.01 -16.60 18.35
C GLY B 551 11.31 -15.83 18.47
N LYS B 552 12.07 -15.74 17.40
CA LYS B 552 13.38 -15.08 17.48
C LYS B 552 13.83 -14.63 16.09
N LEU B 553 14.75 -13.68 16.06
CA LEU B 553 15.30 -13.12 14.81
C LEU B 553 16.76 -12.69 15.06
N PHE B 554 17.04 -11.47 15.54
CA PHE B 554 18.43 -10.96 15.65
C PHE B 554 18.93 -10.88 17.11
N GLU B 555 18.21 -11.38 18.10
CA GLU B 555 18.64 -11.31 19.54
C GLU B 555 20.06 -11.87 19.69
N ALA B 556 20.98 -11.16 20.36
CA ALA B 556 22.37 -11.66 20.59
C ALA B 556 22.33 -13.01 21.33
N GLN B 557 21.41 -13.18 22.28
CA GLN B 557 21.38 -14.42 23.09
C GLN B 557 21.07 -15.68 22.27
N ASP B 558 20.06 -15.62 21.40
CA ASP B 558 19.58 -16.81 20.66
C ASP B 558 18.98 -16.35 19.34
N PRO B 559 19.79 -15.99 18.33
CA PRO B 559 19.26 -15.52 17.07
C PRO B 559 18.70 -16.65 16.19
N LEU B 560 17.82 -16.30 15.28
CA LEU B 560 17.39 -17.25 14.23
C LEU B 560 18.60 -17.53 13.31
N THR B 561 19.12 -18.75 13.29
CA THR B 561 20.29 -19.03 12.42
C THR B 561 19.85 -19.09 10.96
N PRO B 562 20.76 -19.02 9.98
CA PRO B 562 20.40 -19.11 8.57
C PRO B 562 19.68 -20.44 8.27
N ASP B 563 20.12 -21.54 8.87
CA ASP B 563 19.43 -22.84 8.66
C ASP B 563 17.99 -22.79 9.17
N GLU B 564 17.76 -22.18 10.34
CA GLU B 564 16.39 -22.04 10.89
C GLU B 564 15.55 -21.16 9.95
N PHE B 565 16.11 -20.07 9.44
CA PHE B 565 15.38 -19.20 8.50
C PHE B 565 15.05 -19.99 7.24
N ARG B 566 16.01 -20.78 6.75
CA ARG B 566 15.79 -21.64 5.57
C ARG B 566 14.62 -22.58 5.83
N GLU B 567 14.53 -23.14 7.02
CA GLU B 567 13.42 -24.05 7.43
C GLU B 567 12.09 -23.27 7.51
N VAL B 568 12.12 -22.03 7.94
CA VAL B 568 10.89 -21.18 7.95
C VAL B 568 10.39 -21.03 6.50
N VAL B 569 11.31 -20.79 5.56
CA VAL B 569 11.00 -20.64 4.11
C VAL B 569 10.42 -21.97 3.60
N ALA B 570 11.06 -23.09 3.93
CA ALA B 570 10.60 -24.45 3.56
C ALA B 570 9.18 -24.71 4.07
N ASP B 571 8.96 -24.45 5.36
CA ASP B 571 7.66 -24.74 6.01
C ASP B 571 6.52 -23.78 5.62
N ASN B 572 6.84 -22.55 5.23
CA ASN B 572 5.78 -21.53 4.99
C ASN B 572 5.67 -21.02 3.55
N LEU B 573 6.62 -21.36 2.70
CA LEU B 573 6.57 -20.92 1.30
C LEU B 573 6.68 -22.15 0.39
N THR B 574 7.78 -22.88 0.52
CA THR B 574 7.96 -24.09 -0.33
C THR B 574 6.82 -25.09 -0.11
N HIS B 575 6.35 -25.19 1.13
CA HIS B 575 5.28 -26.16 1.48
C HIS B 575 4.05 -25.85 0.64
N HIS B 576 3.67 -24.59 0.55
CA HIS B 576 2.50 -24.16 -0.26
C HIS B 576 2.75 -24.44 -1.75
N PHE B 577 3.96 -24.18 -2.23
CA PHE B 577 4.29 -24.44 -3.65
C PHE B 577 4.14 -25.94 -3.94
N ARG B 578 4.61 -26.77 -3.03
CA ARG B 578 4.55 -28.24 -3.21
C ARG B 578 3.09 -28.71 -3.28
N VAL B 579 2.23 -28.19 -2.41
CA VAL B 579 0.78 -28.55 -2.47
C VAL B 579 0.16 -28.02 -3.76
N SER B 580 0.48 -26.77 -4.10
CA SER B 580 -0.09 -26.03 -5.25
C SER B 580 0.23 -26.73 -6.56
N ARG B 581 1.41 -27.30 -6.68
CA ARG B 581 1.84 -27.85 -7.97
C ARG B 581 1.06 -29.13 -8.31
N ARG B 582 0.46 -29.80 -7.32
CA ARG B 582 -0.47 -30.94 -7.55
C ARG B 582 -1.89 -30.39 -7.69
N ALA B 583 -2.34 -29.60 -6.74
CA ALA B 583 -3.73 -29.07 -6.65
C ALA B 583 -4.15 -28.36 -7.93
N SER B 584 -3.21 -27.68 -8.58
CA SER B 584 -3.48 -26.90 -9.81
C SER B 584 -3.77 -27.83 -11.00
N LEU B 585 -3.65 -29.14 -10.84
CA LEU B 585 -3.93 -30.13 -11.92
C LEU B 585 -5.26 -30.84 -11.68
N TYR B 586 -6.05 -30.45 -10.69
CA TYR B 586 -7.30 -31.17 -10.32
C TYR B 586 -8.54 -30.39 -10.81
N ASP B 587 -9.28 -31.01 -11.73
CA ASP B 587 -10.56 -30.47 -12.25
C ASP B 587 -11.52 -30.21 -11.09
N ASP B 588 -12.17 -29.05 -11.14
CA ASP B 588 -13.30 -28.65 -10.26
C ASP B 588 -12.81 -28.54 -8.82
N CYS B 589 -11.52 -28.30 -8.61
CA CYS B 589 -10.97 -28.11 -7.24
C CYS B 589 -10.68 -26.60 -7.03
N GLN B 590 -10.88 -26.12 -5.79
N GLN B 590 -10.80 -26.14 -5.78
CA GLN B 590 -10.48 -24.78 -5.29
CA GLN B 590 -10.40 -24.78 -5.37
C GLN B 590 -9.29 -24.95 -4.32
C GLN B 590 -9.33 -24.88 -4.27
N LEU B 591 -8.25 -24.11 -4.44
CA LEU B 591 -7.07 -24.17 -3.57
C LEU B 591 -7.06 -22.96 -2.66
N VAL B 592 -6.83 -23.22 -1.37
CA VAL B 592 -6.79 -22.18 -0.33
C VAL B 592 -5.46 -22.27 0.44
N LEU B 593 -4.63 -21.22 0.36
CA LEU B 593 -3.33 -21.20 1.05
C LEU B 593 -3.41 -20.36 2.30
N THR B 594 -2.84 -20.83 3.41
CA THR B 594 -3.01 -20.16 4.71
C THR B 594 -1.63 -19.65 5.13
N SER B 595 -1.53 -18.38 5.47
CA SER B 595 -0.27 -17.81 6.05
C SER B 595 -0.31 -17.95 7.57
N PRO B 596 0.83 -17.73 8.28
CA PRO B 596 0.96 -18.19 9.65
C PRO B 596 0.13 -17.44 10.70
N ASP B 597 -0.20 -18.13 11.79
N ASP B 597 -0.11 -18.16 11.79
CA ASP B 597 -0.77 -17.47 12.99
CA ASP B 597 -0.70 -17.66 13.05
C ASP B 597 0.37 -17.04 13.94
C ASP B 597 0.39 -17.10 13.98
N VAL B 598 0.00 -16.30 14.98
CA VAL B 598 0.87 -15.95 16.12
C VAL B 598 0.10 -16.22 17.42
N ALA B 599 0.71 -16.85 18.41
CA ALA B 599 0.00 -17.23 19.66
C ALA B 599 -0.40 -15.96 20.39
N MET B 600 -1.59 -15.99 20.98
CA MET B 600 -2.13 -14.84 21.72
C MET B 600 -1.15 -14.43 22.81
N GLY B 601 -0.96 -13.14 22.96
CA GLY B 601 -0.05 -12.53 23.93
C GLY B 601 1.43 -12.64 23.55
N ASP B 602 1.80 -13.25 22.41
CA ASP B 602 3.22 -13.33 22.03
C ASP B 602 3.77 -11.92 21.74
N LYS B 603 4.97 -11.58 22.18
CA LYS B 603 5.57 -10.24 21.87
C LYS B 603 6.93 -10.42 21.18
N SER B 604 7.18 -11.57 20.60
CA SER B 604 8.45 -11.93 19.91
C SER B 604 8.45 -11.44 18.46
N PRO B 605 9.55 -11.65 17.71
CA PRO B 605 9.54 -11.38 16.28
C PRO B 605 8.72 -12.37 15.41
N ALA B 606 7.96 -13.30 16.00
CA ALA B 606 7.01 -14.16 15.27
C ALA B 606 6.03 -13.30 14.44
N PHE B 607 5.55 -12.20 14.99
CA PHE B 607 4.56 -11.32 14.33
C PHE B 607 5.20 -10.74 13.07
N ALA B 608 6.45 -10.28 13.16
CA ALA B 608 7.21 -9.76 12.01
C ALA B 608 7.43 -10.90 10.99
N LEU B 609 7.75 -12.12 11.42
CA LEU B 609 7.95 -13.23 10.49
C LEU B 609 6.61 -13.60 9.81
N ALA B 610 5.48 -13.54 10.51
CA ALA B 610 4.16 -13.84 9.92
C ALA B 610 3.87 -12.82 8.80
N ASN B 611 4.14 -11.53 9.03
CA ASN B 611 3.91 -10.46 8.02
C ASN B 611 4.88 -10.61 6.83
N PHE B 612 6.10 -11.07 7.05
CA PHE B 612 7.10 -11.41 6.01
C PHE B 612 6.52 -12.53 5.13
N ILE B 613 6.01 -13.59 5.75
CA ILE B 613 5.39 -14.70 4.98
C ILE B 613 4.14 -14.21 4.23
N LYS B 614 3.25 -13.43 4.88
CA LYS B 614 1.99 -12.99 4.24
C LYS B 614 2.33 -12.30 2.90
N THR B 615 3.29 -11.38 2.92
CA THR B 615 3.68 -10.57 1.75
C THR B 615 4.30 -11.47 0.70
N THR B 616 5.17 -12.34 1.14
CA THR B 616 5.96 -13.17 0.18
C THR B 616 5.05 -14.22 -0.47
N LEU B 617 4.18 -14.85 0.32
CA LEU B 617 3.23 -15.85 -0.18
C LEU B 617 2.25 -15.18 -1.16
N HIS B 618 1.89 -13.91 -0.95
CA HIS B 618 0.95 -13.20 -1.85
C HIS B 618 1.52 -13.13 -3.28
N ALA B 619 2.84 -12.98 -3.46
CA ALA B 619 3.48 -12.95 -4.78
C ALA B 619 3.15 -14.29 -5.47
N PHE B 620 3.22 -15.38 -4.71
CA PHE B 620 2.92 -16.76 -5.19
C PHE B 620 1.46 -16.90 -5.59
N THR B 621 0.57 -16.55 -4.70
CA THR B 621 -0.89 -16.64 -4.85
C THR B 621 -1.31 -15.87 -6.11
N ALA B 622 -0.89 -14.62 -6.22
CA ALA B 622 -1.19 -13.74 -7.36
C ALA B 622 -0.70 -14.36 -8.68
N THR B 623 0.54 -14.84 -8.71
CA THR B 623 1.14 -15.42 -9.94
C THR B 623 0.42 -16.74 -10.31
N LEU B 624 0.23 -17.61 -9.34
CA LEU B 624 -0.42 -18.92 -9.59
C LEU B 624 -1.87 -18.69 -10.04
N ALA B 625 -2.61 -17.74 -9.47
CA ALA B 625 -4.01 -17.46 -9.88
C ALA B 625 -4.07 -17.16 -11.41
N VAL B 626 -3.12 -16.36 -11.93
CA VAL B 626 -3.02 -16.04 -13.38
C VAL B 626 -2.59 -17.27 -14.18
N GLU B 627 -1.57 -18.01 -13.73
CA GLU B 627 -1.12 -19.21 -14.49
C GLU B 627 -2.24 -20.24 -14.58
N ASN B 628 -3.02 -20.43 -13.51
CA ASN B 628 -4.02 -21.52 -13.44
C ASN B 628 -5.19 -21.22 -14.41
N GLU B 629 -5.48 -19.94 -14.66
CA GLU B 629 -6.55 -19.50 -15.61
C GLU B 629 -6.14 -19.84 -17.04
N ARG B 630 -4.84 -19.98 -17.30
CA ARG B 630 -4.39 -20.39 -18.66
C ARG B 630 -4.33 -21.90 -18.78
N LEU B 631 -4.47 -22.64 -17.68
CA LEU B 631 -4.50 -24.13 -17.70
C LEU B 631 -5.94 -24.58 -17.89
N VAL B 632 -6.12 -25.74 -18.54
CA VAL B 632 -7.46 -26.31 -18.82
C VAL B 632 -8.16 -26.60 -17.49
N HIS B 633 -7.42 -26.92 -16.42
CA HIS B 633 -7.99 -27.26 -15.09
C HIS B 633 -8.59 -26.04 -14.38
N ASP B 634 -8.10 -24.85 -14.66
CA ASP B 634 -8.69 -23.55 -14.27
C ASP B 634 -8.88 -23.48 -12.74
N VAL B 635 -7.91 -23.92 -11.93
CA VAL B 635 -8.07 -23.98 -10.45
C VAL B 635 -7.93 -22.57 -9.85
N PRO B 636 -8.97 -22.06 -9.16
CA PRO B 636 -8.87 -20.84 -8.37
C PRO B 636 -7.90 -21.03 -7.19
N VAL B 637 -7.07 -20.01 -6.95
CA VAL B 637 -6.13 -19.97 -5.80
C VAL B 637 -6.39 -18.67 -5.02
N ASN B 638 -6.59 -18.77 -3.72
CA ASN B 638 -6.72 -17.59 -2.84
C ASN B 638 -5.95 -17.86 -1.54
N GLN B 639 -5.66 -16.82 -0.79
CA GLN B 639 -4.82 -16.87 0.42
C GLN B 639 -5.64 -16.31 1.57
N ILE B 640 -5.58 -16.97 2.71
CA ILE B 640 -6.19 -16.46 3.96
C ILE B 640 -5.04 -16.22 4.94
N ASN B 641 -5.11 -15.12 5.67
CA ASN B 641 -4.03 -14.71 6.62
C ASN B 641 -4.56 -14.84 8.05
N LEU B 642 -3.84 -15.58 8.89
CA LEU B 642 -4.16 -15.77 10.32
C LEU B 642 -3.47 -14.71 11.20
N THR B 643 -2.70 -13.81 10.63
CA THR B 643 -2.12 -12.69 11.41
C THR B 643 -2.54 -11.37 10.77
N ARG B 644 -2.90 -10.42 11.62
CA ARG B 644 -3.33 -9.08 11.19
C ARG B 644 -2.08 -8.23 10.95
N ARG B 645 -2.26 -7.08 10.31
CA ARG B 645 -1.17 -6.11 10.03
C ARG B 645 -0.66 -5.44 11.30
N VAL B 646 -1.56 -5.14 12.22
CA VAL B 646 -1.27 -4.34 13.45
C VAL B 646 -1.35 -5.28 14.66
N GLN B 647 -0.31 -5.36 15.47
CA GLN B 647 -0.22 -6.40 16.54
C GLN B 647 -1.25 -6.12 17.62
N SER B 648 -1.55 -4.86 17.97
CA SER B 648 -2.58 -4.51 18.98
C SER B 648 -3.97 -4.91 18.48
N GLU B 649 -4.18 -5.13 17.17
CA GLU B 649 -5.51 -5.58 16.70
C GLU B 649 -5.62 -7.12 16.73
N GLU B 650 -4.55 -7.82 17.06
CA GLU B 650 -4.60 -9.31 17.16
C GLU B 650 -5.61 -9.65 18.26
N PRO B 651 -6.29 -10.80 18.19
CA PRO B 651 -7.12 -11.26 19.31
C PRO B 651 -6.39 -11.27 20.67
N ARG B 652 -7.02 -10.72 21.71
CA ARG B 652 -6.34 -10.61 23.03
C ARG B 652 -7.09 -11.37 24.14
N ASP B 653 -8.25 -11.98 23.88
CA ASP B 653 -8.88 -12.86 24.90
C ASP B 653 -9.56 -14.02 24.16
N LEU B 654 -10.16 -14.94 24.90
CA LEU B 654 -10.68 -16.21 24.36
C LEU B 654 -11.85 -15.90 23.43
N ASP B 655 -12.73 -14.96 23.78
CA ASP B 655 -13.86 -14.52 22.92
C ASP B 655 -13.35 -14.09 21.54
N GLU B 656 -12.30 -13.28 21.48
CA GLU B 656 -11.75 -12.77 20.21
C GLU B 656 -11.07 -13.92 19.43
N HIS B 657 -10.36 -14.79 20.12
CA HIS B 657 -9.81 -16.05 19.53
C HIS B 657 -10.92 -16.88 18.87
N LEU B 658 -12.03 -17.13 19.59
CA LEU B 658 -13.14 -17.98 19.07
C LEU B 658 -13.78 -17.29 17.86
N GLU B 659 -13.96 -15.97 17.91
CA GLU B 659 -14.46 -15.14 16.78
C GLU B 659 -13.52 -15.36 15.58
N GLU B 660 -12.21 -15.34 15.77
CA GLU B 660 -11.26 -15.45 14.65
C GLU B 660 -11.33 -16.88 14.05
N VAL B 661 -11.38 -17.90 14.90
CA VAL B 661 -11.47 -19.32 14.45
C VAL B 661 -12.70 -19.46 13.56
N ARG B 662 -13.85 -18.90 13.97
CA ARG B 662 -15.11 -19.02 13.22
C ARG B 662 -15.00 -18.21 11.91
N ARG B 663 -14.40 -17.01 11.94
CA ARG B 663 -14.18 -16.19 10.73
C ARG B 663 -13.26 -16.94 9.76
N PHE B 664 -12.26 -17.64 10.27
CA PHE B 664 -11.34 -18.39 9.39
C PHE B 664 -12.12 -19.42 8.59
N ALA B 665 -12.95 -20.22 9.26
CA ALA B 665 -13.78 -21.24 8.59
C ALA B 665 -14.72 -20.59 7.57
N ARG B 666 -15.31 -19.44 7.87
CA ARG B 666 -16.18 -18.71 6.90
C ARG B 666 -15.36 -18.27 5.69
N ALA B 667 -14.11 -17.83 5.87
CA ALA B 667 -13.28 -17.39 4.75
C ALA B 667 -12.90 -18.59 3.86
N VAL B 668 -12.57 -19.73 4.46
CA VAL B 668 -12.27 -20.95 3.70
C VAL B 668 -13.49 -21.31 2.85
N LEU B 669 -14.70 -21.32 3.41
CA LEU B 669 -15.93 -21.66 2.65
C LEU B 669 -16.13 -20.63 1.55
N LEU B 670 -15.89 -19.34 1.82
CA LEU B 670 -16.05 -18.27 0.81
C LEU B 670 -15.18 -18.50 -0.43
N VAL B 671 -13.91 -18.92 -0.29
CA VAL B 671 -13.01 -19.08 -1.45
C VAL B 671 -12.81 -20.54 -1.81
N GLY B 672 -13.31 -21.48 -1.00
CA GLY B 672 -13.15 -22.92 -1.20
C GLY B 672 -14.39 -23.61 -1.78
N ALA B 673 -15.59 -23.07 -1.55
CA ALA B 673 -16.84 -23.67 -2.12
C ALA B 673 -16.83 -23.39 -3.63
N PRO B 674 -17.41 -24.26 -4.46
CA PRO B 674 -17.48 -24.01 -5.90
C PRO B 674 -17.97 -22.58 -6.19
N LEU B 675 -17.25 -21.84 -7.06
CA LEU B 675 -17.46 -20.37 -7.23
C LEU B 675 -18.77 -20.11 -7.99
N PRO B 676 -19.49 -19.00 -7.70
CA PRO B 676 -20.87 -18.80 -8.18
C PRO B 676 -21.09 -18.90 -9.69
N GLU B 679 -18.82 -16.31 -15.95
CA GLU B 679 -18.78 -15.05 -15.18
C GLU B 679 -20.20 -14.47 -15.09
N ASP B 680 -20.76 -14.44 -13.88
CA ASP B 680 -21.99 -13.66 -13.58
C ASP B 680 -21.69 -12.17 -13.77
N SER B 681 -20.40 -11.77 -13.65
CA SER B 681 -19.90 -10.36 -13.65
C SER B 681 -18.36 -10.30 -13.79
N ARG B 682 -17.84 -9.34 -14.57
CA ARG B 682 -16.38 -9.07 -14.77
C ARG B 682 -15.73 -8.63 -13.44
N TYR B 683 -16.42 -7.82 -12.61
CA TYR B 683 -15.98 -7.39 -11.26
C TYR B 683 -15.94 -8.59 -10.29
N ARG B 684 -17.06 -9.33 -10.20
CA ARG B 684 -17.20 -10.56 -9.35
C ARG B 684 -16.08 -11.58 -9.64
N ALA B 685 -15.84 -11.92 -10.93
CA ALA B 685 -14.87 -12.94 -11.42
C ALA B 685 -13.43 -12.61 -10.97
N ARG B 686 -13.06 -11.34 -10.92
CA ARG B 686 -11.71 -10.89 -10.47
C ARG B 686 -11.56 -11.12 -8.95
N ILE B 687 -12.66 -11.03 -8.23
CA ILE B 687 -12.68 -10.97 -6.73
C ILE B 687 -12.51 -12.38 -6.10
N TYR B 688 -12.41 -13.49 -6.87
CA TYR B 688 -12.20 -14.87 -6.33
C TYR B 688 -10.97 -15.56 -6.97
N ARG B 689 -10.04 -14.82 -7.54
CA ARG B 689 -8.74 -15.38 -7.97
C ARG B 689 -7.62 -14.51 -7.43
N GLY B 690 -6.71 -15.10 -6.68
CA GLY B 690 -5.46 -14.44 -6.29
C GLY B 690 -5.69 -13.42 -5.20
N MET B 691 -6.74 -13.57 -4.42
CA MET B 691 -7.03 -12.66 -3.30
C MET B 691 -6.19 -13.08 -2.07
N SER B 692 -5.90 -12.12 -1.20
CA SER B 692 -5.27 -12.32 0.11
C SER B 692 -6.23 -11.71 1.13
N MET B 693 -6.89 -12.53 1.95
CA MET B 693 -7.95 -12.08 2.88
C MET B 693 -7.48 -12.34 4.30
N THR B 694 -7.53 -11.31 5.14
CA THR B 694 -7.10 -11.42 6.56
C THR B 694 -8.36 -11.56 7.42
N VAL B 695 -8.31 -12.46 8.40
CA VAL B 695 -9.46 -12.69 9.31
C VAL B 695 -9.20 -12.07 10.70
PA NAP C . 10.30 26.39 9.25
O1A NAP C . 11.47 26.09 10.12
O2A NAP C . 9.13 27.16 9.75
O5B NAP C . 10.83 27.11 7.92
C5B NAP C . 10.17 28.23 7.41
C4B NAP C . 10.76 28.66 6.10
O4B NAP C . 9.67 28.92 5.24
C3B NAP C . 11.45 29.99 6.30
O3B NAP C . 12.27 30.28 5.18
C2B NAP C . 10.26 30.93 6.32
O2B NAP C . 10.65 32.27 6.12
C1B NAP C . 9.43 30.31 5.19
N9A NAP C . 7.99 30.58 5.26
C8A NAP C . 7.21 30.50 6.33
N7A NAP C . 5.94 30.78 6.03
C5A NAP C . 5.90 31.07 4.74
C6A NAP C . 4.88 31.48 3.77
N6A NAP C . 3.63 31.63 4.18
N1A NAP C . 5.25 31.67 2.52
C2A NAP C . 6.51 31.53 2.13
N3A NAP C . 7.52 31.16 2.92
C4A NAP C . 7.26 30.93 4.22
O3 NAP C . 9.75 25.09 8.49
PN NAP C . 10.28 23.60 8.44
O1N NAP C . 9.92 22.97 9.72
O2N NAP C . 11.63 23.33 7.84
O5D NAP C . 9.21 23.11 7.32
C5D NAP C . 9.50 22.69 5.98
C4D NAP C . 8.46 21.70 5.45
O4D NAP C . 8.57 20.49 6.17
C3D NAP C . 6.98 22.10 5.48
O3D NAP C . 6.38 21.76 4.20
C2D NAP C . 6.40 21.21 6.57
O2D NAP C . 5.06 20.78 6.31
C1D NAP C . 7.30 19.99 6.52
N1N NAP C . 7.50 19.24 7.76
C2N NAP C . 8.14 19.75 8.82
C3N NAP C . 8.34 19.00 9.96
C7N NAP C . 9.06 19.55 11.16
O7N NAP C . 8.96 19.04 12.27
N7N NAP C . 9.87 20.57 10.95
C4N NAP C . 7.91 17.69 9.95
C5N NAP C . 7.27 17.16 8.85
C6N NAP C . 7.09 17.97 7.74
P2B NAP C . 9.67 33.49 6.37
O1X NAP C . 9.11 33.32 7.71
O2X NAP C . 10.56 34.66 6.16
O3X NAP C . 8.64 33.37 5.33
C1 GOL D . -9.25 25.57 -0.66
O1 GOL D . -8.19 25.71 -1.61
C2 GOL D . -10.60 25.85 -1.26
O2 GOL D . -11.65 25.55 -0.30
C3 GOL D . -10.67 27.30 -1.72
O3 GOL D . -11.96 27.65 -2.21
S SO4 E . -21.18 28.76 11.12
O1 SO4 E . -21.30 27.62 10.25
O2 SO4 E . -22.02 28.57 12.27
O3 SO4 E . -19.80 28.92 11.54
O4 SO4 E . -21.63 29.91 10.41
S SO4 F . 21.51 15.07 -15.59
O1 SO4 F . 22.04 13.73 -15.54
O2 SO4 F . 20.20 15.06 -16.19
O3 SO4 F . 21.46 15.59 -14.26
O4 SO4 F . 22.37 15.91 -16.39
S SO4 G . -3.31 29.65 29.60
O1 SO4 G . -3.09 28.41 30.32
O2 SO4 G . -4.43 29.47 28.69
O3 SO4 G . -2.14 29.98 28.82
O4 SO4 G . -3.60 30.72 30.52
S SO4 H . -3.35 11.67 19.21
O1 SO4 H . -4.36 10.66 18.96
O2 SO4 H . -3.97 12.92 19.64
O3 SO4 H . -2.46 11.18 20.24
O4 SO4 H . -2.61 11.89 17.98
S SO4 I . -20.97 -7.56 -4.82
O1 SO4 I . -22.20 -8.23 -5.12
O2 SO4 I . -21.27 -6.31 -4.14
O3 SO4 I . -20.15 -8.40 -3.97
O4 SO4 I . -20.28 -7.29 -6.06
S SO4 J . 3.93 19.85 12.27
O1 SO4 J . 3.55 18.47 11.96
O2 SO4 J . 3.11 20.79 11.56
O3 SO4 J . 5.31 20.07 11.86
O4 SO4 J . 3.79 20.09 13.69
S SO4 K . -29.97 15.31 38.82
O1 SO4 K . -30.56 14.12 39.39
O2 SO4 K . -30.99 16.23 38.41
O3 SO4 K . -29.11 15.93 39.78
O4 SO4 K . -29.20 14.92 37.67
PA NAP L . 23.65 -9.70 -14.58
O1A NAP L . 24.09 -8.62 -15.60
O2A NAP L . 23.29 -11.16 -14.89
O5B NAP L . 24.95 -9.80 -13.64
C5B NAP L . 24.88 -10.68 -12.56
C4B NAP L . 26.10 -10.49 -11.68
O4B NAP L . 25.81 -11.42 -10.64
C3B NAP L . 27.45 -10.99 -12.28
O3B NAP L . 28.57 -10.52 -11.50
C2B NAP L . 27.38 -12.52 -12.11
O2B NAP L . 28.67 -13.13 -12.17
C1B NAP L . 26.74 -12.56 -10.70
N9A NAP L . 26.04 -13.83 -10.40
C8A NAP L . 25.11 -14.46 -11.20
N7A NAP L . 24.70 -15.60 -10.59
C5A NAP L . 25.36 -15.70 -9.43
C6A NAP L . 25.36 -16.63 -8.27
N6A NAP L . 24.62 -17.75 -8.33
N1A NAP L . 26.23 -16.34 -7.24
C2A NAP L . 26.95 -15.20 -7.21
N3A NAP L . 26.97 -14.27 -8.18
C4A NAP L . 26.21 -14.49 -9.28
O3 NAP L . 22.61 -9.15 -13.43
PN NAP L . 21.54 -7.90 -13.48
O1N NAP L . 20.46 -8.19 -14.53
O2N NAP L . 22.19 -6.54 -13.39
O5D NAP L . 20.85 -8.25 -11.99
C5D NAP L . 21.18 -7.64 -10.73
C4D NAP L . 19.99 -7.71 -9.78
O4D NAP L . 19.00 -6.89 -10.36
C3D NAP L . 19.34 -9.07 -9.46
O3D NAP L . 19.10 -9.13 -8.01
C2D NAP L . 18.04 -9.04 -10.27
O2D NAP L . 16.98 -9.86 -9.76
C1D NAP L . 17.74 -7.53 -10.26
N1N NAP L . 16.96 -6.99 -11.40
C2N NAP L . 17.45 -7.01 -12.69
C3N NAP L . 16.67 -6.55 -13.78
C7N NAP L . 17.13 -6.52 -15.23
O7N NAP L . 16.36 -6.35 -16.23
N7N NAP L . 18.45 -6.62 -15.42
C4N NAP L . 15.40 -6.05 -13.48
C5N NAP L . 14.93 -6.04 -12.18
C6N NAP L . 15.74 -6.50 -11.13
P2B NAP L . 28.83 -14.73 -12.29
O1X NAP L . 27.85 -15.16 -13.33
O2X NAP L . 30.31 -14.83 -12.61
O3X NAP L . 28.41 -15.30 -10.95
C1 GOL M . 14.92 -24.91 1.06
O1 GOL M . 14.55 -25.92 2.00
C2 GOL M . 13.77 -23.94 0.82
O2 GOL M . 12.62 -24.61 0.27
C3 GOL M . 14.23 -22.84 -0.10
O3 GOL M . 15.17 -21.98 0.55
S SO4 N . 7.14 -35.48 -8.89
O1 SO4 N . 6.14 -36.10 -9.63
O2 SO4 N . 6.69 -35.22 -7.59
O3 SO4 N . 8.27 -36.32 -8.83
O4 SO4 N . 7.50 -34.27 -9.51
S SO4 O . 28.37 9.24 7.08
O1 SO4 O . 27.76 8.51 8.16
O2 SO4 O . 28.06 8.62 5.83
O3 SO4 O . 29.79 9.25 7.27
O4 SO4 O . 27.88 10.59 7.06
S SO4 P . -17.51 -10.88 10.55
O1 SO4 P . -17.19 -10.87 11.96
O2 SO4 P . -18.64 -11.73 10.33
O3 SO4 P . -16.36 -11.40 9.83
O4 SO4 P . -17.77 -9.53 10.06
S SO4 Q . 13.60 -24.03 -31.13
O1 SO4 Q . 13.19 -24.66 -29.88
O2 SO4 Q . 12.49 -23.27 -31.67
O3 SO4 Q . 13.98 -25.06 -32.06
O4 SO4 Q . 14.71 -23.14 -30.86
S SO4 R . 48.43 0.46 -4.06
O1 SO4 R . 48.09 0.86 -5.39
O2 SO4 R . 47.27 0.15 -3.30
O3 SO4 R . 49.14 1.53 -3.43
O4 SO4 R . 49.25 -0.69 -4.09
S SO4 S . 2.13 -12.14 -18.90
O1 SO4 S . 2.47 -13.50 -19.28
O2 SO4 S . 0.96 -12.09 -18.06
O3 SO4 S . 3.23 -11.55 -18.17
O4 SO4 S . 1.87 -11.38 -20.09
S SO4 T . -15.01 -37.97 -31.66
O1 SO4 T . -14.84 -39.36 -31.98
O2 SO4 T . -16.34 -37.74 -31.18
O3 SO4 T . -14.06 -37.64 -30.65
O4 SO4 T . -14.79 -37.13 -32.83
S SO4 U . -19.42 -14.57 15.23
O1 SO4 U . -19.10 -15.79 14.53
O2 SO4 U . -20.82 -14.61 15.60
O3 SO4 U . -18.60 -14.44 16.42
O4 SO4 U . -19.22 -13.42 14.36
#